data_2RAC
# 
_entry.id   2RAC 
# 
_audit_conform.dict_name       mmcif_pdbx.dic 
_audit_conform.dict_version    5.377 
_audit_conform.dict_location   http://mmcif.pdb.org/dictionaries/ascii/mmcif_pdbx.dic 
# 
loop_
_database_2.database_id 
_database_2.database_code 
_database_2.pdbx_database_accession 
_database_2.pdbx_DOI 
PDB   2RAC         pdb_00002rac 10.2210/pdb2rac/pdb 
RCSB  RCSB008043   ?            ?                   
WWPDB D_1000008043 ?            ?                   
# 
_pdbx_database_status.status_code                     REL 
_pdbx_database_status.entry_id                        2RAC 
_pdbx_database_status.recvd_initial_deposition_date   1998-10-02 
_pdbx_database_status.deposit_site                    BNL 
_pdbx_database_status.process_site                    RCSB 
_pdbx_database_status.SG_entry                        . 
_pdbx_database_status.pdb_format_compatible           Y 
_pdbx_database_status.status_code_mr                  ? 
_pdbx_database_status.status_code_sf                  ? 
_pdbx_database_status.status_code_cs                  ? 
_pdbx_database_status.methods_development_category    ? 
_pdbx_database_status.status_code_nmr_data            ? 
# 
loop_
_audit_author.name 
_audit_author.pdbx_ordinal 
'Cunane, L.M.'   1 
'Chen, Z.-W.'    2 
'Durley, R.C.E.' 3 
'Mathews, F.S.'  4 
# 
loop_
_citation.id 
_citation.title 
_citation.journal_abbrev 
_citation.journal_volume 
_citation.page_first 
_citation.page_last 
_citation.year 
_citation.journal_id_ASTM 
_citation.country 
_citation.journal_id_ISSN 
_citation.journal_id_CSD 
_citation.book_publisher 
_citation.pdbx_database_id_PubMed 
_citation.pdbx_database_id_DOI 
primary 'Molecular basis for interprotein complex-dependent effects on the redox properties of amicyanin.'                       
Biochemistry               37 17128 17136 1998 BICHAW US 0006-2960 0033 ? 9860825 10.1021/bi9817919 
1       'X-Ray Crystal Structure of the Cupredoxin Amicyanin,from Paracoccus Denitrificans,Refined at 1.31 Angstroms Resolution' 
'Acta Crystallogr.,Sect.D' 52 676   ?     1996 ABCRE6 DK 0907-4449 0766 ? ?       ?                 
# 
loop_
_citation_author.citation_id 
_citation_author.name 
_citation_author.ordinal 
_citation_author.identifier_ORCID 
primary 'Zhu, Z.'        1  ? 
primary 'Cunane, L.M.'   2  ? 
primary 'Chen, Z.'       3  ? 
primary 'Durley, R.C.'   4  ? 
primary 'Mathews, F.S.'  5  ? 
primary 'Davidson, V.L.' 6  ? 
1       'Cunane, L.M.'   7  ? 
1       'Chen, Z.-W.'    8  ? 
1       'Durley, R.C.E.' 9  ? 
1       'Mathews, F.S.'  10 ? 
# 
_cell.entry_id           2RAC 
_cell.length_a           28.750 
_cell.length_b           56.200 
_cell.length_c           27.420 
_cell.angle_alpha        90.00 
_cell.angle_beta         96.12 
_cell.angle_gamma        90.00 
_cell.Z_PDB              2 
_cell.pdbx_unique_axis   ? 
# 
_symmetry.entry_id                         2RAC 
_symmetry.space_group_name_H-M             'P 1 21 1' 
_symmetry.pdbx_full_space_group_name_H-M   ? 
_symmetry.cell_setting                     ? 
_symmetry.Int_Tables_number                4 
# 
loop_
_entity.id 
_entity.type 
_entity.src_method 
_entity.pdbx_description 
_entity.formula_weight 
_entity.pdbx_number_of_molecules 
_entity.pdbx_ec 
_entity.pdbx_mutation 
_entity.pdbx_fragment 
_entity.details 
1 polymer     nat 'PROTEIN (AMICYANIN)' 11505.171 1  ? ? ? ? 
2 non-polymer syn 'COPPER (I) ION'      63.546    1  ? ? ? ? 
3 water       nat water                 18.015    97 ? ? ? ? 
# 
_entity_poly.entity_id                      1 
_entity_poly.type                           'polypeptide(L)' 
_entity_poly.nstd_linkage                   no 
_entity_poly.nstd_monomer                   no 
_entity_poly.pdbx_seq_one_letter_code       
;DKATIPSESPFAAAEVADGAIVVDIAKMKYETPELHVKVGDTVTWINREAMPHNVHFVAGVLGEAALKGPMMKKEQAYSL
TFTEAGTYDYHCTPHPFMRGKVVVE
;
_entity_poly.pdbx_seq_one_letter_code_can   
;DKATIPSESPFAAAEVADGAIVVDIAKMKYETPELHVKVGDTVTWINREAMPHNVHFVAGVLGEAALKGPMMKKEQAYSL
TFTEAGTYDYHCTPHPFMRGKVVVE
;
_entity_poly.pdbx_strand_id                 A 
_entity_poly.pdbx_target_identifier         ? 
# 
loop_
_entity_poly_seq.entity_id 
_entity_poly_seq.num 
_entity_poly_seq.mon_id 
_entity_poly_seq.hetero 
1 1   ASP n 
1 2   LYS n 
1 3   ALA n 
1 4   THR n 
1 5   ILE n 
1 6   PRO n 
1 7   SER n 
1 8   GLU n 
1 9   SER n 
1 10  PRO n 
1 11  PHE n 
1 12  ALA n 
1 13  ALA n 
1 14  ALA n 
1 15  GLU n 
1 16  VAL n 
1 17  ALA n 
1 18  ASP n 
1 19  GLY n 
1 20  ALA n 
1 21  ILE n 
1 22  VAL n 
1 23  VAL n 
1 24  ASP n 
1 25  ILE n 
1 26  ALA n 
1 27  LYS n 
1 28  MET n 
1 29  LYS n 
1 30  TYR n 
1 31  GLU n 
1 32  THR n 
1 33  PRO n 
1 34  GLU n 
1 35  LEU n 
1 36  HIS n 
1 37  VAL n 
1 38  LYS n 
1 39  VAL n 
1 40  GLY n 
1 41  ASP n 
1 42  THR n 
1 43  VAL n 
1 44  THR n 
1 45  TRP n 
1 46  ILE n 
1 47  ASN n 
1 48  ARG n 
1 49  GLU n 
1 50  ALA n 
1 51  MET n 
1 52  PRO n 
1 53  HIS n 
1 54  ASN n 
1 55  VAL n 
1 56  HIS n 
1 57  PHE n 
1 58  VAL n 
1 59  ALA n 
1 60  GLY n 
1 61  VAL n 
1 62  LEU n 
1 63  GLY n 
1 64  GLU n 
1 65  ALA n 
1 66  ALA n 
1 67  LEU n 
1 68  LYS n 
1 69  GLY n 
1 70  PRO n 
1 71  MET n 
1 72  MET n 
1 73  LYS n 
1 74  LYS n 
1 75  GLU n 
1 76  GLN n 
1 77  ALA n 
1 78  TYR n 
1 79  SER n 
1 80  LEU n 
1 81  THR n 
1 82  PHE n 
1 83  THR n 
1 84  GLU n 
1 85  ALA n 
1 86  GLY n 
1 87  THR n 
1 88  TYR n 
1 89  ASP n 
1 90  TYR n 
1 91  HIS n 
1 92  CYS n 
1 93  THR n 
1 94  PRO n 
1 95  HIS n 
1 96  PRO n 
1 97  PHE n 
1 98  MET n 
1 99  ARG n 
1 100 GLY n 
1 101 LYS n 
1 102 VAL n 
1 103 VAL n 
1 104 VAL n 
1 105 GLU n 
# 
_entity_src_nat.entity_id                  1 
_entity_src_nat.pdbx_src_id                1 
_entity_src_nat.pdbx_alt_source_flag       sample 
_entity_src_nat.pdbx_beg_seq_num           ? 
_entity_src_nat.pdbx_end_seq_num           ? 
_entity_src_nat.common_name                ? 
_entity_src_nat.pdbx_organism_scientific   'Paracoccus denitrificans' 
_entity_src_nat.pdbx_ncbi_taxonomy_id      266 
_entity_src_nat.genus                      Paracoccus 
_entity_src_nat.species                    ? 
_entity_src_nat.strain                     'NCIB 8944' 
_entity_src_nat.tissue                     ? 
_entity_src_nat.tissue_fraction            ? 
_entity_src_nat.pdbx_secretion             ? 
_entity_src_nat.pdbx_fragment              ? 
_entity_src_nat.pdbx_variant               ? 
_entity_src_nat.pdbx_cell_line             ? 
_entity_src_nat.pdbx_atcc                  ? 
_entity_src_nat.pdbx_cellular_location     ? 
_entity_src_nat.pdbx_organ                 ? 
_entity_src_nat.pdbx_organelle             ? 
_entity_src_nat.pdbx_cell                  ? 
_entity_src_nat.pdbx_plasmid_name          ? 
_entity_src_nat.pdbx_plasmid_details       ? 
_entity_src_nat.details                    ? 
# 
_struct_ref.id                         1 
_struct_ref.db_name                    UNP 
_struct_ref.db_code                    AMCY_PARDE 
_struct_ref.entity_id                  1 
_struct_ref.pdbx_db_accession          P22364 
_struct_ref.pdbx_align_begin           ? 
_struct_ref.pdbx_seq_one_letter_code   ? 
_struct_ref.pdbx_db_isoform            ? 
# 
_struct_ref_seq.align_id                      1 
_struct_ref_seq.ref_id                        1 
_struct_ref_seq.pdbx_PDB_id_code              2RAC 
_struct_ref_seq.pdbx_strand_id                A 
_struct_ref_seq.seq_align_beg                 1 
_struct_ref_seq.pdbx_seq_align_beg_ins_code   ? 
_struct_ref_seq.seq_align_end                 105 
_struct_ref_seq.pdbx_seq_align_end_ins_code   ? 
_struct_ref_seq.pdbx_db_accession             P22364 
_struct_ref_seq.db_align_beg                  27 
_struct_ref_seq.pdbx_db_align_beg_ins_code    ? 
_struct_ref_seq.db_align_end                  131 
_struct_ref_seq.pdbx_db_align_end_ins_code    ? 
_struct_ref_seq.pdbx_auth_seq_align_beg       1 
_struct_ref_seq.pdbx_auth_seq_align_end       105 
# 
loop_
_chem_comp.id 
_chem_comp.type 
_chem_comp.mon_nstd_flag 
_chem_comp.name 
_chem_comp.pdbx_synonyms 
_chem_comp.formula 
_chem_comp.formula_weight 
ALA 'L-peptide linking' y ALANINE          ? 'C3 H7 N O2'     89.093  
ARG 'L-peptide linking' y ARGININE         ? 'C6 H15 N4 O2 1' 175.209 
ASN 'L-peptide linking' y ASPARAGINE       ? 'C4 H8 N2 O3'    132.118 
ASP 'L-peptide linking' y 'ASPARTIC ACID'  ? 'C4 H7 N O4'     133.103 
CU1 non-polymer         . 'COPPER (I) ION' ? 'Cu 1'           63.546  
CYS 'L-peptide linking' y CYSTEINE         ? 'C3 H7 N O2 S'   121.158 
GLN 'L-peptide linking' y GLUTAMINE        ? 'C5 H10 N2 O3'   146.144 
GLU 'L-peptide linking' y 'GLUTAMIC ACID'  ? 'C5 H9 N O4'     147.129 
GLY 'peptide linking'   y GLYCINE          ? 'C2 H5 N O2'     75.067  
HIS 'L-peptide linking' y HISTIDINE        ? 'C6 H10 N3 O2 1' 156.162 
HOH non-polymer         . WATER            ? 'H2 O'           18.015  
ILE 'L-peptide linking' y ISOLEUCINE       ? 'C6 H13 N O2'    131.173 
LEU 'L-peptide linking' y LEUCINE          ? 'C6 H13 N O2'    131.173 
LYS 'L-peptide linking' y LYSINE           ? 'C6 H15 N2 O2 1' 147.195 
MET 'L-peptide linking' y METHIONINE       ? 'C5 H11 N O2 S'  149.211 
PHE 'L-peptide linking' y PHENYLALANINE    ? 'C9 H11 N O2'    165.189 
PRO 'L-peptide linking' y PROLINE          ? 'C5 H9 N O2'     115.130 
SER 'L-peptide linking' y SERINE           ? 'C3 H7 N O3'     105.093 
THR 'L-peptide linking' y THREONINE        ? 'C4 H9 N O3'     119.119 
TRP 'L-peptide linking' y TRYPTOPHAN       ? 'C11 H12 N2 O2'  204.225 
TYR 'L-peptide linking' y TYROSINE         ? 'C9 H11 N O3'    181.189 
VAL 'L-peptide linking' y VALINE           ? 'C5 H11 N O2'    117.146 
# 
_exptl.entry_id          2RAC 
_exptl.method            'X-RAY DIFFRACTION' 
_exptl.crystals_number   1 
# 
_exptl_crystal.id                    1 
_exptl_crystal.density_meas          ? 
_exptl_crystal.density_Matthews      1.91 
_exptl_crystal.density_percent_sol   32.0 
_exptl_crystal.description           ? 
# 
_exptl_crystal_grow.crystal_id      1 
_exptl_crystal_grow.method          ? 
_exptl_crystal_grow.temp            ? 
_exptl_crystal_grow.temp_details    ? 
_exptl_crystal_grow.pH              7.70 
_exptl_crystal_grow.pdbx_details    'pH 7.70' 
_exptl_crystal_grow.pdbx_pH_range   . 
# 
_diffrn.id                     1 
_diffrn.ambient_temp           273.0 
_diffrn.ambient_temp_details   ? 
_diffrn.crystal_id             1 
# 
_diffrn_detector.diffrn_id              1 
_diffrn_detector.detector               'AREA DETECTOR' 
_diffrn_detector.type                   'XUONG-HAMLIN MULTIWIRE' 
_diffrn_detector.pdbx_collection_date   ? 
_diffrn_detector.details                ? 
# 
_diffrn_radiation.diffrn_id                        1 
_diffrn_radiation.wavelength_id                    1 
_diffrn_radiation.pdbx_monochromatic_or_laue_m_l   M 
_diffrn_radiation.monochromator                    'GRAPHITE FILTER' 
_diffrn_radiation.pdbx_diffrn_protocol             'SINGLE WAVELENGTH' 
_diffrn_radiation.pdbx_scattering_type             x-ray 
# 
_diffrn_radiation_wavelength.id           1 
_diffrn_radiation_wavelength.wavelength   1.5418 
_diffrn_radiation_wavelength.wt           1.0 
# 
_diffrn_source.diffrn_id                   1 
_diffrn_source.source                      'ROTATING ANODE' 
_diffrn_source.type                        'RIGAKU RU200' 
_diffrn_source.pdbx_synchrotron_site       ? 
_diffrn_source.pdbx_synchrotron_beamline   ? 
_diffrn_source.pdbx_wavelength             1.5418 
_diffrn_source.pdbx_wavelength_list        ? 
# 
_reflns.entry_id                     2RAC 
_reflns.observed_criterion_sigma_I   ? 
_reflns.observed_criterion_sigma_F   ? 
_reflns.d_resolution_low             20.040 
_reflns.d_resolution_high            1.300 
_reflns.number_obs                   19838 
_reflns.number_all                   ? 
_reflns.percent_possible_obs         93.0 
_reflns.pdbx_Rmerge_I_obs            0.0590000 
_reflns.pdbx_Rsym_value              ? 
_reflns.pdbx_netI_over_sigmaI        13.0000 
_reflns.B_iso_Wilson_estimate        11.90 
_reflns.pdbx_redundancy              5.200 
_reflns.R_free_details               ? 
_reflns.limit_h_max                  ? 
_reflns.limit_h_min                  ? 
_reflns.limit_k_max                  ? 
_reflns.limit_k_min                  ? 
_reflns.limit_l_max                  ? 
_reflns.limit_l_min                  ? 
_reflns.observed_criterion_F_max     ? 
_reflns.observed_criterion_F_min     ? 
_reflns.pdbx_diffrn_id               1 
_reflns.pdbx_ordinal                 1 
# 
_reflns_shell.d_res_high             1.30 
_reflns_shell.d_res_low              1.45 
_reflns_shell.percent_possible_all   81.0 
_reflns_shell.Rmerge_I_obs           0.1600000 
_reflns_shell.pdbx_Rsym_value        ? 
_reflns_shell.meanI_over_sigI_obs    2.000 
_reflns_shell.pdbx_redundancy        3.20 
_reflns_shell.percent_possible_obs   ? 
_reflns_shell.number_unique_all      ? 
_reflns_shell.pdbx_diffrn_id         ? 
_reflns_shell.pdbx_ordinal           1 
# 
_refine.entry_id                                 2RAC 
_refine.ls_number_reflns_obs                     18717 
_refine.ls_number_reflns_all                     ? 
_refine.pdbx_ls_sigma_I                          ? 
_refine.pdbx_ls_sigma_F                          2.000 
_refine.pdbx_data_cutoff_high_absF               10000000.000 
_refine.pdbx_data_cutoff_low_absF                0.0010 
_refine.pdbx_data_cutoff_high_rms_absF           ? 
_refine.ls_d_res_low                             6.0 
_refine.ls_d_res_high                            1.30 
_refine.ls_percent_reflns_obs                    88.7 
_refine.ls_R_factor_obs                          0.1820000 
_refine.ls_R_factor_all                          ? 
_refine.ls_R_factor_R_work                       0.1820000 
_refine.ls_R_factor_R_free                       0.2100000 
_refine.ls_R_factor_R_free_error                 0.005 
_refine.ls_R_factor_R_free_error_details         ? 
_refine.ls_percent_reflns_R_free                 9.800 
_refine.ls_number_reflns_R_free                  1834 
_refine.ls_number_parameters                     ? 
_refine.ls_number_restraints                     ? 
_refine.occupancy_min                            ? 
_refine.occupancy_max                            ? 
_refine.B_iso_mean                               15.60 
_refine.aniso_B[1][1]                            0.00000 
_refine.aniso_B[2][2]                            0.00000 
_refine.aniso_B[3][3]                            0.00000 
_refine.aniso_B[1][2]                            0.00000 
_refine.aniso_B[1][3]                            0.00000 
_refine.aniso_B[2][3]                            0.00000 
_refine.solvent_model_details                    ? 
_refine.solvent_model_param_ksol                 ? 
_refine.solvent_model_param_bsol                 ? 
_refine.pdbx_ls_cross_valid_method               THROUGHOUT 
_refine.details                                  ? 
_refine.pdbx_starting_model                      1AAC 
_refine.pdbx_method_to_determine_struct          OTHER 
_refine.pdbx_isotropic_thermal_model             RESTRAINED 
_refine.pdbx_stereochemistry_target_values       ? 
_refine.pdbx_stereochem_target_val_spec_case     ? 
_refine.pdbx_R_Free_selection_details            RANDOM 
_refine.pdbx_overall_ESU_R                       ? 
_refine.pdbx_overall_ESU_R_Free                  ? 
_refine.overall_SU_ML                            ? 
_refine.overall_SU_B                             ? 
_refine.ls_redundancy_reflns_obs                 ? 
_refine.B_iso_min                                ? 
_refine.B_iso_max                                ? 
_refine.pdbx_refine_id                           'X-RAY DIFFRACTION' 
_refine.pdbx_diffrn_id                           1 
_refine.pdbx_TLS_residual_ADP_flag               ? 
_refine.correlation_coeff_Fo_to_Fc               ? 
_refine.correlation_coeff_Fo_to_Fc_free          ? 
_refine.pdbx_solvent_vdw_probe_radii             ? 
_refine.pdbx_solvent_ion_probe_radii             ? 
_refine.pdbx_solvent_shrinkage_radii             ? 
_refine.pdbx_overall_phase_error                 ? 
_refine.overall_SU_R_Cruickshank_DPI             ? 
_refine.pdbx_overall_SU_R_free_Cruickshank_DPI   ? 
_refine.pdbx_overall_SU_R_Blow_DPI               ? 
_refine.pdbx_overall_SU_R_free_Blow_DPI          ? 
# 
_refine_analyze.entry_id                        2RAC 
_refine_analyze.Luzzati_coordinate_error_obs    0.14 
_refine_analyze.Luzzati_sigma_a_obs             0.17 
_refine_analyze.Luzzati_d_res_low_obs           5.00 
_refine_analyze.Luzzati_coordinate_error_free   0.15 
_refine_analyze.Luzzati_sigma_a_free            0.17 
_refine_analyze.Luzzati_d_res_low_free          ? 
_refine_analyze.number_disordered_residues      ? 
_refine_analyze.occupancy_sum_hydrogen          ? 
_refine_analyze.occupancy_sum_non_hydrogen      ? 
_refine_analyze.pdbx_Luzzati_d_res_high_obs     ? 
_refine_analyze.pdbx_refine_id                  'X-RAY DIFFRACTION' 
# 
_refine_hist.pdbx_refine_id                   'X-RAY DIFFRACTION' 
_refine_hist.cycle_id                         LAST 
_refine_hist.pdbx_number_atoms_protein        807 
_refine_hist.pdbx_number_atoms_nucleic_acid   0 
_refine_hist.pdbx_number_atoms_ligand         1 
_refine_hist.number_atoms_solvent             97 
_refine_hist.number_atoms_total               905 
_refine_hist.d_res_high                       1.30 
_refine_hist.d_res_low                        6.0 
# 
loop_
_refine_ls_restr.type 
_refine_ls_restr.dev_ideal 
_refine_ls_restr.dev_ideal_target 
_refine_ls_restr.weight 
_refine_ls_restr.number 
_refine_ls_restr.pdbx_refine_id 
_refine_ls_restr.pdbx_restraint_function 
x_bond_d                0.007 ?     ? ? 'X-RAY DIFFRACTION' ? 
x_bond_d_na             ?     ?     ? ? 'X-RAY DIFFRACTION' ? 
x_bond_d_prot           ?     ?     ? ? 'X-RAY DIFFRACTION' ? 
x_angle_d               ?     ?     ? ? 'X-RAY DIFFRACTION' ? 
x_angle_d_na            ?     ?     ? ? 'X-RAY DIFFRACTION' ? 
x_angle_d_prot          ?     ?     ? ? 'X-RAY DIFFRACTION' ? 
x_angle_deg             0.90  ?     ? ? 'X-RAY DIFFRACTION' ? 
x_angle_deg_na          ?     ?     ? ? 'X-RAY DIFFRACTION' ? 
x_angle_deg_prot        ?     ?     ? ? 'X-RAY DIFFRACTION' ? 
x_dihedral_angle_d      27.50 ?     ? ? 'X-RAY DIFFRACTION' ? 
x_dihedral_angle_d_na   ?     ?     ? ? 'X-RAY DIFFRACTION' ? 
x_dihedral_angle_d_prot ?     ?     ? ? 'X-RAY DIFFRACTION' ? 
x_improper_angle_d      1.53  ?     ? ? 'X-RAY DIFFRACTION' ? 
x_improper_angle_d_na   ?     ?     ? ? 'X-RAY DIFFRACTION' ? 
x_improper_angle_d_prot ?     ?     ? ? 'X-RAY DIFFRACTION' ? 
x_mcbond_it             1.20  1.500 ? ? 'X-RAY DIFFRACTION' ? 
x_mcangle_it            1.92  2.000 ? ? 'X-RAY DIFFRACTION' ? 
x_scbond_it             2.17  2.000 ? ? 'X-RAY DIFFRACTION' ? 
x_scangle_it            3.45  2.500 ? ? 'X-RAY DIFFRACTION' ? 
# 
_refine_ls_shell.pdbx_total_number_of_bins_used   6 
_refine_ls_shell.d_res_high                       1.30 
_refine_ls_shell.d_res_low                        1.38 
_refine_ls_shell.number_reflns_R_work             2016 
_refine_ls_shell.R_factor_R_work                  0.2810000 
_refine_ls_shell.percent_reflns_obs               64.50 
_refine_ls_shell.R_factor_R_free                  0.2930000 
_refine_ls_shell.R_factor_R_free_error            0.02 
_refine_ls_shell.percent_reflns_R_free            10.40 
_refine_ls_shell.number_reflns_R_free             235 
_refine_ls_shell.redundancy_reflns_obs            ? 
_refine_ls_shell.number_reflns_all                ? 
_refine_ls_shell.number_reflns_obs                ? 
_refine_ls_shell.pdbx_refine_id                   'X-RAY DIFFRACTION' 
_refine_ls_shell.R_factor_all                     ? 
# 
_pdbx_xplor_file.serial_no        1 
_pdbx_xplor_file.param_file       AMIRED7.PAR 
_pdbx_xplor_file.topol_file       AMIRED7.TOP 
_pdbx_xplor_file.pdbx_refine_id   'X-RAY DIFFRACTION' 
# 
_struct.entry_id                  2RAC 
_struct.title                     'AMICYANIN REDUCED, PH 7.7, 1.3 ANGSTROMS' 
_struct.pdbx_model_details        ? 
_struct.pdbx_CASP_flag            ? 
_struct.pdbx_model_type_details   ? 
# 
_struct_keywords.entry_id        2RAC 
_struct_keywords.pdbx_keywords   'ELECTRON TRANSPORT' 
_struct_keywords.text            'ELECTRON TRANSPORT' 
# 
loop_
_struct_asym.id 
_struct_asym.pdbx_blank_PDB_chainid_flag 
_struct_asym.pdbx_modified 
_struct_asym.entity_id 
_struct_asym.details 
A N N 1 ? 
B N N 2 ? 
C N N 3 ? 
# 
_struct_biol.id   1 
# 
_struct_conf.conf_type_id            HELX_P 
_struct_conf.id                      HELX_P1 
_struct_conf.pdbx_PDB_helix_id       1 
_struct_conf.beg_label_comp_id       ALA 
_struct_conf.beg_label_asym_id       A 
_struct_conf.beg_label_seq_id        13 
_struct_conf.pdbx_beg_PDB_ins_code   ? 
_struct_conf.end_label_comp_id       GLU 
_struct_conf.end_label_asym_id       A 
_struct_conf.end_label_seq_id        15 
_struct_conf.pdbx_end_PDB_ins_code   ? 
_struct_conf.beg_auth_comp_id        ALA 
_struct_conf.beg_auth_asym_id        A 
_struct_conf.beg_auth_seq_id         13 
_struct_conf.end_auth_comp_id        GLU 
_struct_conf.end_auth_asym_id        A 
_struct_conf.end_auth_seq_id         15 
_struct_conf.pdbx_PDB_helix_class    5 
_struct_conf.details                 ? 
_struct_conf.pdbx_PDB_helix_length   3 
# 
_struct_conf_type.id          HELX_P 
_struct_conf_type.criteria    ? 
_struct_conf_type.reference   ? 
# 
loop_
_struct_conn.id 
_struct_conn.conn_type_id 
_struct_conn.pdbx_leaving_atom_flag 
_struct_conn.pdbx_PDB_id 
_struct_conn.ptnr1_label_asym_id 
_struct_conn.ptnr1_label_comp_id 
_struct_conn.ptnr1_label_seq_id 
_struct_conn.ptnr1_label_atom_id 
_struct_conn.pdbx_ptnr1_label_alt_id 
_struct_conn.pdbx_ptnr1_PDB_ins_code 
_struct_conn.pdbx_ptnr1_standard_comp_id 
_struct_conn.ptnr1_symmetry 
_struct_conn.ptnr2_label_asym_id 
_struct_conn.ptnr2_label_comp_id 
_struct_conn.ptnr2_label_seq_id 
_struct_conn.ptnr2_label_atom_id 
_struct_conn.pdbx_ptnr2_label_alt_id 
_struct_conn.pdbx_ptnr2_PDB_ins_code 
_struct_conn.ptnr1_auth_asym_id 
_struct_conn.ptnr1_auth_comp_id 
_struct_conn.ptnr1_auth_seq_id 
_struct_conn.ptnr2_auth_asym_id 
_struct_conn.ptnr2_auth_comp_id 
_struct_conn.ptnr2_auth_seq_id 
_struct_conn.ptnr2_symmetry 
_struct_conn.pdbx_ptnr3_label_atom_id 
_struct_conn.pdbx_ptnr3_label_seq_id 
_struct_conn.pdbx_ptnr3_label_comp_id 
_struct_conn.pdbx_ptnr3_label_asym_id 
_struct_conn.pdbx_ptnr3_label_alt_id 
_struct_conn.pdbx_ptnr3_PDB_ins_code 
_struct_conn.details 
_struct_conn.pdbx_dist_value 
_struct_conn.pdbx_value_order 
_struct_conn.pdbx_role 
metalc1 metalc ? ? A HIS 53 ND1 ? ? ? 1_555 B CU1 . CU ? ? A HIS 53 A CU1 107 1_555 ? ? ? ? ? ? ? 1.895 ? ? 
metalc2 metalc ? ? A CYS 92 SG  ? ? ? 1_555 B CU1 . CU ? ? A CYS 92 A CU1 107 1_555 ? ? ? ? ? ? ? 2.121 ? ? 
# 
_struct_conn_type.id          metalc 
_struct_conn_type.criteria    ? 
_struct_conn_type.reference   ? 
# 
loop_
_struct_sheet.id 
_struct_sheet.type 
_struct_sheet.number_strands 
_struct_sheet.details 
A ? 3 ? 
B ? 3 ? 
# 
loop_
_struct_sheet_order.sheet_id 
_struct_sheet_order.range_id_1 
_struct_sheet_order.range_id_2 
_struct_sheet_order.offset 
_struct_sheet_order.sense 
A 1 2 ? parallel      
A 2 3 ? anti-parallel 
B 1 2 ? parallel      
B 2 3 ? anti-parallel 
# 
loop_
_struct_sheet_range.sheet_id 
_struct_sheet_range.id 
_struct_sheet_range.beg_label_comp_id 
_struct_sheet_range.beg_label_asym_id 
_struct_sheet_range.beg_label_seq_id 
_struct_sheet_range.pdbx_beg_PDB_ins_code 
_struct_sheet_range.end_label_comp_id 
_struct_sheet_range.end_label_asym_id 
_struct_sheet_range.end_label_seq_id 
_struct_sheet_range.pdbx_end_PDB_ins_code 
_struct_sheet_range.beg_auth_comp_id 
_struct_sheet_range.beg_auth_asym_id 
_struct_sheet_range.beg_auth_seq_id 
_struct_sheet_range.end_auth_comp_id 
_struct_sheet_range.end_auth_asym_id 
_struct_sheet_range.end_auth_seq_id 
A 1 ILE A 21 ? ILE A 25  ? ILE A 21 ILE A 25  
A 2 THR A 42 ? ASN A 47  ? THR A 42 ASN A 47  
A 3 ALA A 77 ? THR A 81  ? ALA A 77 THR A 81  
B 1 GLU A 34 ? VAL A 37  ? GLU A 34 VAL A 37  
B 2 ARG A 99 ? VAL A 104 ? ARG A 99 VAL A 104 
B 3 GLY A 86 ? HIS A 91  ? GLY A 86 HIS A 91  
# 
loop_
_pdbx_struct_sheet_hbond.sheet_id 
_pdbx_struct_sheet_hbond.range_id_1 
_pdbx_struct_sheet_hbond.range_id_2 
_pdbx_struct_sheet_hbond.range_1_label_atom_id 
_pdbx_struct_sheet_hbond.range_1_label_comp_id 
_pdbx_struct_sheet_hbond.range_1_label_asym_id 
_pdbx_struct_sheet_hbond.range_1_label_seq_id 
_pdbx_struct_sheet_hbond.range_1_PDB_ins_code 
_pdbx_struct_sheet_hbond.range_1_auth_atom_id 
_pdbx_struct_sheet_hbond.range_1_auth_comp_id 
_pdbx_struct_sheet_hbond.range_1_auth_asym_id 
_pdbx_struct_sheet_hbond.range_1_auth_seq_id 
_pdbx_struct_sheet_hbond.range_2_label_atom_id 
_pdbx_struct_sheet_hbond.range_2_label_comp_id 
_pdbx_struct_sheet_hbond.range_2_label_asym_id 
_pdbx_struct_sheet_hbond.range_2_label_seq_id 
_pdbx_struct_sheet_hbond.range_2_PDB_ins_code 
_pdbx_struct_sheet_hbond.range_2_auth_atom_id 
_pdbx_struct_sheet_hbond.range_2_auth_comp_id 
_pdbx_struct_sheet_hbond.range_2_auth_asym_id 
_pdbx_struct_sheet_hbond.range_2_auth_seq_id 
A 1 2 O ILE A 21  ? O ILE A 21  N THR A 44  ? N THR A 44  
A 2 3 O VAL A 43  ? O VAL A 43  N LEU A 80  ? N LEU A 80  
B 1 2 O LEU A 35  ? O LEU A 35  N LYS A 101 ? N LYS A 101 
B 2 3 O GLY A 100 ? O GLY A 100 N TYR A 90  ? N TYR A 90  
# 
loop_
_struct_site.id 
_struct_site.pdbx_evidence_code 
_struct_site.pdbx_auth_asym_id 
_struct_site.pdbx_auth_comp_id 
_struct_site.pdbx_auth_seq_id 
_struct_site.pdbx_auth_ins_code 
_struct_site.pdbx_num_residues 
_struct_site.details 
CU1 Author   ? ?   ?   ? 5 'COPPER SITE'                        
AC1 Software A CU1 107 ? 4 'BINDING SITE FOR RESIDUE CU1 A 107' 
# 
loop_
_struct_site_gen.id 
_struct_site_gen.site_id 
_struct_site_gen.pdbx_num_res 
_struct_site_gen.label_comp_id 
_struct_site_gen.label_asym_id 
_struct_site_gen.label_seq_id 
_struct_site_gen.pdbx_auth_ins_code 
_struct_site_gen.auth_comp_id 
_struct_site_gen.auth_asym_id 
_struct_site_gen.auth_seq_id 
_struct_site_gen.label_atom_id 
_struct_site_gen.label_alt_id 
_struct_site_gen.symmetry 
_struct_site_gen.details 
1 CU1 5 CU1 B .  ? CU1 A 107 . ? 1_555 ? 
2 CU1 5 HIS A 53 ? HIS A 53  . ? 1_555 ? 
3 CU1 5 CYS A 92 ? CYS A 92  . ? 1_555 ? 
4 CU1 5 HIS A 95 ? HIS A 95  . ? 1_555 ? 
5 CU1 5 MET A 98 ? MET A 98  . ? 1_555 ? 
6 AC1 4 HIS A 53 ? HIS A 53  . ? 1_555 ? 
7 AC1 4 CYS A 92 ? CYS A 92  . ? 1_555 ? 
8 AC1 4 HIS A 95 ? HIS A 95  . ? 1_555 ? 
9 AC1 4 MET A 98 ? MET A 98  . ? 1_555 ? 
# 
_atom_sites.entry_id                    2RAC 
_atom_sites.fract_transf_matrix[1][1]   -0.01553425 
_atom_sites.fract_transf_matrix[1][2]   0.02373531 
_atom_sites.fract_transf_matrix[1][3]   -0.02047155 
_atom_sites.fract_transf_matrix[2][1]   -0.00605130 
_atom_sites.fract_transf_matrix[2][2]   -0.01302238 
_atom_sites.fract_transf_matrix[2][3]   -0.01050667 
_atom_sites.fract_transf_matrix[3][1]   -0.03196777 
_atom_sites.fract_transf_matrix[3][2]   0.00034818 
_atom_sites.fract_transf_matrix[3][3]   0.01798025 
_atom_sites.fract_transf_vector[1]      0.736730 
_atom_sites.fract_transf_vector[2]      -0.145088 
_atom_sites.fract_transf_vector[3]      0.370408 
# 
loop_
_atom_type.symbol 
C  
CU 
N  
O  
S  
# 
loop_
_atom_site.group_PDB 
_atom_site.id 
_atom_site.type_symbol 
_atom_site.label_atom_id 
_atom_site.label_alt_id 
_atom_site.label_comp_id 
_atom_site.label_asym_id 
_atom_site.label_entity_id 
_atom_site.label_seq_id 
_atom_site.pdbx_PDB_ins_code 
_atom_site.Cartn_x 
_atom_site.Cartn_y 
_atom_site.Cartn_z 
_atom_site.occupancy 
_atom_site.B_iso_or_equiv 
_atom_site.pdbx_formal_charge 
_atom_site.auth_seq_id 
_atom_site.auth_comp_id 
_atom_site.auth_asym_id 
_atom_site.auth_atom_id 
_atom_site.pdbx_PDB_model_num 
ATOM   1   N  N   . ASP A 1 1   ? -8.840  11.378  6.203   1.00 34.32 ? 1   ASP A N   1 
ATOM   2   C  CA  . ASP A 1 1   ? -8.047  10.816  7.343   1.00 32.02 ? 1   ASP A CA  1 
ATOM   3   C  C   . ASP A 1 1   ? -6.570  11.203  7.182   1.00 28.63 ? 1   ASP A C   1 
ATOM   4   O  O   . ASP A 1 1   ? -6.268  12.332  6.814   1.00 30.46 ? 1   ASP A O   1 
ATOM   5   C  CB  . ASP A 1 1   ? -8.193  9.285   7.386   1.00 35.14 ? 1   ASP A CB  1 
ATOM   6   C  CG  . ASP A 1 1   ? -9.617  8.833   7.657   1.00 37.51 ? 1   ASP A CG  1 
ATOM   7   O  OD1 . ASP A 1 1   ? -10.559 9.417   7.083   1.00 39.67 ? 1   ASP A OD1 1 
ATOM   8   O  OD2 . ASP A 1 1   ? -9.793  7.859   8.418   1.00 39.52 ? 1   ASP A OD2 1 
ATOM   9   N  N   . LYS A 1 2   ? -5.655  10.272  7.423   1.00 24.38 ? 2   LYS A N   1 
ATOM   10  C  CA  . LYS A 1 2   ? -4.243  10.540  7.210   1.00 19.17 ? 2   LYS A CA  1 
ATOM   11  C  C   . LYS A 1 2   ? -3.781  10.045  5.846   1.00 16.98 ? 2   LYS A C   1 
ATOM   12  O  O   . LYS A 1 2   ? -2.640  10.267  5.445   1.00 15.61 ? 2   LYS A O   1 
ATOM   13  C  CB  . LYS A 1 2   ? -3.421  9.901   8.324   1.00 20.53 ? 2   LYS A CB  1 
ATOM   14  C  CG  . LYS A 1 2   ? -3.964  10.234  9.705   1.00 21.91 ? 2   LYS A CG  1 
ATOM   15  C  CD  . LYS A 1 2   ? -2.881  10.252  10.734  1.00 23.49 ? 2   LYS A CD  1 
ATOM   16  C  CE  . LYS A 1 2   ? -3.445  10.639  12.086  1.00 24.79 ? 2   LYS A CE  1 
ATOM   17  N  NZ  . LYS A 1 2   ? -2.371  10.634  13.107  1.00 26.96 ? 2   LYS A NZ  1 
ATOM   18  N  N   . ALA A 1 3   ? -4.682  9.374   5.139   1.00 14.92 ? 3   ALA A N   1 
ATOM   19  C  CA  . ALA A 1 3   ? -4.450  9.004   3.755   1.00 14.00 ? 3   ALA A CA  1 
ATOM   20  C  C   . ALA A 1 3   ? -5.725  9.181   2.958   1.00 14.59 ? 3   ALA A C   1 
ATOM   21  O  O   . ALA A 1 3   ? -6.823  9.055   3.498   1.00 15.53 ? 3   ALA A O   1 
ATOM   22  C  CB  . ALA A 1 3   ? -3.982  7.552   3.661   1.00 14.85 ? 3   ALA A CB  1 
ATOM   23  N  N   . THR A 1 4   ? -5.577  9.540   1.691   1.00 13.09 ? 4   THR A N   1 
ATOM   24  C  CA  . THR A 1 4   ? -6.692  9.496   0.760   1.00 12.77 ? 4   THR A CA  1 
ATOM   25  C  C   . THR A 1 4   ? -6.475  8.393   -0.266  1.00 11.94 ? 4   THR A C   1 
ATOM   26  O  O   . THR A 1 4   ? -5.346  7.968   -0.518  1.00 11.73 ? 4   THR A O   1 
ATOM   27  C  CB  . THR A 1 4   ? -6.878  10.844  0.038   1.00 14.62 ? 4   THR A CB  1 
ATOM   28  O  OG1 . THR A 1 4   ? -5.741  11.118  -0.782  1.00 16.12 ? 4   THR A OG1 1 
ATOM   29  C  CG2 . THR A 1 4   ? -7.052  11.962  1.051   1.00 14.84 ? 4   THR A CG2 1 
ATOM   30  N  N   . ILE A 1 5   ? -7.573  7.870   -0.785  1.00 11.01 ? 5   ILE A N   1 
ATOM   31  C  CA  . ILE A 1 5   ? -7.555  6.693   -1.645  1.00 10.18 ? 5   ILE A CA  1 
ATOM   32  C  C   . ILE A 1 5   ? -7.968  7.118   -3.057  1.00 9.86  ? 5   ILE A C   1 
ATOM   33  O  O   . ILE A 1 5   ? -9.136  7.433   -3.288  1.00 11.01 ? 5   ILE A O   1 
ATOM   34  C  CB  . ILE A 1 5   ? -8.552  5.622   -1.112  1.00 11.05 ? 5   ILE A CB  1 
ATOM   35  C  CG1 . ILE A 1 5   ? -8.217  5.253   0.337   1.00 12.66 ? 5   ILE A CG1 1 
ATOM   36  C  CG2 . ILE A 1 5   ? -8.496  4.378   -1.960  1.00 12.85 ? 5   ILE A CG2 1 
ATOM   37  C  CD1 . ILE A 1 5   ? -9.235  4.326   0.997   1.00 15.44 ? 5   ILE A CD1 1 
ATOM   38  N  N   . PRO A 1 6   ? -7.004  7.252   -3.981  1.00 9.60  ? 6   PRO A N   1 
ATOM   39  C  CA  . PRO A 1 6   ? -7.314  7.648   -5.367  1.00 10.48 ? 6   PRO A CA  1 
ATOM   40  C  C   . PRO A 1 6   ? -8.342  6.734   -6.032  1.00 10.30 ? 6   PRO A C   1 
ATOM   41  O  O   . PRO A 1 6   ? -9.305  7.201   -6.634  1.00 11.85 ? 6   PRO A O   1 
ATOM   42  C  CB  . PRO A 1 6   ? -5.961  7.580   -6.079  1.00 10.42 ? 6   PRO A CB  1 
ATOM   43  C  CG  . PRO A 1 6   ? -4.944  7.733   -4.979  1.00 12.53 ? 6   PRO A CG  1 
ATOM   44  C  CD  . PRO A 1 6   ? -5.552  7.080   -3.767  1.00 9.68  ? 6   PRO A CD  1 
ATOM   45  N  N   . SER A 1 7   ? -8.173  5.429   -5.847  1.00 10.42 ? 7   SER A N   1 
ATOM   46  C  CA  . SER A 1 7   ? -9.065  4.432   -6.432  1.00 10.50 ? 7   SER A CA  1 
ATOM   47  C  C   . SER A 1 7   ? -9.406  3.344   -5.413  1.00 11.08 ? 7   SER A C   1 
ATOM   48  O  O   . SER A 1 7   ? -8.512  2.674   -4.891  1.00 11.21 ? 7   SER A O   1 
ATOM   49  C  CB  . SER A 1 7   ? -8.403  3.783   -7.648  1.00 12.74 ? 7   SER A CB  1 
ATOM   50  O  OG  . SER A 1 7   ? -9.256  2.795   -8.210  1.00 12.05 ? 7   SER A OG  1 
ATOM   51  N  N   . GLU A 1 8   ? -10.689 3.177   -5.108  1.00 10.81 ? 8   GLU A N   1 
ATOM   52  C  CA  . GLU A 1 8   ? -11.111 2.176   -4.123  1.00 12.92 ? 8   GLU A CA  1 
ATOM   53  C  C   . GLU A 1 8   ? -10.823 0.758   -4.599  1.00 12.69 ? 8   GLU A C   1 
ATOM   54  O  O   . GLU A 1 8   ? -10.592 -0.140  -3.799  1.00 14.10 ? 8   GLU A O   1 
ATOM   55  C  CB  . GLU A 1 8   ? -12.606 2.319   -3.818  1.00 16.58 ? 8   GLU A CB  1 
ATOM   56  C  CG  . GLU A 1 8   ? -12.997 3.648   -3.168  1.00 23.83 ? 8   GLU A CG  1 
ATOM   57  C  CD  . GLU A 1 8   ? -12.586 3.761   -1.693  1.00 28.65 ? 8   GLU A CD  1 
ATOM   58  O  OE1 . GLU A 1 8   ? -12.508 2.722   -0.992  1.00 30.78 ? 8   GLU A OE1 1 
ATOM   59  O  OE2 . GLU A 1 8   ? -12.403 4.907   -1.214  1.00 30.55 ? 8   GLU A OE2 1 
ATOM   60  N  N   . SER A 1 9   ? -10.806 0.578   -5.910  1.00 13.25 ? 9   SER A N   1 
ATOM   61  C  CA  . SER A 1 9   ? -10.506 -0.724  -6.498  1.00 13.81 ? 9   SER A CA  1 
ATOM   62  C  C   . SER A 1 9   ? -9.136  -0.753  -7.193  1.00 12.24 ? 9   SER A C   1 
ATOM   63  O  O   . SER A 1 9   ? -8.586  0.288   -7.586  1.00 10.52 ? 9   SER A O   1 
ATOM   64  C  CB  . SER A 1 9   ? -11.608 -1.114  -7.489  1.00 16.83 ? 9   SER A CB  1 
ATOM   65  O  OG  . SER A 1 9   ? -11.577 -0.274  -8.632  1.00 21.08 ? 9   SER A OG  1 
ATOM   66  N  N   . PRO A 1 10  ? -8.554  -1.959  -7.329  1.00 9.75  ? 10  PRO A N   1 
ATOM   67  C  CA  . PRO A 1 10  ? -7.270  -2.100  -8.015  1.00 9.89  ? 10  PRO A CA  1 
ATOM   68  C  C   . PRO A 1 10  ? -7.326  -1.676  -9.491  1.00 9.29  ? 10  PRO A C   1 
ATOM   69  O  O   . PRO A 1 10  ? -8.384  -1.719  -10.138 1.00 10.12 ? 10  PRO A O   1 
ATOM   70  C  CB  . PRO A 1 10  ? -6.953  -3.599  -7.876  1.00 10.13 ? 10  PRO A CB  1 
ATOM   71  C  CG  . PRO A 1 10  ? -7.904  -4.123  -6.870  1.00 12.11 ? 10  PRO A CG  1 
ATOM   72  C  CD  . PRO A 1 10  ? -9.120  -3.268  -6.973  1.00 11.18 ? 10  PRO A CD  1 
ATOM   73  N  N   . PHE A 1 11  ? -6.174  -1.320  -10.037 1.00 8.33  ? 11  PHE A N   1 
ATOM   74  C  CA  . PHE A 1 11  ? -6.080  -0.979  -11.448 1.00 9.75  ? 11  PHE A CA  1 
ATOM   75  C  C   . PHE A 1 11  ? -4.821  -1.592  -12.060 1.00 10.12 ? 11  PHE A C   1 
ATOM   76  O  O   . PHE A 1 11  ? -4.026  -2.212  -11.354 1.00 10.09 ? 11  PHE A O   1 
ATOM   77  C  CB  . PHE A 1 11  ? -6.097  0.551   -11.638 1.00 8.94  ? 11  PHE A CB  1 
ATOM   78  C  CG  . PHE A 1 11  ? -5.144  1.290   -10.744 1.00 9.40  ? 11  PHE A CG  1 
ATOM   79  C  CD1 . PHE A 1 11  ? -5.506  1.621   -9.453  1.00 9.35  ? 11  PHE A CD1 1 
ATOM   80  C  CD2 . PHE A 1 11  ? -3.883  1.645   -11.196 1.00 11.88 ? 11  PHE A CD2 1 
ATOM   81  C  CE1 . PHE A 1 11  ? -4.624  2.283   -8.618  1.00 11.10 ? 11  PHE A CE1 1 
ATOM   82  C  CE2 . PHE A 1 11  ? -2.988  2.316   -10.358 1.00 13.86 ? 11  PHE A CE2 1 
ATOM   83  C  CZ  . PHE A 1 11  ? -3.364  2.629   -9.067  1.00 11.38 ? 11  PHE A CZ  1 
ATOM   84  N  N   . ALA A 1 12  ? -4.680  -1.499  -13.378 1.00 10.40 ? 12  ALA A N   1 
ATOM   85  C  CA  . ALA A 1 12  ? -3.591  -2.197  -14.058 1.00 11.84 ? 12  ALA A CA  1 
ATOM   86  C  C   . ALA A 1 12  ? -2.240  -1.573  -13.718 1.00 12.47 ? 12  ALA A C   1 
ATOM   87  O  O   . ALA A 1 12  ? -2.119  -0.349  -13.631 1.00 12.98 ? 12  ALA A O   1 
ATOM   88  C  CB  . ALA A 1 12  ? -3.819  -2.179  -15.562 1.00 11.92 ? 12  ALA A CB  1 
ATOM   89  N  N   . ALA A 1 13  ? -1.213  -2.412  -13.572 1.00 13.28 ? 13  ALA A N   1 
ATOM   90  C  CA  . ALA A 1 13  ? 0.146   -1.929  -13.326 1.00 14.23 ? 13  ALA A CA  1 
ATOM   91  C  C   . ALA A 1 13  ? 0.645   -0.955  -14.406 1.00 15.08 ? 13  ALA A C   1 
ATOM   92  O  O   . ALA A 1 13  ? 1.330   0.026   -14.102 1.00 16.14 ? 13  ALA A O   1 
ATOM   93  C  CB  . ALA A 1 13  ? 1.102   -3.117  -13.190 1.00 13.37 ? 13  ALA A CB  1 
ATOM   94  N  N   . ALA A 1 14  ? 0.202   -1.154  -15.646 1.00 16.66 ? 14  ALA A N   1 
ATOM   95  C  CA  . ALA A 1 14  ? 0.523   -0.228  -16.740 1.00 18.27 ? 14  ALA A CA  1 
ATOM   96  C  C   . ALA A 1 14  ? -0.092  1.179   -16.577 1.00 18.85 ? 14  ALA A C   1 
ATOM   97  O  O   . ALA A 1 14  ? 0.330   2.131   -17.228 1.00 20.05 ? 14  ALA A O   1 
ATOM   98  C  CB  . ALA A 1 14  ? 0.088   -0.831  -18.074 1.00 18.88 ? 14  ALA A CB  1 
ATOM   99  N  N   . GLU A 1 15  ? -1.060  1.314   -15.679 1.00 17.37 ? 15  GLU A N   1 
ATOM   100 C  CA  . GLU A 1 15  ? -1.755  2.587   -15.495 1.00 17.49 ? 15  GLU A CA  1 
ATOM   101 C  C   . GLU A 1 15  ? -1.260  3.351   -14.273 1.00 18.91 ? 15  GLU A C   1 
ATOM   102 O  O   . GLU A 1 15  ? -1.905  4.293   -13.809 1.00 18.78 ? 15  GLU A O   1 
ATOM   103 C  CB  . GLU A 1 15  ? -3.259  2.335   -15.381 1.00 16.75 ? 15  GLU A CB  1 
ATOM   104 C  CG  . GLU A 1 15  ? -3.809  1.628   -16.605 1.00 14.86 ? 15  GLU A CG  1 
ATOM   105 C  CD  . GLU A 1 15  ? -5.219  1.128   -16.434 1.00 14.53 ? 15  GLU A CD  1 
ATOM   106 O  OE1 . GLU A 1 15  ? -5.666  0.950   -15.292 1.00 14.20 ? 15  GLU A OE1 1 
ATOM   107 O  OE2 . GLU A 1 15  ? -5.870  0.860   -17.459 1.00 16.69 ? 15  GLU A OE2 1 
ATOM   108 N  N   . VAL A 1 16  ? -0.148  2.899   -13.708 1.00 18.89 ? 16  VAL A N   1 
ATOM   109 C  CA  . VAL A 1 16  ? 0.434   3.564   -12.556 1.00 20.70 ? 16  VAL A CA  1 
ATOM   110 C  C   . VAL A 1 16  ? 0.933   4.971   -12.901 1.00 22.71 ? 16  VAL A C   1 
ATOM   111 O  O   . VAL A 1 16  ? 1.483   5.203   -13.975 1.00 22.59 ? 16  VAL A O   1 
ATOM   112 C  CB  . VAL A 1 16  ? 1.575   2.708   -11.970 1.00 20.37 ? 16  VAL A CB  1 
ATOM   113 C  CG1 . VAL A 1 16  ? 2.461   3.536   -11.059 1.00 20.72 ? 16  VAL A CG1 1 
ATOM   114 C  CG2 . VAL A 1 16  ? 0.973   1.541   -11.201 1.00 20.20 ? 16  VAL A CG2 1 
ATOM   115 N  N   . ALA A 1 17  ? 0.663   5.917   -12.007 1.00 25.64 ? 17  ALA A N   1 
ATOM   116 C  CA  . ALA A 1 17  ? 1.005   7.322   -12.221 1.00 29.08 ? 17  ALA A CA  1 
ATOM   117 C  C   . ALA A 1 17  ? 2.504   7.605   -12.387 1.00 31.80 ? 17  ALA A C   1 
ATOM   118 O  O   . ALA A 1 17  ? 3.342   6.960   -11.768 1.00 32.26 ? 17  ALA A O   1 
ATOM   119 C  CB  . ALA A 1 17  ? 0.448   8.160   -11.086 1.00 27.86 ? 17  ALA A CB  1 
ATOM   120 N  N   . ASP A 1 18  ? 2.832   8.592   -13.213 1.00 34.45 ? 18  ASP A N   1 
ATOM   121 C  CA  . ASP A 1 18  ? 4.183   9.152   -13.253 1.00 36.26 ? 18  ASP A CA  1 
ATOM   122 C  C   . ASP A 1 18  ? 4.494   9.909   -11.949 1.00 36.38 ? 18  ASP A C   1 
ATOM   123 O  O   . ASP A 1 18  ? 3.604   10.506  -11.332 1.00 37.02 ? 18  ASP A O   1 
ATOM   124 C  CB  . ASP A 1 18  ? 4.321   10.083  -14.468 1.00 37.71 ? 18  ASP A CB  1 
ATOM   125 C  CG  . ASP A 1 18  ? 4.245   9.329   -15.798 1.00 38.85 ? 18  ASP A CG  1 
ATOM   126 O  OD1 . ASP A 1 18  ? 3.804   8.157   -15.812 1.00 41.60 ? 18  ASP A OD1 1 
ATOM   127 O  OD2 . ASP A 1 18  ? 4.647   9.903   -16.833 1.00 39.04 ? 18  ASP A OD2 1 
ATOM   128 N  N   . GLY A 1 19  ? 5.730   9.791   -11.470 1.00 36.75 ? 19  GLY A N   1 
ATOM   129 C  CA  . GLY A 1 19  ? 6.051   10.298  -10.141 1.00 35.31 ? 19  GLY A CA  1 
ATOM   130 C  C   . GLY A 1 19  ? 5.504   9.401   -9.036  1.00 33.85 ? 19  GLY A C   1 
ATOM   131 O  O   . GLY A 1 19  ? 5.382   9.811   -7.873  1.00 33.73 ? 19  GLY A O   1 
ATOM   132 N  N   . ALA A 1 20  ? 5.164   8.170   -9.413  1.00 32.16 ? 20  ALA A N   1 
ATOM   133 C  CA  . ALA A 1 20  ? 4.634   7.186   -8.478  1.00 27.88 ? 20  ALA A CA  1 
ATOM   134 C  C   . ALA A 1 20  ? 5.769   6.491   -7.746  1.00 24.07 ? 20  ALA A C   1 
ATOM   135 O  O   . ALA A 1 20  ? 6.732   6.022   -8.364  1.00 24.57 ? 20  ALA A O   1 
ATOM   136 C  CB  . ALA A 1 20  ? 3.803   6.148   -9.216  1.00 28.52 ? 20  ALA A CB  1 
ATOM   137 N  N   . ILE A 1 21  ? 5.621   6.404   -6.433  1.00 20.35 ? 21  ILE A N   1 
ATOM   138 C  CA  . ILE A 1 21  ? 6.553   5.684   -5.588  1.00 16.18 ? 21  ILE A CA  1 
ATOM   139 C  C   . ILE A 1 21  ? 6.059   4.245   -5.476  1.00 14.38 ? 21  ILE A C   1 
ATOM   140 O  O   . ILE A 1 21  ? 5.060   3.975   -4.818  1.00 15.17 ? 21  ILE A O   1 
ATOM   141 C  CB  . ILE A 1 21  ? 6.634   6.353   -4.197  1.00 15.84 ? 21  ILE A CB  1 
ATOM   142 C  CG1 . ILE A 1 21  ? 7.205   7.766   -4.353  1.00 16.19 ? 21  ILE A CG1 1 
ATOM   143 C  CG2 . ILE A 1 21  ? 7.485   5.542   -3.243  1.00 15.02 ? 21  ILE A CG2 1 
ATOM   144 C  CD1 . ILE A 1 21  ? 7.017   8.650   -3.142  1.00 18.81 ? 21  ILE A CD1 1 
ATOM   145 N  N   . VAL A 1 22  ? 6.720   3.335   -6.183  1.00 11.65 ? 22  VAL A N   1 
ATOM   146 C  CA  . VAL A 1 22  ? 6.243   1.958   -6.298  1.00 11.00 ? 22  VAL A CA  1 
ATOM   147 C  C   . VAL A 1 22  ? 6.912   0.983   -5.328  1.00 10.57 ? 22  VAL A C   1 
ATOM   148 O  O   . VAL A 1 22  ? 8.137   0.983   -5.170  1.00 11.52 ? 22  VAL A O   1 
ATOM   149 C  CB  . VAL A 1 22  ? 6.400   1.429   -7.753  1.00 12.43 ? 22  VAL A CB  1 
ATOM   150 C  CG1 . VAL A 1 22  ? 6.096   -0.070  -7.804  1.00 13.33 ? 22  VAL A CG1 1 
ATOM   151 C  CG2 . VAL A 1 22  ? 5.454   2.186   -8.693  1.00 12.28 ? 22  VAL A CG2 1 
ATOM   152 N  N   . VAL A 1 23  ? 6.082   0.191   -4.658  1.00 8.82  ? 23  VAL A N   1 
ATOM   153 C  CA  . VAL A 1 23  ? 6.519   -0.969  -3.880  1.00 8.97  ? 23  VAL A CA  1 
ATOM   154 C  C   . VAL A 1 23  ? 6.041   -2.251  -4.578  1.00 9.94  ? 23  VAL A C   1 
ATOM   155 O  O   . VAL A 1 23  ? 4.837   -2.524  -4.661  1.00 10.06 ? 23  VAL A O   1 
ATOM   156 C  CB  . VAL A 1 23  ? 5.926   -0.940  -2.449  1.00 9.62  ? 23  VAL A CB  1 
ATOM   157 C  CG1 . VAL A 1 23  ? 6.320   -2.211  -1.669  1.00 10.33 ? 23  VAL A CG1 1 
ATOM   158 C  CG2 . VAL A 1 23  ? 6.398   0.315   -1.714  1.00 11.55 ? 23  VAL A CG2 1 
ATOM   159 N  N   . ASP A 1 24  ? 6.982   -3.059  -5.052  1.00 9.33  ? 24  ASP A N   1 
ATOM   160 C  CA  . ASP A 1 24  ? 6.622   -4.335  -5.661  1.00 9.58  ? 24  ASP A CA  1 
ATOM   161 C  C   . ASP A 1 24  ? 6.312   -5.405  -4.627  1.00 9.08  ? 24  ASP A C   1 
ATOM   162 O  O   . ASP A 1 24  ? 6.921   -5.442  -3.553  1.00 11.39 ? 24  ASP A O   1 
ATOM   163 C  CB  . ASP A 1 24  ? 7.745   -4.827  -6.570  1.00 11.57 ? 24  ASP A CB  1 
ATOM   164 C  CG  . ASP A 1 24  ? 7.815   -4.065  -7.864  1.00 13.94 ? 24  ASP A CG  1 
ATOM   165 O  OD1 . ASP A 1 24  ? 6.747   -3.774  -8.442  1.00 15.29 ? 24  ASP A OD1 1 
ATOM   166 O  OD2 . ASP A 1 24  ? 8.943   -3.753  -8.302  1.00 18.36 ? 24  ASP A OD2 1 
ATOM   167 N  N   . ILE A 1 25  ? 5.343   -6.254  -4.932  1.00 8.30  ? 25  ILE A N   1 
ATOM   168 C  CA  . ILE A 1 25  ? 5.071   -7.407  -4.092  1.00 9.43  ? 25  ILE A CA  1 
ATOM   169 C  C   . ILE A 1 25  ? 5.404   -8.655  -4.887  1.00 10.63 ? 25  ILE A C   1 
ATOM   170 O  O   . ILE A 1 25  ? 4.873   -8.878  -5.976  1.00 10.83 ? 25  ILE A O   1 
ATOM   171 C  CB  . ILE A 1 25  ? 3.591   -7.481  -3.645  1.00 10.71 ? 25  ILE A CB  1 
ATOM   172 C  CG1 . ILE A 1 25  ? 3.133   -6.132  -3.089  1.00 11.58 ? 25  ILE A CG1 1 
ATOM   173 C  CG2 . ILE A 1 25  ? 3.409   -8.577  -2.602  1.00 10.60 ? 25  ILE A CG2 1 
ATOM   174 C  CD1 . ILE A 1 25  ? 1.643   -6.060  -2.860  1.00 13.27 ? 25  ILE A CD1 1 
ATOM   175 N  N   . ALA A 1 26  ? 6.367   -9.411  -4.389  1.00 10.79 ? 26  ALA A N   1 
ATOM   176 C  CA  . ALA A 1 26  ? 6.845   -10.582 -5.106  1.00 12.46 ? 26  ALA A CA  1 
ATOM   177 C  C   . ALA A 1 26  ? 7.520   -11.511 -4.110  1.00 13.68 ? 26  ALA A C   1 
ATOM   178 O  O   . ALA A 1 26  ? 8.006   -11.063 -3.075  1.00 12.70 ? 26  ALA A O   1 
ATOM   179 C  CB  . ALA A 1 26  ? 7.829   -10.166 -6.199  1.00 13.91 ? 26  ALA A CB  1 
ATOM   180 N  N   . LYS A 1 27  ? 7.421   -12.812 -4.360  1.00 15.22 ? 27  LYS A N   1 
ATOM   181 C  CA  . LYS A 1 27  ? 8.018   -13.818 -3.481  1.00 16.54 ? 27  LYS A CA  1 
ATOM   182 C  C   . LYS A 1 27  ? 7.429   -13.782 -2.065  1.00 15.94 ? 27  LYS A C   1 
ATOM   183 O  O   . LYS A 1 27  ? 8.152   -13.935 -1.075  1.00 15.32 ? 27  LYS A O   1 
ATOM   184 C  CB  . LYS A 1 27  ? 9.538   -13.624 -3.412  1.00 17.76 ? 27  LYS A CB  1 
ATOM   185 C  CG  . LYS A 1 27  ? 10.240  -13.580 -4.757  1.00 22.51 ? 27  LYS A CG  1 
ATOM   186 C  CD  . LYS A 1 27  ? 11.687  -13.152 -4.587  1.00 24.60 ? 27  LYS A CD  1 
ATOM   187 C  CE  . LYS A 1 27  ? 12.342  -12.922 -5.933  1.00 27.60 ? 27  LYS A CE  1 
ATOM   188 N  NZ  . LYS A 1 27  ? 13.805  -12.666 -5.803  1.00 30.17 ? 27  LYS A NZ  1 
ATOM   189 N  N   . MET A 1 28  ? 6.127   -13.514 -1.977  1.00 14.23 ? 28  MET A N   1 
ATOM   190 C  CA  . MET A 1 28  ? 5.423   -13.393 -0.698  1.00 13.01 ? 28  MET A CA  1 
ATOM   191 C  C   . MET A 1 28  ? 6.056   -12.388 0.266   1.00 13.29 ? 28  MET A C   1 
ATOM   192 O  O   . MET A 1 28  ? 6.046   -12.576 1.480   1.00 14.17 ? 28  MET A O   1 
ATOM   193 C  CB  . MET A 1 28  ? 5.311   -14.761 -0.022  1.00 14.68 ? 28  MET A CB  1 
ATOM   194 C  CG  . MET A 1 28  ? 4.599   -15.814 -0.859  1.00 17.38 ? 28  MET A CG  1 
ATOM   195 S  SD  . MET A 1 28  ? 2.847   -15.471 -1.112  1.00 19.87 ? 28  MET A SD  1 
ATOM   196 C  CE  . MET A 1 28  ? 2.276   -15.591 0.534   1.00 19.71 ? 28  MET A CE  1 
ATOM   197 N  N   . LYS A 1 29  ? 6.573   -11.293 -0.278  1.00 13.18 ? 29  LYS A N   1 
ATOM   198 C  CA  . LYS A 1 29  ? 7.059   -10.192 0.550   1.00 13.22 ? 29  LYS A CA  1 
ATOM   199 C  C   . LYS A 1 29  ? 6.875   -8.834  -0.128  1.00 11.80 ? 29  LYS A C   1 
ATOM   200 O  O   . LYS A 1 29  ? 6.830   -8.731  -1.357  1.00 11.04 ? 29  LYS A O   1 
ATOM   201 C  CB  . LYS A 1 29  ? 8.539   -10.402 0.887   1.00 16.17 ? 29  LYS A CB  1 
ATOM   202 C  CG  . LYS A 1 29  ? 9.483   -10.107 -0.256  1.00 21.36 ? 29  LYS A CG  1 
ATOM   203 C  CD  . LYS A 1 29  ? 10.891  -10.606 0.051   1.00 25.61 ? 29  LYS A CD  1 
ATOM   204 C  CE  . LYS A 1 29  ? 11.947  -9.540  -0.244  1.00 28.44 ? 29  LYS A CE  1 
ATOM   205 N  NZ  . LYS A 1 29  ? 12.171  -9.285  -1.693  1.00 29.39 ? 29  LYS A NZ  1 
ATOM   206 N  N   . TYR A 1 30  ? 6.751   -7.790  0.683   1.00 10.94 ? 30  TYR A N   1 
ATOM   207 C  CA  . TYR A 1 30  ? 6.859   -6.426  0.181   1.00 9.99  ? 30  TYR A CA  1 
ATOM   208 C  C   . TYR A 1 30  ? 8.339   -6.117  -0.067  1.00 10.78 ? 30  TYR A C   1 
ATOM   209 O  O   . TYR A 1 30  ? 9.172   -6.262  0.831   1.00 10.33 ? 30  TYR A O   1 
ATOM   210 C  CB  . TYR A 1 30  ? 6.271   -5.455  1.213   1.00 9.90  ? 30  TYR A CB  1 
ATOM   211 C  CG  . TYR A 1 30  ? 4.837   -5.762  1.575   1.00 8.22  ? 30  TYR A CG  1 
ATOM   212 C  CD1 . TYR A 1 30  ? 3.807   -5.562  0.647   1.00 8.11  ? 30  TYR A CD1 1 
ATOM   213 C  CD2 . TYR A 1 30  ? 4.498   -6.193  2.856   1.00 7.88  ? 30  TYR A CD2 1 
ATOM   214 C  CE1 . TYR A 1 30  ? 2.473   -5.770  0.996   1.00 7.89  ? 30  TYR A CE1 1 
ATOM   215 C  CE2 . TYR A 1 30  ? 3.163   -6.407  3.214   1.00 7.34  ? 30  TYR A CE2 1 
ATOM   216 C  CZ  . TYR A 1 30  ? 2.158   -6.188  2.284   1.00 8.22  ? 30  TYR A CZ  1 
ATOM   217 O  OH  . TYR A 1 30  ? 0.839   -6.304  2.669   1.00 9.13  ? 30  TYR A OH  1 
ATOM   218 N  N   . GLU A 1 31  ? 8.690   -5.797  -1.302  1.00 10.31 ? 31  GLU A N   1 
ATOM   219 C  CA  . GLU A 1 31  ? 10.099  -5.683  -1.662  1.00 12.96 ? 31  GLU A CA  1 
ATOM   220 C  C   . GLU A 1 31  ? 10.836  -4.534  -0.981  1.00 12.16 ? 31  GLU A C   1 
ATOM   221 O  O   . GLU A 1 31  ? 12.056  -4.580  -0.821  1.00 12.65 ? 31  GLU A O   1 
ATOM   222 C  CB  . GLU A 1 31  ? 10.262  -5.587  -3.182  1.00 15.14 ? 31  GLU A CB  1 
ATOM   223 C  CG  . GLU A 1 31  ? 10.092  -6.941  -3.858  1.00 19.99 ? 31  GLU A CG  1 
ATOM   224 C  CD  . GLU A 1 31  ? 10.692  -7.012  -5.251  1.00 23.07 ? 31  GLU A CD  1 
ATOM   225 O  OE1 . GLU A 1 31  ? 11.296  -6.017  -5.715  1.00 22.42 ? 31  GLU A OE1 1 
ATOM   226 O  OE2 . GLU A 1 31  ? 10.572  -8.090  -5.877  1.00 26.24 ? 31  GLU A OE2 1 
ATOM   227 N  N   . THR A 1 32  ? 10.101  -3.494  -0.602  1.00 11.26 ? 32  THR A N   1 
ATOM   228 C  CA  . THR A 1 32  ? 10.661  -2.411  0.209   1.00 10.04 ? 32  THR A CA  1 
ATOM   229 C  C   . THR A 1 32  ? 9.849   -2.328  1.504   1.00 11.01 ? 32  THR A C   1 
ATOM   230 O  O   . THR A 1 32  ? 8.787   -1.712  1.543   1.00 10.99 ? 32  THR A O   1 
ATOM   231 C  CB  . THR A 1 32  ? 10.591  -1.049  -0.546  1.00 11.04 ? 32  THR A CB  1 
ATOM   232 O  OG1 . THR A 1 32  ? 11.275  -1.163  -1.803  1.00 11.96 ? 32  THR A OG1 1 
ATOM   233 C  CG2 . THR A 1 32  ? 11.242  0.067   0.271   1.00 10.28 ? 32  THR A CG2 1 
ATOM   234 N  N   . PRO A 1 33  ? 10.260  -3.080  2.533   1.00 10.63 ? 33  PRO A N   1 
ATOM   235 C  CA  . PRO A 1 33  ? 9.455   -3.204  3.754   1.00 11.22 ? 33  PRO A CA  1 
ATOM   236 C  C   . PRO A 1 33  ? 9.466   -1.967  4.651   1.00 10.67 ? 33  PRO A C   1 
ATOM   237 O  O   . PRO A 1 33  ? 8.628   -1.840  5.543   1.00 11.56 ? 33  PRO A O   1 
ATOM   238 C  CB  . PRO A 1 33  ? 10.068  -4.408  4.458   1.00 12.18 ? 33  PRO A CB  1 
ATOM   239 C  CG  . PRO A 1 33  ? 11.460  -4.409  3.991   1.00 12.94 ? 33  PRO A CG  1 
ATOM   240 C  CD  . PRO A 1 33  ? 11.387  -4.023  2.543   1.00 11.26 ? 33  PRO A CD  1 
ATOM   241 N  N   . GLU A 1 34  ? 10.445  -1.088  4.459   1.00 10.97 ? 34  GLU A N   1 
ATOM   242 C  CA  . GLU A 1 34  ? 10.417  0.205   5.124   1.00 11.57 ? 34  GLU A CA  1 
ATOM   243 C  C   . GLU A 1 34  ? 10.650  1.319   4.128   1.00 11.44 ? 34  GLU A C   1 
ATOM   244 O  O   . GLU A 1 34  ? 11.726  1.451   3.558   1.00 12.09 ? 34  GLU A O   1 
ATOM   245 C  CB  . GLU A 1 34  ? 11.456  0.282   6.235   1.00 15.45 ? 34  GLU A CB  1 
ATOM   246 C  CG  . GLU A 1 34  ? 11.353  1.553   7.058   1.00 20.40 ? 34  GLU A CG  1 
ATOM   247 C  CD  . GLU A 1 34  ? 12.440  1.655   8.105   1.00 26.09 ? 34  GLU A CD  1 
ATOM   248 O  OE1 . GLU A 1 34  ? 12.455  0.819   9.035   1.00 29.75 ? 34  GLU A OE1 1 
ATOM   249 O  OE2 . GLU A 1 34  ? 13.308  2.541   7.974   1.00 27.29 ? 34  GLU A OE2 1 
ATOM   250 N  N   . LEU A 1 35  ? 9.592   2.063   3.853   1.00 10.46 ? 35  LEU A N   1 
ATOM   251 C  CA  . LEU A 1 35  ? 9.617   3.055   2.797   1.00 11.20 ? 35  LEU A CA  1 
ATOM   252 C  C   . LEU A 1 35  ? 9.492   4.436   3.434   1.00 11.27 ? 35  LEU A C   1 
ATOM   253 O  O   . LEU A 1 35  ? 8.667   4.627   4.322   1.00 12.46 ? 35  LEU A O   1 
ATOM   254 C  CB  . LEU A 1 35  ? 8.449   2.790   1.833   1.00 11.29 ? 35  LEU A CB  1 
ATOM   255 C  CG  . LEU A 1 35  ? 8.291   3.784   0.687   1.00 13.35 ? 35  LEU A CG  1 
ATOM   256 C  CD1 . LEU A 1 35  ? 9.390   3.568   -0.344  1.00 11.51 ? 35  LEU A CD1 1 
ATOM   257 C  CD2 . LEU A 1 35  ? 6.903   3.635   0.053   1.00 12.80 ? 35  LEU A CD2 1 
ATOM   258 N  N   . HIS A 1 36  ? 10.377  5.359   3.063   1.00 11.18 ? 36  HIS A N   1 
ATOM   259 C  CA  . HIS A 1 36  ? 10.330  6.729   3.576   1.00 11.37 ? 36  HIS A CA  1 
ATOM   260 C  C   . HIS A 1 36  ? 9.874   7.695   2.488   1.00 12.10 ? 36  HIS A C   1 
ATOM   261 O  O   . HIS A 1 36  ? 10.478  7.761   1.411   1.00 12.12 ? 36  HIS A O   1 
ATOM   262 C  CB  . HIS A 1 36  ? 11.707  7.153   4.102   1.00 11.92 ? 36  HIS A CB  1 
ATOM   263 C  CG  . HIS A 1 36  ? 12.142  6.407   5.329   1.00 13.48 ? 36  HIS A CG  1 
ATOM   264 N  ND1 . HIS A 1 36  ? 12.245  7.004   6.566   1.00 14.64 ? 36  HIS A ND1 1 
ATOM   265 C  CD2 . HIS A 1 36  ? 12.463  5.104   5.517   1.00 15.15 ? 36  HIS A CD2 1 
ATOM   266 C  CE1 . HIS A 1 36  ? 12.610  6.105   7.465   1.00 14.25 ? 36  HIS A CE1 1 
ATOM   267 N  NE2 . HIS A 1 36  ? 12.754  4.946   6.853   1.00 14.71 ? 36  HIS A NE2 1 
ATOM   268 N  N   . VAL A 1 37  ? 8.748   8.366   2.728   1.00 10.74 ? 37  VAL A N   1 
ATOM   269 C  CA  . VAL A 1 37  ? 8.206   9.313   1.756   1.00 11.72 ? 37  VAL A CA  1 
ATOM   270 C  C   . VAL A 1 37  ? 7.912   10.658  2.409   1.00 11.99 ? 37  VAL A C   1 
ATOM   271 O  O   . VAL A 1 37  ? 8.035   10.806  3.623   1.00 13.21 ? 37  VAL A O   1 
ATOM   272 C  CB  . VAL A 1 37  ? 6.897   8.783   1.079   1.00 11.42 ? 37  VAL A CB  1 
ATOM   273 C  CG1 . VAL A 1 37  ? 7.173   7.467   0.350   1.00 11.79 ? 37  VAL A CG1 1 
ATOM   274 C  CG2 . VAL A 1 37  ? 5.792   8.603   2.119   1.00 10.78 ? 37  VAL A CG2 1 
ATOM   275 N  N   . LYS A 1 38  ? 7.507   11.623  1.596   1.00 13.17 ? 38  LYS A N   1 
ATOM   276 C  CA  . LYS A 1 38  ? 7.194   12.966  2.074   1.00 14.04 ? 38  LYS A CA  1 
ATOM   277 C  C   . LYS A 1 38  ? 5.688   13.155  2.169   1.00 13.52 ? 38  LYS A C   1 
ATOM   278 O  O   . LYS A 1 38  ? 4.926   12.488  1.471   1.00 12.82 ? 38  LYS A O   1 
ATOM   279 C  CB  . LYS A 1 38  ? 7.781   14.010  1.122   1.00 15.18 ? 38  LYS A CB  1 
ATOM   280 C  CG  . LYS A 1 38  ? 9.263   13.806  0.815   1.00 20.70 ? 38  LYS A CG  1 
ATOM   281 C  CD  . LYS A 1 38  ? 9.720   14.608  -0.404  1.00 25.00 ? 38  LYS A CD  1 
ATOM   282 C  CE  . LYS A 1 38  ? 8.917   14.284  -1.676  1.00 28.43 ? 38  LYS A CE  1 
ATOM   283 N  NZ  . LYS A 1 38  ? 9.102   12.888  -2.204  1.00 27.73 ? 38  LYS A NZ  1 
ATOM   284 N  N   . VAL A 1 39  ? 5.250   14.058  3.038   1.00 13.02 ? 39  VAL A N   1 
ATOM   285 C  CA  . VAL A 1 39  ? 3.838   14.429  3.094   1.00 12.96 ? 39  VAL A CA  1 
ATOM   286 C  C   . VAL A 1 39  ? 3.307   14.819  1.711   1.00 12.10 ? 39  VAL A C   1 
ATOM   287 O  O   . VAL A 1 39  ? 3.975   15.528  0.957   1.00 12.80 ? 39  VAL A O   1 
ATOM   288 C  CB  . VAL A 1 39  ? 3.617   15.597  4.081   1.00 12.75 ? 39  VAL A CB  1 
ATOM   289 C  CG1 . VAL A 1 39  ? 2.177   16.107  3.988   1.00 13.93 ? 39  VAL A CG1 1 
ATOM   290 C  CG2 . VAL A 1 39  ? 3.932   15.131  5.494   1.00 14.09 ? 39  VAL A CG2 1 
ATOM   291 N  N   . GLY A 1 40  ? 2.180   14.229  1.334   1.00 10.27 ? 40  GLY A N   1 
ATOM   292 C  CA  . GLY A 1 40  ? 1.604   14.488  0.028   1.00 11.07 ? 40  GLY A CA  1 
ATOM   293 C  C   . GLY A 1 40  ? 1.978   13.479  -1.048  1.00 11.90 ? 40  GLY A C   1 
ATOM   294 O  O   . GLY A 1 40  ? 1.451   13.523  -2.159  1.00 13.74 ? 40  GLY A O   1 
ATOM   295 N  N   . ASP A 1 41  ? 2.917   12.595  -0.738  1.00 10.58 ? 41  ASP A N   1 
ATOM   296 C  CA  . ASP A 1 41  ? 3.324   11.557  -1.672  1.00 12.14 ? 41  ASP A CA  1 
ATOM   297 C  C   . ASP A 1 41  ? 2.294   10.448  -1.817  1.00 9.85  ? 41  ASP A C   1 
ATOM   298 O  O   . ASP A 1 41  ? 1.634   10.061  -0.847  1.00 10.58 ? 41  ASP A O   1 
ATOM   299 C  CB  . ASP A 1 41  ? 4.661   10.946  -1.244  1.00 12.82 ? 41  ASP A CB  1 
ATOM   300 C  CG  . ASP A 1 41  ? 5.860   11.768  -1.690  1.00 14.84 ? 41  ASP A CG  1 
ATOM   301 O  OD1 . ASP A 1 41  ? 5.700   12.731  -2.473  1.00 16.76 ? 41  ASP A OD1 1 
ATOM   302 O  OD2 . ASP A 1 41  ? 6.976   11.435  -1.259  1.00 15.43 ? 41  ASP A OD2 1 
ATOM   303 N  N   . THR A 1 42  ? 2.173   9.941   -3.040  1.00 10.89 ? 42  THR A N   1 
ATOM   304 C  CA  . THR A 1 42  ? 1.339   8.771   -3.319  1.00 10.21 ? 42  THR A CA  1 
ATOM   305 C  C   . THR A 1 42  ? 2.206   7.527   -3.456  1.00 8.68  ? 42  THR A C   1 
ATOM   306 O  O   . THR A 1 42  ? 3.151   7.495   -4.238  1.00 10.08 ? 42  THR A O   1 
ATOM   307 C  CB  . THR A 1 42  ? 0.533   8.943   -4.632  1.00 12.64 ? 42  THR A CB  1 
ATOM   308 O  OG1 . THR A 1 42  ? -0.288  10.115  -4.535  1.00 12.95 ? 42  THR A OG1 1 
ATOM   309 C  CG2 . THR A 1 42  ? -0.348  7.712   -4.894  1.00 10.82 ? 42  THR A CG2 1 
ATOM   310 N  N   . VAL A 1 43  ? 1.895   6.526   -2.654  1.00 8.58  ? 43  VAL A N   1 
ATOM   311 C  CA  . VAL A 1 43  ? 2.564   5.235   -2.717  1.00 8.36  ? 43  VAL A CA  1 
ATOM   312 C  C   . VAL A 1 43  ? 1.664   4.261   -3.492  1.00 8.09  ? 43  VAL A C   1 
ATOM   313 O  O   . VAL A 1 43  ? 0.455   4.195   -3.247  1.00 7.51  ? 43  VAL A O   1 
ATOM   314 C  CB  . VAL A 1 43  ? 2.813   4.682   -1.283  1.00 8.03  ? 43  VAL A CB  1 
ATOM   315 C  CG1 . VAL A 1 43  ? 3.452   3.291   -1.346  1.00 9.85  ? 43  VAL A CG1 1 
ATOM   316 C  CG2 . VAL A 1 43  ? 3.705   5.640   -0.509  1.00 10.91 ? 43  VAL A CG2 1 
ATOM   317 N  N   . THR A 1 44  ? 2.267   3.456   -4.362  1.00 7.01  ? 44  THR A N   1 
ATOM   318 C  CA  . THR A 1 44  ? 1.526   2.467   -5.151  1.00 7.74  ? 44  THR A CA  1 
ATOM   319 C  C   . THR A 1 44  ? 2.142   1.075   -4.994  1.00 7.25  ? 44  THR A C   1 
ATOM   320 O  O   . THR A 1 44  ? 3.345   0.891   -5.210  1.00 9.11  ? 44  THR A O   1 
ATOM   321 C  CB  . THR A 1 44  ? 1.515   2.850   -6.649  1.00 7.66  ? 44  THR A CB  1 
ATOM   322 O  OG1 . THR A 1 44  ? 0.895   4.129   -6.799  1.00 9.11  ? 44  THR A OG1 1 
ATOM   323 C  CG2 . THR A 1 44  ? 0.735   1.837   -7.484  1.00 7.98  ? 44  THR A CG2 1 
ATOM   324 N  N   . TRP A 1 45  ? 1.357   0.148   -4.470  1.00 6.35  ? 45  TRP A N   1 
ATOM   325 C  CA  . TRP A 1 45  ? 1.781   -1.247  -4.400  1.00 7.05  ? 45  TRP A CA  1 
ATOM   326 C  C   . TRP A 1 45  ? 1.381   -1.977  -5.677  1.00 7.66  ? 45  TRP A C   1 
ATOM   327 O  O   . TRP A 1 45  ? 0.293   -1.755  -6.210  1.00 8.62  ? 45  TRP A O   1 
ATOM   328 C  CB  . TRP A 1 45  ? 1.141   -1.945  -3.198  1.00 7.53  ? 45  TRP A CB  1 
ATOM   329 C  CG  . TRP A 1 45  ? 1.679   -1.484  -1.866  1.00 8.27  ? 45  TRP A CG  1 
ATOM   330 C  CD1 . TRP A 1 45  ? 2.673   -2.072  -1.135  1.00 7.36  ? 45  TRP A CD1 1 
ATOM   331 C  CD2 . TRP A 1 45  ? 1.236   -0.351  -1.102  1.00 7.81  ? 45  TRP A CD2 1 
ATOM   332 N  NE1 . TRP A 1 45  ? 2.883   -1.374  0.030   1.00 7.46  ? 45  TRP A NE1 1 
ATOM   333 C  CE2 . TRP A 1 45  ? 2.009   -0.316  0.081   1.00 8.11  ? 45  TRP A CE2 1 
ATOM   334 C  CE3 . TRP A 1 45  ? 0.264   0.646   -1.304  1.00 8.85  ? 45  TRP A CE3 1 
ATOM   335 C  CZ2 . TRP A 1 45  ? 1.845   0.668   1.058   1.00 9.34  ? 45  TRP A CZ2 1 
ATOM   336 C  CZ3 . TRP A 1 45  ? 0.103   1.629   -0.326  1.00 8.59  ? 45  TRP A CZ3 1 
ATOM   337 C  CH2 . TRP A 1 45  ? 0.893   1.627   0.837   1.00 8.66  ? 45  TRP A CH2 1 
ATOM   338 N  N   . ILE A 1 46  ? 2.281   -2.799  -6.202  1.00 8.39  ? 46  ILE A N   1 
ATOM   339 C  CA  . ILE A 1 46  ? 1.977   -3.568  -7.399  1.00 9.44  ? 46  ILE A CA  1 
ATOM   340 C  C   . ILE A 1 46  ? 2.209   -5.050  -7.124  1.00 9.81  ? 46  ILE A C   1 
ATOM   341 O  O   . ILE A 1 46  ? 3.306   -5.439  -6.716  1.00 10.78 ? 46  ILE A O   1 
ATOM   342 C  CB  . ILE A 1 46  ? 2.858   -3.131  -8.606  1.00 9.96  ? 46  ILE A CB  1 
ATOM   343 C  CG1 . ILE A 1 46  ? 2.743   -1.611  -8.847  1.00 10.91 ? 46  ILE A CG1 1 
ATOM   344 C  CG2 . ILE A 1 46  ? 2.432   -3.896  -9.861  1.00 11.05 ? 46  ILE A CG2 1 
ATOM   345 C  CD1 . ILE A 1 46  ? 3.384   -1.116  -10.165 1.00 9.53  ? 46  ILE A CD1 1 
ATOM   346 N  N   . ASN A 1 47  ? 1.166   -5.862  -7.269  1.00 9.58  ? 47  ASN A N   1 
ATOM   347 C  CA  . ASN A 1 47  ? 1.316   -7.310  -7.095  1.00 10.49 ? 47  ASN A CA  1 
ATOM   348 C  C   . ASN A 1 47  ? 1.901   -7.953  -8.351  1.00 12.15 ? 47  ASN A C   1 
ATOM   349 O  O   . ASN A 1 47  ? 1.342   -7.811  -9.441  1.00 12.88 ? 47  ASN A O   1 
ATOM   350 C  CB  . ASN A 1 47  ? -0.025  -7.960  -6.771  1.00 9.12  ? 47  ASN A CB  1 
ATOM   351 C  CG  . ASN A 1 47  ? 0.112   -9.433  -6.456  1.00 9.68  ? 47  ASN A CG  1 
ATOM   352 O  OD1 . ASN A 1 47  ? 1.218   -9.946  -6.333  1.00 12.09 ? 47  ASN A OD1 1 
ATOM   353 N  ND2 . ASN A 1 47  ? -1.001  -10.110 -6.297  1.00 10.29 ? 47  ASN A ND2 1 
ATOM   354 N  N   . ARG A 1 48  ? 3.044   -8.622  -8.209  1.00 12.94 ? 48  ARG A N   1 
ATOM   355 C  CA  . ARG A 1 48  ? 3.730   -9.202  -9.361  1.00 14.71 ? 48  ARG A CA  1 
ATOM   356 C  C   . ARG A 1 48  ? 3.557   -10.720 -9.462  1.00 15.88 ? 48  ARG A C   1 
ATOM   357 O  O   . ARG A 1 48  ? 4.118   -11.352 -10.356 1.00 17.87 ? 48  ARG A O   1 
ATOM   358 C  CB  . ARG A 1 48  ? 5.223   -8.879  -9.311  1.00 14.36 ? 48  ARG A CB  1 
ATOM   359 C  CG  . ARG A 1 48  ? 5.551   -7.407  -9.218  1.00 14.88 ? 48  ARG A CG  1 
ATOM   360 C  CD  . ARG A 1 48  ? 5.179   -6.670  -10.497 1.00 17.27 ? 48  ARG A CD  1 
ATOM   361 N  NE  . ARG A 1 48  ? 5.747   -5.325  -10.512 1.00 16.78 ? 48  ARG A NE  1 
ATOM   362 C  CZ  . ARG A 1 48  ? 5.615   -4.453  -11.504 1.00 17.33 ? 48  ARG A CZ  1 
ATOM   363 N  NH1 . ARG A 1 48  ? 4.957   -4.786  -12.605 1.00 18.36 ? 48  ARG A NH1 1 
ATOM   364 N  NH2 . ARG A 1 48  ? 6.148   -3.242  -11.390 1.00 17.04 ? 48  ARG A NH2 1 
ATOM   365 N  N   . GLU A 1 49  ? 2.767   -11.308 -8.574  1.00 16.65 ? 49  GLU A N   1 
ATOM   366 C  CA  . GLU A 1 49  ? 2.572   -12.752 -8.613  1.00 17.48 ? 49  GLU A CA  1 
ATOM   367 C  C   . GLU A 1 49  ? 1.117   -13.206 -8.596  1.00 18.39 ? 49  GLU A C   1 
ATOM   368 O  O   . GLU A 1 49  ? 0.203   -12.403 -8.410  1.00 17.51 ? 49  GLU A O   1 
ATOM   369 C  CB  . GLU A 1 49  ? 3.361   -13.429 -7.481  1.00 17.80 ? 49  GLU A CB  1 
ATOM   370 C  CG  . GLU A 1 49  ? 3.062   -12.929 -6.090  1.00 15.07 ? 49  GLU A CG  1 
ATOM   371 C  CD  . GLU A 1 49  ? 4.045   -13.469 -5.057  1.00 17.03 ? 49  GLU A CD  1 
ATOM   372 O  OE1 . GLU A 1 49  ? 5.040   -14.123 -5.441  1.00 18.61 ? 49  GLU A OE1 1 
ATOM   373 O  OE2 . GLU A 1 49  ? 3.829   -13.236 -3.851  1.00 14.47 ? 49  GLU A OE2 1 
ATOM   374 N  N   . ALA A 1 50  ? 0.913   -14.500 -8.846  1.00 18.95 ? 50  ALA A N   1 
ATOM   375 C  CA  . ALA A 1 50  ? -0.425  -15.072 -9.009  1.00 18.47 ? 50  ALA A CA  1 
ATOM   376 C  C   . ALA A 1 50  ? -1.249  -15.050 -7.732  1.00 18.44 ? 50  ALA A C   1 
ATOM   377 O  O   . ALA A 1 50  ? -2.476  -15.058 -7.792  1.00 20.50 ? 50  ALA A O   1 
ATOM   378 C  CB  . ALA A 1 50  ? -0.330  -16.504 -9.529  1.00 17.93 ? 50  ALA A CB  1 
ATOM   379 N  N   . MET A 1 51  ? -0.590  -15.194 -6.586  1.00 17.49 ? 51  MET A N   1 
ATOM   380 C  CA  . MET A 1 51  ? -1.298  -15.178 -5.310  1.00 17.20 ? 51  MET A CA  1 
ATOM   381 C  C   . MET A 1 51  ? -1.785  -13.755 -5.042  1.00 15.55 ? 51  MET A C   1 
ATOM   382 O  O   . MET A 1 51  ? -1.012  -12.805 -5.162  1.00 14.45 ? 51  MET A O   1 
ATOM   383 C  CB  . MET A 1 51  ? -0.367  -15.632 -4.184  1.00 20.83 ? 51  MET A CB  1 
ATOM   384 C  CG  . MET A 1 51  ? -1.070  -15.870 -2.855  1.00 26.10 ? 51  MET A CG  1 
ATOM   385 S  SD  . MET A 1 51  ? -2.233  -17.275 -2.860  1.00 33.18 ? 51  MET A SD  1 
ATOM   386 C  CE  . MET A 1 51  ? -1.284  -18.496 -1.934  1.00 30.39 ? 51  MET A CE  1 
ATOM   387 N  N   . PRO A 1 52  ? -3.069  -13.590 -4.683  1.00 14.68 ? 52  PRO A N   1 
ATOM   388 C  CA  . PRO A 1 52  ? -3.571  -12.242 -4.381  1.00 13.88 ? 52  PRO A CA  1 
ATOM   389 C  C   . PRO A 1 52  ? -2.949  -11.658 -3.106  1.00 13.08 ? 52  PRO A C   1 
ATOM   390 O  O   . PRO A 1 52  ? -2.758  -12.361 -2.117  1.00 13.06 ? 52  PRO A O   1 
ATOM   391 C  CB  . PRO A 1 52  ? -5.086  -12.441 -4.227  1.00 15.61 ? 52  PRO A CB  1 
ATOM   392 C  CG  . PRO A 1 52  ? -5.373  -13.789 -4.840  1.00 16.80 ? 52  PRO A CG  1 
ATOM   393 C  CD  . PRO A 1 52  ? -4.138  -14.600 -4.587  1.00 15.94 ? 52  PRO A CD  1 
ATOM   394 N  N   . HIS A 1 53  ? -2.659  -10.363 -3.127  1.00 10.68 ? 53  HIS A N   1 
ATOM   395 C  CA  . HIS A 1 53  ? -2.167  -9.672  -1.937  1.00 9.37  ? 53  HIS A CA  1 
ATOM   396 C  C   . HIS A 1 53  ? -2.956  -8.388  -1.725  1.00 9.40  ? 53  HIS A C   1 
ATOM   397 O  O   . HIS A 1 53  ? -3.549  -7.847  -2.663  1.00 9.65  ? 53  HIS A O   1 
ATOM   398 C  CB  . HIS A 1 53  ? -0.684  -9.319  -2.083  1.00 9.18  ? 53  HIS A CB  1 
ATOM   399 C  CG  . HIS A 1 53  ? 0.215   -10.513 -2.195  1.00 10.85 ? 53  HIS A CG  1 
ATOM   400 N  ND1 . HIS A 1 53  ? 0.555   -11.267 -1.101  1.00 9.72  ? 53  HIS A ND1 1 
ATOM   401 C  CD2 . HIS A 1 53  ? 0.849   -11.060 -3.266  1.00 11.17 ? 53  HIS A CD2 1 
ATOM   402 C  CE1 . HIS A 1 53  ? 1.362   -12.230 -1.505  1.00 10.11 ? 53  HIS A CE1 1 
ATOM   403 N  NE2 . HIS A 1 53  ? 1.566   -12.144 -2.814  1.00 11.68 ? 53  HIS A NE2 1 
ATOM   404 N  N   . ASN A 1 54  ? -2.879  -7.850  -0.518  1.00 7.99  ? 54  ASN A N   1 
ATOM   405 C  CA  . ASN A 1 54  ? -3.371  -6.504  -0.282  1.00 7.83  ? 54  ASN A CA  1 
ATOM   406 C  C   . ASN A 1 54  ? -2.483  -5.797  0.741   1.00 9.29  ? 54  ASN A C   1 
ATOM   407 O  O   . ASN A 1 54  ? -1.392  -6.281  1.061   1.00 8.95  ? 54  ASN A O   1 
ATOM   408 C  CB  . ASN A 1 54  ? -4.841  -6.547  0.182   1.00 8.01  ? 54  ASN A CB  1 
ATOM   409 C  CG  . ASN A 1 54  ? -4.999  -6.958  1.639   1.00 7.69  ? 54  ASN A CG  1 
ATOM   410 O  OD1 . ASN A 1 54  ? -4.153  -7.656  2.200   1.00 9.91  ? 54  ASN A OD1 1 
ATOM   411 N  ND2 . ASN A 1 54  ? -6.114  -6.575  2.243   1.00 8.70  ? 54  ASN A ND2 1 
ATOM   412 N  N   . VAL A 1 55  ? -2.906  -4.606  1.153   1.00 7.68  ? 55  VAL A N   1 
ATOM   413 C  CA  . VAL A 1 55  ? -2.324  -3.936  2.306   1.00 7.80  ? 55  VAL A CA  1 
ATOM   414 C  C   . VAL A 1 55  ? -3.417  -3.630  3.324   1.00 7.78  ? 55  VAL A C   1 
ATOM   415 O  O   . VAL A 1 55  ? -4.561  -3.333  2.959   1.00 8.81  ? 55  VAL A O   1 
ATOM   416 C  CB  . VAL A 1 55  ? -1.593  -2.625  1.905   1.00 8.34  ? 55  VAL A CB  1 
ATOM   417 C  CG1 . VAL A 1 55  ? -0.415  -2.952  1.020   1.00 9.88  ? 55  VAL A CG1 1 
ATOM   418 C  CG2 . VAL A 1 55  ? -2.542  -1.668  1.184   1.00 9.53  ? 55  VAL A CG2 1 
ATOM   419 N  N   . HIS A 1 56  ? -3.083  -3.774  4.596   1.00 6.02  ? 56  HIS A N   1 
ATOM   420 C  CA  . HIS A 1 56  ? -4.075  -3.714  5.661   1.00 6.88  ? 56  HIS A CA  1 
ATOM   421 C  C   . HIS A 1 56  ? -3.475  -2.950  6.837   1.00 6.92  ? 56  HIS A C   1 
ATOM   422 O  O   . HIS A 1 56  ? -2.403  -3.307  7.334   1.00 7.32  ? 56  HIS A O   1 
ATOM   423 C  CB  . HIS A 1 56  ? -4.450  -5.141  6.062   1.00 7.20  ? 56  HIS A CB  1 
ATOM   424 C  CG  . HIS A 1 56  ? -5.567  -5.239  7.063   1.00 8.19  ? 56  HIS A CG  1 
ATOM   425 N  ND1 . HIS A 1 56  ? -6.205  -6.432  7.332   1.00 9.91  ? 56  HIS A ND1 1 
ATOM   426 C  CD2 . HIS A 1 56  ? -6.064  -4.343  7.949   1.00 9.23  ? 56  HIS A CD2 1 
ATOM   427 C  CE1 . HIS A 1 56  ? -7.033  -6.271  8.348   1.00 10.22 ? 56  HIS A CE1 1 
ATOM   428 N  NE2 . HIS A 1 56  ? -6.967  -5.011  8.740   1.00 10.23 ? 56  HIS A NE2 1 
ATOM   429 N  N   . PHE A 1 57  ? -4.071  -1.797  7.140   1.00 8.28  ? 57  PHE A N   1 
ATOM   430 C  CA  . PHE A 1 57  ? -3.693  -0.967  8.288   1.00 7.44  ? 57  PHE A CA  1 
ATOM   431 C  C   . PHE A 1 57  ? -4.775  -1.131  9.359   1.00 8.94  ? 57  PHE A C   1 
ATOM   432 O  O   . PHE A 1 57  ? -5.955  -0.973  9.066   1.00 11.07 ? 57  PHE A O   1 
ATOM   433 C  CB  . PHE A 1 57  ? -3.605  0.514   7.868   1.00 7.23  ? 57  PHE A CB  1 
ATOM   434 C  CG  . PHE A 1 57  ? -2.583  0.784   6.797   1.00 7.40  ? 57  PHE A CG  1 
ATOM   435 C  CD1 . PHE A 1 57  ? -2.861  0.508   5.459   1.00 7.42  ? 57  PHE A CD1 1 
ATOM   436 C  CD2 . PHE A 1 57  ? -1.347  1.338   7.126   1.00 7.30  ? 57  PHE A CD2 1 
ATOM   437 C  CE1 . PHE A 1 57  ? -1.925  0.774   4.463   1.00 7.09  ? 57  PHE A CE1 1 
ATOM   438 C  CE2 . PHE A 1 57  ? -0.401  1.610   6.137   1.00 7.25  ? 57  PHE A CE2 1 
ATOM   439 C  CZ  . PHE A 1 57  ? -0.696  1.325   4.797   1.00 9.24  ? 57  PHE A CZ  1 
ATOM   440 N  N   . VAL A 1 58  ? -4.404  -1.501  10.575  1.00 8.20  ? 58  VAL A N   1 
ATOM   441 C  CA  . VAL A 1 58  ? -5.432  -1.726  11.596  1.00 9.81  ? 58  VAL A CA  1 
ATOM   442 C  C   . VAL A 1 58  ? -6.017  -0.404  12.096  1.00 9.61  ? 58  VAL A C   1 
ATOM   443 O  O   . VAL A 1 58  ? -5.479  0.668   11.806  1.00 10.04 ? 58  VAL A O   1 
ATOM   444 C  CB  . VAL A 1 58  ? -4.890  -2.527  12.808  1.00 11.54 ? 58  VAL A CB  1 
ATOM   445 C  CG1 . VAL A 1 58  ? -4.275  -3.847  12.332  1.00 11.90 ? 58  VAL A CG1 1 
ATOM   446 C  CG2 . VAL A 1 58  ? -3.879  -1.689  13.585  1.00 12.16 ? 58  VAL A CG2 1 
ATOM   447 N  N   . ALA A 1 59  ? -7.124  -0.486  12.827  1.00 10.15 ? 59  ALA A N   1 
ATOM   448 C  CA  . ALA A 1 59  ? -7.816  0.708   13.313  1.00 11.00 ? 59  ALA A CA  1 
ATOM   449 C  C   . ALA A 1 59  ? -6.898  1.627   14.115  1.00 10.99 ? 59  ALA A C   1 
ATOM   450 O  O   . ALA A 1 59  ? -6.073  1.165   14.904  1.00 11.20 ? 59  ALA A O   1 
ATOM   451 C  CB  . ALA A 1 59  ? -9.006  0.308   14.162  1.00 9.91  ? 59  ALA A CB  1 
ATOM   452 N  N   . GLY A 1 60  ? -7.038  2.931   13.896  1.00 11.48 ? 60  GLY A N   1 
ATOM   453 C  CA  . GLY A 1 60  ? -6.279  3.890   14.675  1.00 12.00 ? 60  GLY A CA  1 
ATOM   454 C  C   . GLY A 1 60  ? -4.932  4.247   14.086  1.00 13.71 ? 60  GLY A C   1 
ATOM   455 O  O   . GLY A 1 60  ? -4.178  5.014   14.694  1.00 15.76 ? 60  GLY A O   1 
ATOM   456 N  N   . VAL A 1 61  ? -4.606  3.672   12.931  1.00 12.05 ? 61  VAL A N   1 
ATOM   457 C  CA  . VAL A 1 61  ? -3.330  3.961   12.275  1.00 12.10 ? 61  VAL A CA  1 
ATOM   458 C  C   . VAL A 1 61  ? -3.458  5.036   11.185  1.00 12.77 ? 61  VAL A C   1 
ATOM   459 O  O   . VAL A 1 61  ? -2.853  6.096   11.292  1.00 14.62 ? 61  VAL A O   1 
ATOM   460 C  CB  . VAL A 1 61  ? -2.694  2.662   11.699  1.00 11.81 ? 61  VAL A CB  1 
ATOM   461 C  CG1 . VAL A 1 61  ? -1.368  2.973   10.991  1.00 11.52 ? 61  VAL A CG1 1 
ATOM   462 C  CG2 . VAL A 1 61  ? -2.465  1.667   12.824  1.00 13.35 ? 61  VAL A CG2 1 
ATOM   463 N  N   . LEU A 1 62  ? -4.261  4.789   10.152  1.00 12.01 ? 62  LEU A N   1 
ATOM   464 C  CA  . LEU A 1 62  ? -4.513  5.829   9.151   1.00 14.35 ? 62  LEU A CA  1 
ATOM   465 C  C   . LEU A 1 62  ? -5.750  6.661   9.477   1.00 14.27 ? 62  LEU A C   1 
ATOM   466 O  O   . LEU A 1 62  ? -6.040  7.657   8.815   1.00 15.72 ? 62  LEU A O   1 
ATOM   467 C  CB  . LEU A 1 62  ? -4.665  5.219   7.755   1.00 15.34 ? 62  LEU A CB  1 
ATOM   468 C  CG  . LEU A 1 62  ? -3.358  4.748   7.131   1.00 16.58 ? 62  LEU A CG  1 
ATOM   469 C  CD1 . LEU A 1 62  ? -3.627  4.173   5.753   1.00 16.81 ? 62  LEU A CD1 1 
ATOM   470 C  CD2 . LEU A 1 62  ? -2.391  5.905   7.062   1.00 16.54 ? 62  LEU A CD2 1 
ATOM   471 N  N   . GLY A 1 63  ? -6.507  6.199   10.462  1.00 14.13 ? 63  GLY A N   1 
ATOM   472 C  CA  . GLY A 1 63  ? -7.734  6.868   10.833  1.00 13.64 ? 63  GLY A CA  1 
ATOM   473 C  C   . GLY A 1 63  ? -8.481  6.024   11.836  1.00 13.28 ? 63  GLY A C   1 
ATOM   474 O  O   . GLY A 1 63  ? -7.944  5.036   12.335  1.00 13.14 ? 63  GLY A O   1 
ATOM   475 N  N   . GLU A 1 64  ? -9.754  6.343   12.044  1.00 12.92 ? 64  GLU A N   1 
ATOM   476 C  CA  . GLU A 1 64  ? -10.549 5.681   13.070  1.00 12.54 ? 64  GLU A CA  1 
ATOM   477 C  C   . GLU A 1 64  ? -10.739 4.199   12.764  1.00 10.95 ? 64  GLU A C   1 
ATOM   478 O  O   . GLU A 1 64  ? -10.537 3.350   13.622  1.00 11.75 ? 64  GLU A O   1 
ATOM   479 C  CB  . GLU A 1 64  ? -11.916 6.362   13.194  1.00 16.04 ? 64  GLU A CB  1 
ATOM   480 C  CG  . GLU A 1 64  ? -11.875 7.770   13.796  1.00 20.79 ? 64  GLU A CG  1 
ATOM   481 C  CD  . GLU A 1 64  ? -11.455 8.859   12.809  1.00 24.67 ? 64  GLU A CD  1 
ATOM   482 O  OE1 . GLU A 1 64  ? -11.481 8.626   11.575  1.00 27.07 ? 64  GLU A OE1 1 
ATOM   483 O  OE2 . GLU A 1 64  ? -11.111 9.969   13.276  1.00 28.20 ? 64  GLU A OE2 1 
ATOM   484 N  N   . ALA A 1 65  ? -11.153 3.897   11.544  1.00 11.46 ? 65  ALA A N   1 
ATOM   485 C  CA  . ALA A 1 65  ? -11.365 2.514   11.131  1.00 11.72 ? 65  ALA A CA  1 
ATOM   486 C  C   . ALA A 1 65  ? -10.097 1.884   10.556  1.00 10.84 ? 65  ALA A C   1 
ATOM   487 O  O   . ALA A 1 65  ? -9.185  2.590   10.115  1.00 11.34 ? 65  ALA A O   1 
ATOM   488 C  CB  . ALA A 1 65  ? -12.469 2.447   10.101  1.00 12.45 ? 65  ALA A CB  1 
ATOM   489 N  N   . ALA A 1 66  ? -10.082 0.559   10.503  1.00 10.34 ? 66  ALA A N   1 
ATOM   490 C  CA  . ALA A 1 66  ? -9.081  -0.167  9.734   1.00 10.73 ? 66  ALA A CA  1 
ATOM   491 C  C   . ALA A 1 66  ? -9.224  0.159   8.255   1.00 12.27 ? 66  ALA A C   1 
ATOM   492 O  O   . ALA A 1 66  ? -10.336 0.371   7.749   1.00 12.91 ? 66  ALA A O   1 
ATOM   493 C  CB  . ALA A 1 66  ? -9.237  -1.666  9.950   1.00 11.28 ? 66  ALA A CB  1 
ATOM   494 N  N   . LEU A 1 67  ? -8.095  0.258   7.569   1.00 10.91 ? 67  LEU A N   1 
ATOM   495 C  CA  . LEU A 1 67  ? -8.104  0.332   6.117   1.00 12.18 ? 67  LEU A CA  1 
ATOM   496 C  C   . LEU A 1 67  ? -7.630  -1.001  5.574   1.00 12.24 ? 67  LEU A C   1 
ATOM   497 O  O   . LEU A 1 67  ? -6.446  -1.312  5.633   1.00 12.59 ? 67  LEU A O   1 
ATOM   498 C  CB  . LEU A 1 67  ? -7.189  1.461   5.628   1.00 13.51 ? 67  LEU A CB  1 
ATOM   499 C  CG  . LEU A 1 67  ? -7.405  1.939   4.187   1.00 17.26 ? 67  LEU A CG  1 
ATOM   500 C  CD1 . LEU A 1 67  ? -6.878  3.350   4.057   1.00 20.55 ? 67  LEU A CD1 1 
ATOM   501 C  CD2 . LEU A 1 67  ? -6.710  1.039   3.198   1.00 17.20 ? 67  LEU A CD2 1 
ATOM   502 N  N   . LYS A 1 68  ? -8.586  -1.846  5.214   1.00 13.11 ? 68  LYS A N   1 
ATOM   503 C  CA  . LYS A 1 68  ? -8.307  -3.120  4.565   1.00 12.94 ? 68  LYS A CA  1 
ATOM   504 C  C   . LYS A 1 68  ? -8.393  -2.931  3.051   1.00 13.50 ? 68  LYS A C   1 
ATOM   505 O  O   . LYS A 1 68  ? -9.483  -2.745  2.510   1.00 12.66 ? 68  LYS A O   1 
ATOM   506 C  CB  . LYS A 1 68  ? -9.328  -4.165  5.024   1.00 15.66 ? 68  LYS A CB  1 
ATOM   507 C  CG  . LYS A 1 68  ? -8.982  -5.592  4.642   1.00 16.98 ? 68  LYS A CG  1 
ATOM   508 C  CD  . LYS A 1 68  ? -10.129 -6.542  4.949   1.00 19.31 ? 68  LYS A CD  1 
ATOM   509 C  CE  . LYS A 1 68  ? -10.290 -6.768  6.437   1.00 18.62 ? 68  LYS A CE  1 
ATOM   510 N  NZ  . LYS A 1 68  ? -11.453 -7.656  6.717   1.00 18.43 ? 68  LYS A NZ  1 
ATOM   511 N  N   . GLY A 1 69  ? -7.236  -2.853  2.397   1.00 11.07 ? 69  GLY A N   1 
ATOM   512 C  CA  . GLY A 1 69  ? -7.208  -2.640  0.963   1.00 11.09 ? 69  GLY A CA  1 
ATOM   513 C  C   . GLY A 1 69  ? -7.819  -3.787  0.163   1.00 11.40 ? 69  GLY A C   1 
ATOM   514 O  O   . GLY A 1 69  ? -7.898  -4.926  0.647   1.00 10.41 ? 69  GLY A O   1 
ATOM   515 N  N   . PRO A 1 70  ? -8.232  -3.531  -1.085  1.00 11.56 ? 70  PRO A N   1 
ATOM   516 C  CA  . PRO A 1 70  ? -8.764  -4.592  -1.943  1.00 11.83 ? 70  PRO A CA  1 
ATOM   517 C  C   . PRO A 1 70  ? -7.680  -5.611  -2.328  1.00 11.89 ? 70  PRO A C   1 
ATOM   518 O  O   . PRO A 1 70  ? -6.506  -5.257  -2.491  1.00 9.93  ? 70  PRO A O   1 
ATOM   519 C  CB  . PRO A 1 70  ? -9.276  -3.827  -3.163  1.00 11.85 ? 70  PRO A CB  1 
ATOM   520 C  CG  . PRO A 1 70  ? -8.349  -2.661  -3.259  1.00 13.57 ? 70  PRO A CG  1 
ATOM   521 C  CD  . PRO A 1 70  ? -8.088  -2.260  -1.821  1.00 11.88 ? 70  PRO A CD  1 
ATOM   522 N  N   . MET A 1 71  ? -8.089  -6.859  -2.517  1.00 11.92 ? 71  MET A N   1 
ATOM   523 C  CA  . MET A 1 71  ? -7.188  -7.887  -3.023  1.00 12.13 ? 71  MET A CA  1 
ATOM   524 C  C   . MET A 1 71  ? -6.744  -7.598  -4.449  1.00 12.15 ? 71  MET A C   1 
ATOM   525 O  O   . MET A 1 71  ? -7.568  -7.330  -5.320  1.00 13.09 ? 71  MET A O   1 
ATOM   526 C  CB  . MET A 1 71  ? -7.870  -9.254  -2.974  1.00 13.53 ? 71  MET A CB  1 
ATOM   527 C  CG  . MET A 1 71  ? -8.261  -9.712  -1.583  1.00 15.37 ? 71  MET A CG  1 
ATOM   528 S  SD  . MET A 1 71  ? -6.934  -9.582  -0.341  1.00 20.13 ? 71  MET A SD  1 
ATOM   529 C  CE  . MET A 1 71  ? -5.703  -10.596 -1.056  1.00 18.32 ? 71  MET A CE  1 
ATOM   530 N  N   . MET A 1 72  ? -5.431  -7.563  -4.656  1.00 11.10 ? 72  MET A N   1 
ATOM   531 C  CA  . MET A 1 72  ? -4.829  -7.291  -5.954  1.00 11.26 ? 72  MET A CA  1 
ATOM   532 C  C   . MET A 1 72  ? -4.487  -8.600  -6.645  1.00 12.09 ? 72  MET A C   1 
ATOM   533 O  O   . MET A 1 72  ? -3.815  -9.448  -6.060  1.00 12.34 ? 72  MET A O   1 
ATOM   534 C  CB  . MET A 1 72  ? -3.536  -6.482  -5.786  1.00 12.34 ? 72  MET A CB  1 
ATOM   535 C  CG  . MET A 1 72  ? -3.726  -5.010  -5.465  1.00 14.43 ? 72  MET A CG  1 
ATOM   536 S  SD  . MET A 1 72  ? -2.148  -4.198  -5.079  1.00 17.56 ? 72  MET A SD  1 
ATOM   537 C  CE  . MET A 1 72  ? -2.036  -4.570  -3.378  1.00 16.53 ? 72  MET A CE  1 
ATOM   538 N  N   . LYS A 1 73  ? -4.923  -8.755  -7.892  1.00 12.06 ? 73  LYS A N   1 
ATOM   539 C  CA  . LYS A 1 73  ? -4.487  -9.883  -8.715  1.00 13.09 ? 73  LYS A CA  1 
ATOM   540 C  C   . LYS A 1 73  ? -3.128  -9.581  -9.335  1.00 12.76 ? 73  LYS A C   1 
ATOM   541 O  O   . LYS A 1 73  ? -2.589  -8.481  -9.168  1.00 11.28 ? 73  LYS A O   1 
ATOM   542 C  CB  . LYS A 1 73  ? -5.504  -10.175 -9.828  1.00 15.43 ? 73  LYS A CB  1 
ATOM   543 C  CG  . LYS A 1 73  ? -6.923  -10.386 -9.339  1.00 22.42 ? 73  LYS A CG  1 
ATOM   544 C  CD  . LYS A 1 73  ? -7.090  -11.750 -8.695  1.00 27.35 ? 73  LYS A CD  1 
ATOM   545 C  CE  . LYS A 1 73  ? -8.339  -11.798 -7.817  1.00 31.58 ? 73  LYS A CE  1 
ATOM   546 N  NZ  . LYS A 1 73  ? -8.657  -13.185 -7.347  1.00 33.84 ? 73  LYS A NZ  1 
ATOM   547 N  N   . LYS A 1 74  ? -2.583  -10.544 -10.076 1.00 13.05 ? 74  LYS A N   1 
ATOM   548 C  CA  . LYS A 1 74  ? -1.285  -10.357 -10.705 1.00 13.98 ? 74  LYS A CA  1 
ATOM   549 C  C   . LYS A 1 74  ? -1.308  -9.156  -11.638 1.00 13.51 ? 74  LYS A C   1 
ATOM   550 O  O   . LYS A 1 74  ? -2.262  -8.968  -12.390 1.00 13.85 ? 74  LYS A O   1 
ATOM   551 C  CB  . LYS A 1 74  ? -0.861  -11.605 -11.487 1.00 16.16 ? 74  LYS A CB  1 
ATOM   552 C  CG  . LYS A 1 74  ? 0.601   -11.552 -11.895 1.00 19.51 ? 74  LYS A CG  1 
ATOM   553 C  CD  . LYS A 1 74  ? 1.016   -12.738 -12.754 1.00 22.84 ? 74  LYS A CD  1 
ATOM   554 C  CE  . LYS A 1 74  ? 2.507   -12.681 -13.060 1.00 25.49 ? 74  LYS A CE  1 
ATOM   555 N  NZ  . LYS A 1 74  ? 3.023   -11.289 -13.212 1.00 28.20 ? 74  LYS A NZ  1 
ATOM   556 N  N   . GLU A 1 75  ? -0.292  -8.310  -11.506 1.00 12.67 ? 75  GLU A N   1 
ATOM   557 C  CA  . GLU A 1 75  ? -0.141  -7.080  -12.281 1.00 13.93 ? 75  GLU A CA  1 
ATOM   558 C  C   . GLU A 1 75  ? -1.274  -6.072  -12.068 1.00 12.40 ? 75  GLU A C   1 
ATOM   559 O  O   . GLU A 1 75  ? -1.586  -5.271  -12.956 1.00 13.66 ? 75  GLU A O   1 
ATOM   560 C  CB  . GLU A 1 75  ? 0.030   -7.391  -13.772 1.00 16.70 ? 75  GLU A CB  1 
ATOM   561 C  CG  . GLU A 1 75  ? 1.297   -8.180  -14.109 1.00 21.51 ? 75  GLU A CG  1 
ATOM   562 C  CD  . GLU A 1 75  ? 2.586   -7.488  -13.677 1.00 25.37 ? 75  GLU A CD  1 
ATOM   563 O  OE1 . GLU A 1 75  ? 2.731   -6.270  -13.913 1.00 27.74 ? 75  GLU A OE1 1 
ATOM   564 O  OE2 . GLU A 1 75  ? 3.496   -8.190  -13.182 1.00 29.44 ? 75  GLU A OE2 1 
ATOM   565 N  N   . GLN A 1 76  ? -1.861  -6.101  -10.874 1.00 11.47 ? 76  GLN A N   1 
ATOM   566 C  CA  . GLN A 1 76  ? -2.743  -5.024  -10.426 1.00 9.46  ? 76  GLN A CA  1 
ATOM   567 C  C   . GLN A 1 76  ? -2.063  -4.179  -9.353  1.00 10.31 ? 76  GLN A C   1 
ATOM   568 O  O   . GLN A 1 76  ? -1.157  -4.649  -8.660  1.00 10.70 ? 76  GLN A O   1 
ATOM   569 C  CB  . GLN A 1 76  ? -4.056  -5.577  -9.879  1.00 8.95  ? 76  GLN A CB  1 
ATOM   570 C  CG  . GLN A 1 76  ? -4.931  -6.225  -10.940 1.00 10.87 ? 76  GLN A CG  1 
ATOM   571 C  CD  . GLN A 1 76  ? -6.367  -6.366  -10.501 1.00 11.57 ? 76  GLN A CD  1 
ATOM   572 O  OE1 . GLN A 1 76  ? -6.658  -6.924  -9.451  1.00 11.58 ? 76  GLN A OE1 1 
ATOM   573 N  NE2 . GLN A 1 76  ? -7.282  -5.824  -11.297 1.00 13.86 ? 76  GLN A NE2 1 
ATOM   574 N  N   . ALA A 1 77  ? -2.518  -2.933  -9.235  1.00 8.46  ? 77  ALA A N   1 
ATOM   575 C  CA  . ALA A 1 77  ? -1.891  -1.926  -8.397  1.00 7.56  ? 77  ALA A CA  1 
ATOM   576 C  C   . ALA A 1 77  ? -2.940  -1.267  -7.519  1.00 7.63  ? 77  ALA A C   1 
ATOM   577 O  O   . ALA A 1 77  ? -4.138  -1.292  -7.824  1.00 7.65  ? 77  ALA A O   1 
ATOM   578 C  CB  . ALA A 1 77  ? -1.220  -0.875  -9.261  1.00 8.35  ? 77  ALA A CB  1 
ATOM   579 N  N   . TYR A 1 78  ? -2.476  -0.612  -6.468  1.00 6.89  ? 78  TYR A N   1 
ATOM   580 C  CA  . TYR A 1 78  ? -3.352  0.085   -5.540  1.00 6.37  ? 78  TYR A CA  1 
ATOM   581 C  C   . TYR A 1 78  ? -2.560  1.201   -4.871  1.00 6.99  ? 78  TYR A C   1 
ATOM   582 O  O   . TYR A 1 78  ? -1.389  1.011   -4.509  1.00 7.28  ? 78  TYR A O   1 
ATOM   583 C  CB  . TYR A 1 78  ? -3.888  -0.891  -4.496  1.00 7.91  ? 78  TYR A CB  1 
ATOM   584 C  CG  . TYR A 1 78  ? -4.757  -0.238  -3.447  1.00 8.37  ? 78  TYR A CG  1 
ATOM   585 C  CD1 . TYR A 1 78  ? -6.059  0.183   -3.752  1.00 8.51  ? 78  TYR A CD1 1 
ATOM   586 C  CD2 . TYR A 1 78  ? -4.301  -0.094  -2.133  1.00 7.79  ? 78  TYR A CD2 1 
ATOM   587 C  CE1 . TYR A 1 78  ? -6.884  0.719   -2.765  1.00 8.85  ? 78  TYR A CE1 1 
ATOM   588 C  CE2 . TYR A 1 78  ? -5.125  0.415   -1.139  1.00 8.57  ? 78  TYR A CE2 1 
ATOM   589 C  CZ  . TYR A 1 78  ? -6.416  0.811   -1.463  1.00 7.79  ? 78  TYR A CZ  1 
ATOM   590 O  OH  . TYR A 1 78  ? -7.261  1.197   -0.462  1.00 12.13 ? 78  TYR A OH  1 
ATOM   591 N  N   . SER A 1 79  ? -3.172  2.376   -4.760  1.00 6.25  ? 79  SER A N   1 
ATOM   592 C  CA  . SER A 1 79  ? -2.467  3.561   -4.278  1.00 6.71  ? 79  SER A CA  1 
ATOM   593 C  C   . SER A 1 79  ? -3.056  4.149   -2.997  1.00 7.49  ? 79  SER A C   1 
ATOM   594 O  O   . SER A 1 79  ? -4.270  4.116   -2.776  1.00 7.36  ? 79  SER A O   1 
ATOM   595 C  CB  . SER A 1 79  ? -2.463  4.655   -5.345  1.00 7.78  ? 79  SER A CB  1 
ATOM   596 O  OG  . SER A 1 79  ? -1.753  4.257   -6.505  1.00 10.47 ? 79  SER A OG  1 
ATOM   597 N  N   . LEU A 1 80  ? -2.179  4.733   -2.186  1.00 7.09  ? 80  LEU A N   1 
ATOM   598 C  CA  . LEU A 1 80  ? -2.582  5.563   -1.051  1.00 7.96  ? 80  LEU A CA  1 
ATOM   599 C  C   . LEU A 1 80  ? -1.789  6.861   -1.059  1.00 7.93  ? 80  LEU A C   1 
ATOM   600 O  O   . LEU A 1 80  ? -0.593  6.852   -1.345  1.00 8.92  ? 80  LEU A O   1 
ATOM   601 C  CB  . LEU A 1 80  ? -2.322  4.839   0.265   1.00 8.28  ? 80  LEU A CB  1 
ATOM   602 C  CG  . LEU A 1 80  ? -3.273  3.693   0.605   1.00 10.47 ? 80  LEU A CG  1 
ATOM   603 C  CD1 . LEU A 1 80  ? -2.853  3.091   1.935   1.00 11.34 ? 80  LEU A CD1 1 
ATOM   604 C  CD2 . LEU A 1 80  ? -4.726  4.201   0.684   1.00 11.02 ? 80  LEU A CD2 1 
ATOM   605 N  N   . THR A 1 81  ? -2.476  7.987   -0.891  1.00 6.67  ? 81  THR A N   1 
ATOM   606 C  CA  . THR A 1 81  ? -1.795  9.278   -0.796  1.00 8.46  ? 81  THR A CA  1 
ATOM   607 C  C   . THR A 1 81  ? -1.726  9.726   0.665   1.00 7.78  ? 81  THR A C   1 
ATOM   608 O  O   . THR A 1 81  ? -2.755  9.882   1.321   1.00 10.33 ? 81  THR A O   1 
ATOM   609 C  CB  . THR A 1 81  ? -2.511  10.364  -1.625  1.00 8.86  ? 81  THR A CB  1 
ATOM   610 O  OG1 . THR A 1 81  ? -2.570  9.962   -3.003  1.00 10.97 ? 81  THR A OG1 1 
ATOM   611 C  CG2 . THR A 1 81  ? -1.754  11.688  -1.509  1.00 10.49 ? 81  THR A CG2 1 
ATOM   612 N  N   . PHE A 1 82  ? -0.519  9.833   1.209   1.00 7.72  ? 82  PHE A N   1 
ATOM   613 C  CA  . PHE A 1 82  ? -0.359  10.131  2.633   1.00 6.51  ? 82  PHE A CA  1 
ATOM   614 C  C   . PHE A 1 82  ? -0.322  11.639  2.877   1.00 8.34  ? 82  PHE A C   1 
ATOM   615 O  O   . PHE A 1 82  ? 0.421   12.358  2.221   1.00 10.07 ? 82  PHE A O   1 
ATOM   616 C  CB  . PHE A 1 82  ? 0.920   9.483   3.175   1.00 8.16  ? 82  PHE A CB  1 
ATOM   617 C  CG  . PHE A 1 82  ? 0.857   7.980   3.221   1.00 7.54  ? 82  PHE A CG  1 
ATOM   618 C  CD1 . PHE A 1 82  ? 1.172   7.220   2.095   1.00 8.45  ? 82  PHE A CD1 1 
ATOM   619 C  CD2 . PHE A 1 82  ? 0.396   7.329   4.353   1.00 7.89  ? 82  PHE A CD2 1 
ATOM   620 C  CE1 . PHE A 1 82  ? 1.005   5.834   2.103   1.00 9.08  ? 82  PHE A CE1 1 
ATOM   621 C  CE2 . PHE A 1 82  ? 0.238   5.947   4.370   1.00 9.07  ? 82  PHE A CE2 1 
ATOM   622 C  CZ  . PHE A 1 82  ? 0.537   5.203   3.243   1.00 9.29  ? 82  PHE A CZ  1 
ATOM   623 N  N   . THR A 1 83  ? -1.185  12.117  3.767   1.00 9.19  ? 83  THR A N   1 
ATOM   624 C  CA  . THR A 1 83  ? -1.414  13.556  3.916   1.00 9.83  ? 83  THR A CA  1 
ATOM   625 C  C   . THR A 1 83  ? -0.919  14.109  5.252   1.00 9.67  ? 83  THR A C   1 
ATOM   626 O  O   . THR A 1 83  ? -0.953  15.324  5.484   1.00 10.46 ? 83  THR A O   1 
ATOM   627 C  CB  . THR A 1 83  ? -2.906  13.873  3.776   1.00 11.04 ? 83  THR A CB  1 
ATOM   628 O  OG1 . THR A 1 83  ? -3.623  13.226  4.837   1.00 13.33 ? 83  THR A OG1 1 
ATOM   629 C  CG2 . THR A 1 83  ? -3.432  13.381  2.421   1.00 11.26 ? 83  THR A CG2 1 
ATOM   630 N  N   . GLU A 1 84  ? -0.405  13.222  6.097   1.00 9.65  ? 84  GLU A N   1 
ATOM   631 C  CA  . GLU A 1 84  ? 0.103   13.612  7.408   1.00 9.83  ? 84  GLU A CA  1 
ATOM   632 C  C   . GLU A 1 84  ? 1.334   12.790  7.782   1.00 10.60 ? 84  GLU A C   1 
ATOM   633 O  O   . GLU A 1 84  ? 1.386   11.585  7.533   1.00 10.18 ? 84  GLU A O   1 
ATOM   634 C  CB  . GLU A 1 84  ? -0.982  13.414  8.473   1.00 11.28 ? 84  GLU A CB  1 
ATOM   635 C  CG  . GLU A 1 84  ? -0.554  13.838  9.876   1.00 15.97 ? 84  GLU A CG  1 
ATOM   636 C  CD  . GLU A 1 84  ? -1.688  13.816  10.894  1.00 16.89 ? 84  GLU A CD  1 
ATOM   637 O  OE1 . GLU A 1 84  ? -2.879  13.954  10.508  1.00 13.55 ? 84  GLU A OE1 1 
ATOM   638 O  OE2 . GLU A 1 84  ? -1.369  13.653  12.095  1.00 16.73 ? 84  GLU A OE2 1 
ATOM   639 N  N   . ALA A 1 85  ? 2.319   13.451  8.382   1.00 10.20 ? 85  ALA A N   1 
ATOM   640 C  CA  . ALA A 1 85  ? 3.521   12.783  8.863   1.00 10.50 ? 85  ALA A CA  1 
ATOM   641 C  C   . ALA A 1 85  ? 3.225   11.743  9.942   1.00 10.22 ? 85  ALA A C   1 
ATOM   642 O  O   . ALA A 1 85  ? 2.288   11.889  10.737  1.00 12.05 ? 85  ALA A O   1 
ATOM   643 C  CB  . ALA A 1 85  ? 4.513   13.814  9.388   1.00 10.61 ? 85  ALA A CB  1 
ATOM   644 N  N   . GLY A 1 86  ? 4.023   10.678  9.943   1.00 10.18 ? 86  GLY A N   1 
ATOM   645 C  CA  . GLY A 1 86  ? 3.850   9.617   10.913  1.00 9.80  ? 86  GLY A CA  1 
ATOM   646 C  C   . GLY A 1 86  ? 4.495   8.323   10.452  1.00 10.91 ? 86  GLY A C   1 
ATOM   647 O  O   . GLY A 1 86  ? 5.114   8.259   9.386   1.00 10.76 ? 86  GLY A O   1 
ATOM   648 N  N   . THR A 1 87  ? 4.332   7.288   11.263  1.00 11.34 ? 87  THR A N   1 
ATOM   649 C  CA  . THR A 1 87  ? 4.811   5.955   10.915  1.00 12.79 ? 87  THR A CA  1 
ATOM   650 C  C   . THR A 1 87  ? 3.643   4.987   10.854  1.00 10.77 ? 87  THR A C   1 
ATOM   651 O  O   . THR A 1 87  ? 2.937   4.782   11.841  1.00 13.41 ? 87  THR A O   1 
ATOM   652 C  CB  . THR A 1 87  ? 5.838   5.444   11.936  1.00 14.54 ? 87  THR A CB  1 
ATOM   653 O  OG1 . THR A 1 87  ? 7.031   6.227   11.823  1.00 18.44 ? 87  THR A OG1 1 
ATOM   654 C  CG2 . THR A 1 87  ? 6.179   3.985   11.661  1.00 15.13 ? 87  THR A CG2 1 
ATOM   655 N  N   . TYR A 1 88  ? 3.437   4.404   9.680   1.00 9.88  ? 88  TYR A N   1 
ATOM   656 C  CA  . TYR A 1 88  ? 2.226   3.640   9.388   1.00 8.88  ? 88  TYR A CA  1 
ATOM   657 C  C   . TYR A 1 88  ? 2.559   2.189   9.049   1.00 8.05  ? 88  TYR A C   1 
ATOM   658 O  O   . TYR A 1 88  ? 3.061   1.889   7.962   1.00 9.17  ? 88  TYR A O   1 
ATOM   659 C  CB  . TYR A 1 88  ? 1.458   4.300   8.234   1.00 8.47  ? 88  TYR A CB  1 
ATOM   660 C  CG  . TYR A 1 88  ? 1.130   5.754   8.510   1.00 9.12  ? 88  TYR A CG  1 
ATOM   661 C  CD1 . TYR A 1 88  ? 0.172   6.097   9.456   1.00 8.65  ? 88  TYR A CD1 1 
ATOM   662 C  CD2 . TYR A 1 88  ? 1.819   6.783   7.864   1.00 10.12 ? 88  TYR A CD2 1 
ATOM   663 C  CE1 . TYR A 1 88  ? -0.107  7.432   9.751   1.00 11.20 ? 88  TYR A CE1 1 
ATOM   664 C  CE2 . TYR A 1 88  ? 1.553   8.127   8.158   1.00 8.95  ? 88  TYR A CE2 1 
ATOM   665 C  CZ  . TYR A 1 88  ? 0.584   8.435   9.097   1.00 9.45  ? 88  TYR A CZ  1 
ATOM   666 O  OH  . TYR A 1 88  ? 0.265   9.750   9.360   1.00 11.19 ? 88  TYR A OH  1 
ATOM   667 N  N   . ASP A 1 89  ? 2.361   1.319   10.030  1.00 7.22  ? 89  ASP A N   1 
ATOM   668 C  CA  . ASP A 1 89  ? 2.555   -0.122  9.860   1.00 8.14  ? 89  ASP A CA  1 
ATOM   669 C  C   . ASP A 1 89  ? 1.409   -0.743  9.064   1.00 8.14  ? 89  ASP A C   1 
ATOM   670 O  O   . ASP A 1 89  ? 0.243   -0.455  9.318   1.00 7.80  ? 89  ASP A O   1 
ATOM   671 C  CB  . ASP A 1 89  ? 2.634   -0.811  11.228  1.00 11.22 ? 89  ASP A CB  1 
ATOM   672 C  CG  . ASP A 1 89  ? 3.905   -0.480  11.971  1.00 15.99 ? 89  ASP A CG  1 
ATOM   673 O  OD1 . ASP A 1 89  ? 4.932   -1.127  11.688  1.00 19.35 ? 89  ASP A OD1 1 
ATOM   674 O  OD2 . ASP A 1 89  ? 3.889   0.443   12.816  1.00 18.03 ? 89  ASP A OD2 1 
ATOM   675 N  N   . TYR A 1 90  ? 1.734   -1.745  8.257   1.00 7.78  ? 90  TYR A N   1 
ATOM   676 C  CA  . TYR A 1 90  ? 0.704   -2.521  7.577   1.00 7.62  ? 90  TYR A CA  1 
ATOM   677 C  C   . TYR A 1 90  ? 1.097   -3.989  7.410   1.00 8.58  ? 90  TYR A C   1 
ATOM   678 O  O   . TYR A 1 90  ? 2.255   -4.373  7.616   1.00 8.94  ? 90  TYR A O   1 
ATOM   679 C  CB  . TYR A 1 90  ? 0.371   -1.886  6.215   1.00 6.62  ? 90  TYR A CB  1 
ATOM   680 C  CG  . TYR A 1 90  ? 1.515   -1.869  5.225   1.00 5.24  ? 90  TYR A CG  1 
ATOM   681 C  CD1 . TYR A 1 90  ? 2.464   -0.844  5.229   1.00 5.74  ? 90  TYR A CD1 1 
ATOM   682 C  CD2 . TYR A 1 90  ? 1.635   -2.875  4.271   1.00 7.02  ? 90  TYR A CD2 1 
ATOM   683 C  CE1 . TYR A 1 90  ? 3.500   -0.830  4.298   1.00 6.22  ? 90  TYR A CE1 1 
ATOM   684 C  CE2 . TYR A 1 90  ? 2.659   -2.877  3.358   1.00 6.19  ? 90  TYR A CE2 1 
ATOM   685 C  CZ  . TYR A 1 90  ? 3.587   -1.859  3.366   1.00 6.20  ? 90  TYR A CZ  1 
ATOM   686 O  OH  . TYR A 1 90  ? 4.553   -1.835  2.397   1.00 7.16  ? 90  TYR A OH  1 
ATOM   687 N  N   . HIS A 1 91  ? 0.109   -4.821  7.115   1.00 8.31  ? 91  HIS A N   1 
ATOM   688 C  CA  . HIS A 1 91  ? 0.358   -6.224  6.815   1.00 7.79  ? 91  HIS A CA  1 
ATOM   689 C  C   . HIS A 1 91  ? -0.548  -6.682  5.672   1.00 8.14  ? 91  HIS A C   1 
ATOM   690 O  O   . HIS A 1 91  ? -1.419  -5.929  5.207   1.00 8.78  ? 91  HIS A O   1 
ATOM   691 C  CB  . HIS A 1 91  ? 0.135   -7.095  8.066   1.00 8.04  ? 91  HIS A CB  1 
ATOM   692 C  CG  . HIS A 1 91  ? -1.291  -7.157  8.530   1.00 10.61 ? 91  HIS A CG  1 
ATOM   693 N  ND1 . HIS A 1 91  ? -1.845  -6.214  9.371   1.00 12.48 ? 91  HIS A ND1 1 
ATOM   694 C  CD2 . HIS A 1 91  ? -2.262  -8.073  8.304   1.00 11.01 ? 91  HIS A CD2 1 
ATOM   695 C  CE1 . HIS A 1 91  ? -3.098  -6.544  9.640   1.00 12.58 ? 91  HIS A CE1 1 
ATOM   696 N  NE2 . HIS A 1 91  ? -3.375  -7.668  9.004   1.00 11.60 ? 91  HIS A NE2 1 
ATOM   697 N  N   . CYS A 1 92  ? -0.343  -7.910  5.220   1.00 8.03  ? 92  CYS A N   1 
ATOM   698 C  CA  . CYS A 1 92  ? -1.240  -8.526  4.247   1.00 8.43  ? 92  CYS A CA  1 
ATOM   699 C  C   . CYS A 1 92  ? -2.359  -9.316  4.950   1.00 9.29  ? 92  CYS A C   1 
ATOM   700 O  O   . CYS A 1 92  ? -2.082  -10.196 5.773   1.00 9.28  ? 92  CYS A O   1 
ATOM   701 C  CB  . CYS A 1 92  ? -0.445  -9.465  3.343   1.00 7.89  ? 92  CYS A CB  1 
ATOM   702 S  SG  . CYS A 1 92  ? -1.493  -10.236 2.079   1.00 10.52 ? 92  CYS A SG  1 
ATOM   703 N  N   . THR A 1 93  ? -3.614  -9.072  4.583   1.00 7.83  ? 93  THR A N   1 
ATOM   704 C  CA  . THR A 1 93  ? -4.719  -9.705  5.299   1.00 8.91  ? 93  THR A CA  1 
ATOM   705 C  C   . THR A 1 93  ? -4.699  -11.249 5.285   1.00 10.05 ? 93  THR A C   1 
ATOM   706 O  O   . THR A 1 93  ? -4.736  -11.873 6.344   1.00 10.90 ? 93  THR A O   1 
ATOM   707 C  CB  . THR A 1 93  ? -6.090  -9.182  4.798   1.00 8.76  ? 93  THR A CB  1 
ATOM   708 O  OG1 . THR A 1 93  ? -6.154  -7.768  5.000   1.00 8.84  ? 93  THR A OG1 1 
ATOM   709 C  CG2 . THR A 1 93  ? -7.229  -9.821  5.570   1.00 11.93 ? 93  THR A CG2 1 
ATOM   710 N  N   . PRO A 1 94  ? -4.563  -11.875 4.098   1.00 10.97 ? 94  PRO A N   1 
ATOM   711 C  CA  . PRO A 1 94  ? -4.525  -13.348 4.061   1.00 11.45 ? 94  PRO A CA  1 
ATOM   712 C  C   . PRO A 1 94  ? -3.211  -13.947 4.563   1.00 11.72 ? 94  PRO A C   1 
ATOM   713 O  O   . PRO A 1 94  ? -3.151  -15.126 4.919   1.00 11.05 ? 94  PRO A O   1 
ATOM   714 C  CB  . PRO A 1 94  ? -4.745  -13.675 2.577   1.00 12.10 ? 94  PRO A CB  1 
ATOM   715 C  CG  . PRO A 1 94  ? -4.278  -12.457 1.849   1.00 12.23 ? 94  PRO A CG  1 
ATOM   716 C  CD  . PRO A 1 94  ? -4.673  -11.302 2.741   1.00 11.04 ? 94  PRO A CD  1 
ATOM   717 N  N   . HIS A 1 95  ? -2.151  -13.146 4.521   1.00 10.23 ? 95  HIS A N   1 
ATOM   718 C  CA  . HIS A 1 95  ? -0.797  -13.614 4.824   1.00 11.20 ? 95  HIS A CA  1 
ATOM   719 C  C   . HIS A 1 95  ? -0.087  -12.668 5.793   1.00 9.97  ? 95  HIS A C   1 
ATOM   720 O  O   . HIS A 1 95  ? 0.832   -11.941 5.399   1.00 10.62 ? 95  HIS A O   1 
ATOM   721 C  CB  . HIS A 1 95  ? 0.023   -13.697 3.543   1.00 13.25 ? 95  HIS A CB  1 
ATOM   722 C  CG  . HIS A 1 95  ? -0.604  -14.542 2.481   1.00 15.92 ? 95  HIS A CG  1 
ATOM   723 N  ND1 . HIS A 1 95  ? -0.733  -15.910 2.599   1.00 18.17 ? 95  HIS A ND1 1 
ATOM   724 C  CD2 . HIS A 1 95  ? -1.104  -14.219 1.265   1.00 18.78 ? 95  HIS A CD2 1 
ATOM   725 C  CE1 . HIS A 1 95  ? -1.283  -16.393 1.500   1.00 19.58 ? 95  HIS A CE1 1 
ATOM   726 N  NE2 . HIS A 1 95  ? -1.522  -15.388 0.678   1.00 18.99 ? 95  HIS A NE2 1 
ATOM   727 N  N   . PRO A 1 96  ? -0.514  -12.653 7.065   1.00 10.29 ? 96  PRO A N   1 
ATOM   728 C  CA  . PRO A 1 96  ? -0.111  -11.593 7.993   1.00 10.37 ? 96  PRO A CA  1 
ATOM   729 C  C   . PRO A 1 96  ? 1.363   -11.619 8.430   1.00 10.68 ? 96  PRO A C   1 
ATOM   730 O  O   . PRO A 1 96  ? 1.829   -10.685 9.076   1.00 12.01 ? 96  PRO A O   1 
ATOM   731 C  CB  . PRO A 1 96  ? -1.062  -11.778 9.172   1.00 10.86 ? 96  PRO A CB  1 
ATOM   732 C  CG  . PRO A 1 96  ? -1.471  -13.186 9.100   1.00 12.02 ? 96  PRO A CG  1 
ATOM   733 C  CD  . PRO A 1 96  ? -1.560  -13.507 7.644   1.00 10.72 ? 96  PRO A CD  1 
ATOM   734 N  N   . PHE A 1 97  ? 2.109   -12.650 8.034   1.00 10.41 ? 97  PHE A N   1 
ATOM   735 C  CA  . PHE A 1 97  ? 3.572   -12.612 8.186   1.00 10.75 ? 97  PHE A CA  1 
ATOM   736 C  C   . PHE A 1 97  ? 4.248   -11.604 7.253   1.00 11.16 ? 97  PHE A C   1 
ATOM   737 O  O   . PHE A 1 97  ? 5.405   -11.228 7.468   1.00 10.81 ? 97  PHE A O   1 
ATOM   738 C  CB  . PHE A 1 97  ? 4.186   -14.011 7.992   1.00 11.89 ? 97  PHE A CB  1 
ATOM   739 C  CG  . PHE A 1 97  ? 3.860   -14.647 6.678   1.00 13.18 ? 97  PHE A CG  1 
ATOM   740 C  CD1 . PHE A 1 97  ? 4.595   -14.344 5.541   1.00 13.56 ? 97  PHE A CD1 1 
ATOM   741 C  CD2 . PHE A 1 97  ? 2.788   -15.525 6.569   1.00 14.23 ? 97  PHE A CD2 1 
ATOM   742 C  CE1 . PHE A 1 97  ? 4.267   -14.899 4.315   1.00 14.16 ? 97  PHE A CE1 1 
ATOM   743 C  CE2 . PHE A 1 97  ? 2.449   -16.086 5.345   1.00 15.67 ? 97  PHE A CE2 1 
ATOM   744 C  CZ  . PHE A 1 97  ? 3.189   -15.772 4.215   1.00 14.39 ? 97  PHE A CZ  1 
ATOM   745 N  N   . MET A 1 98  ? 3.538   -11.188 6.205   1.00 9.90  ? 98  MET A N   1 
ATOM   746 C  CA  . MET A 1 98  ? 3.998   -10.104 5.337   1.00 9.97  ? 98  MET A CA  1 
ATOM   747 C  C   . MET A 1 98  ? 3.708   -8.763  6.008   1.00 9.96  ? 98  MET A C   1 
ATOM   748 O  O   . MET A 1 98  ? 2.545   -8.397  6.197   1.00 9.73  ? 98  MET A O   1 
ATOM   749 C  CB  . MET A 1 98  ? 3.272   -10.135 3.984   1.00 9.48  ? 98  MET A CB  1 
ATOM   750 C  CG  . MET A 1 98  ? 3.446   -11.409 3.206   1.00 9.91  ? 98  MET A CG  1 
ATOM   751 S  SD  . MET A 1 98  ? 2.605   -11.335 1.603   1.00 10.62 ? 98  MET A SD  1 
ATOM   752 C  CE  . MET A 1 98  ? 3.371   -9.930  0.832   1.00 10.31 ? 98  MET A CE  1 
ATOM   753 N  N   . ARG A 1 99  ? 4.771   -8.054  6.372   1.00 9.19  ? 99  ARG A N   1 
ATOM   754 C  CA  . ARG A 1 99  ? 4.665   -6.820  7.140   1.00 10.14 ? 99  ARG A CA  1 
ATOM   755 C  C   . ARG A 1 99  ? 5.530   -5.739  6.506   1.00 10.20 ? 99  ARG A C   1 
ATOM   756 O  O   . ARG A 1 99  ? 6.553   -6.024  5.881   1.00 11.01 ? 99  ARG A O   1 
ATOM   757 C  CB  . ARG A 1 99  ? 5.120   -7.048  8.585   1.00 10.72 ? 99  ARG A CB  1 
ATOM   758 C  CG  . ARG A 1 99  ? 4.387   -8.163  9.289   1.00 13.77 ? 99  ARG A CG  1 
ATOM   759 C  CD  . ARG A 1 99  ? 3.348   -7.636  10.245  1.00 16.13 ? 99  ARG A CD  1 
ATOM   760 N  NE  . ARG A 1 99  ? 2.412   -8.683  10.652  1.00 18.66 ? 99  ARG A NE  1 
ATOM   761 C  CZ  . ARG A 1 99  ? 1.336   -8.476  11.407  1.00 17.44 ? 99  ARG A CZ  1 
ATOM   762 N  NH1 . ARG A 1 99  ? 1.130   -7.288  11.963  1.00 19.10 ? 99  ARG A NH1 1 
ATOM   763 N  NH2 . ARG A 1 99  ? 0.502   -9.474  11.662  1.00 17.33 ? 99  ARG A NH2 1 
ATOM   764 N  N   . GLY A 1 100 ? 5.050   -4.506  6.580   1.00 9.19  ? 100 GLY A N   1 
ATOM   765 C  CA  . GLY A 1 100 ? 5.781   -3.388  6.026   1.00 8.90  ? 100 GLY A CA  1 
ATOM   766 C  C   . GLY A 1 100 ? 5.442   -2.120  6.786   1.00 7.86  ? 100 GLY A C   1 
ATOM   767 O  O   . GLY A 1 100 ? 4.554   -2.117  7.632   1.00 7.94  ? 100 GLY A O   1 
ATOM   768 N  N   . LYS A 1 101 ? 6.072   -1.025  6.397   1.00 9.23  ? 101 LYS A N   1 
ATOM   769 C  CA  . LYS A 1 101 ? 5.902   0.244   7.087   1.00 10.69 ? 101 LYS A CA  1 
ATOM   770 C  C   . LYS A 1 101 ? 6.099   1.377   6.084   1.00 9.25  ? 101 LYS A C   1 
ATOM   771 O  O   . LYS A 1 101 ? 6.979   1.312   5.214   1.00 8.97  ? 101 LYS A O   1 
ATOM   772 C  CB  . LYS A 1 101 ? 6.956   0.327   8.192   1.00 15.00 ? 101 LYS A CB  1 
ATOM   773 C  CG  . LYS A 1 101 ? 6.845   1.488   9.115   1.00 21.28 ? 101 LYS A CG  1 
ATOM   774 C  CD  . LYS A 1 101 ? 8.192   1.739   9.785   1.00 23.62 ? 101 LYS A CD  1 
ATOM   775 C  CE  . LYS A 1 101 ? 8.824   0.460   10.292  1.00 25.26 ? 101 LYS A CE  1 
ATOM   776 N  NZ  . LYS A 1 101 ? 8.090   -0.099  11.458  1.00 28.33 ? 101 LYS A NZ  1 
ATOM   777 N  N   . VAL A 1 102 ? 5.255   2.399   6.166   1.00 7.85  ? 102 VAL A N   1 
ATOM   778 C  CA  . VAL A 1 102 ? 5.505   3.640   5.434   1.00 8.27  ? 102 VAL A CA  1 
ATOM   779 C  C   . VAL A 1 102 ? 5.787   4.740   6.458   1.00 9.10  ? 102 VAL A C   1 
ATOM   780 O  O   . VAL A 1 102 ? 5.005   4.944   7.396   1.00 10.15 ? 102 VAL A O   1 
ATOM   781 C  CB  . VAL A 1 102 ? 4.286   4.060   4.556   1.00 7.89  ? 102 VAL A CB  1 
ATOM   782 C  CG1 . VAL A 1 102 ? 4.635   5.300   3.742   1.00 9.57  ? 102 VAL A CG1 1 
ATOM   783 C  CG2 . VAL A 1 102 ? 3.880   2.941   3.612   1.00 8.73  ? 102 VAL A CG2 1 
ATOM   784 N  N   . VAL A 1 103 ? 6.969   5.337   6.369   1.00 9.29  ? 103 VAL A N   1 
ATOM   785 C  CA  . VAL A 1 103 ? 7.307   6.475   7.219   1.00 10.60 ? 103 VAL A CA  1 
ATOM   786 C  C   . VAL A 1 103 ? 7.198   7.766   6.419   1.00 10.30 ? 103 VAL A C   1 
ATOM   787 O  O   . VAL A 1 103 ? 7.830   7.921   5.376   1.00 11.06 ? 103 VAL A O   1 
ATOM   788 C  CB  . VAL A 1 103 ? 8.741   6.364   7.820   1.00 11.18 ? 103 VAL A CB  1 
ATOM   789 C  CG1 . VAL A 1 103 ? 8.977   7.501   8.803   1.00 11.93 ? 103 VAL A CG1 1 
ATOM   790 C  CG2 . VAL A 1 103 ? 8.919   5.027   8.526   1.00 10.83 ? 103 VAL A CG2 1 
ATOM   791 N  N   . VAL A 1 104 ? 6.291   8.627   6.853   1.00 11.02 ? 104 VAL A N   1 
ATOM   792 C  CA  . VAL A 1 104 ? 5.995   9.855   6.133   1.00 11.28 ? 104 VAL A CA  1 
ATOM   793 C  C   . VAL A 1 104 ? 6.622   11.019  6.890   1.00 12.84 ? 104 VAL A C   1 
ATOM   794 O  O   . VAL A 1 104 ? 6.353   11.222  8.074   1.00 11.45 ? 104 VAL A O   1 
ATOM   795 C  CB  . VAL A 1 104 ? 4.460   10.057  6.001   1.00 10.41 ? 104 VAL A CB  1 
ATOM   796 C  CG1 . VAL A 1 104 ? 4.157   11.311  5.186   1.00 9.96  ? 104 VAL A CG1 1 
ATOM   797 C  CG2 . VAL A 1 104 ? 3.830   8.805   5.369   1.00 10.11 ? 104 VAL A CG2 1 
ATOM   798 N  N   . GLU A 1 105 ? 7.529   11.710  6.213   1.00 15.32 ? 105 GLU A N   1 
ATOM   799 C  CA  . GLU A 1 105 ? 8.419   12.664  6.853   1.00 19.64 ? 105 GLU A CA  1 
ATOM   800 C  C   . GLU A 1 105 ? 8.130   14.081  6.391   1.00 21.41 ? 105 GLU A C   1 
ATOM   801 O  O   . GLU A 1 105 ? 8.269   14.994  7.229   1.00 25.01 ? 105 GLU A O   1 
ATOM   802 C  CB  . GLU A 1 105 ? 9.869   12.299  6.532   1.00 21.64 ? 105 GLU A CB  1 
ATOM   803 C  CG  . GLU A 1 105 ? 10.207  10.856  6.862   1.00 25.56 ? 105 GLU A CG  1 
ATOM   804 C  CD  . GLU A 1 105 ? 11.624  10.475  6.506   1.00 28.39 ? 105 GLU A CD  1 
ATOM   805 O  OE1 . GLU A 1 105 ? 12.102  10.851  5.406   1.00 29.99 ? 105 GLU A OE1 1 
ATOM   806 O  OE2 . GLU A 1 105 ? 12.243  9.756   7.317   1.00 29.78 ? 105 GLU A OE2 1 
ATOM   807 O  OXT . GLU A 1 105 ? 7.751   14.263  5.212   1.00 22.17 ? 105 GLU A OXT 1 
HETATM 808 CU CU  . CU1 B 2 .   ? -0.119  -10.987 0.648   1.00 19.48 ? 107 CU1 A CU  1 
HETATM 809 O  O   . HOH C 3 .   ? -0.512  -4.212  10.763  1.00 15.22 ? 201 HOH A O   1 
HETATM 810 O  O   . HOH C 3 .   ? 6.717   -0.345  2.848   1.00 9.86  ? 202 HOH A O   1 
HETATM 811 O  O   . HOH C 3 .   ? -5.940  3.621   -4.923  1.00 9.23  ? 203 HOH A O   1 
HETATM 812 O  O   . HOH C 3 .   ? -4.818  -3.529  -1.199  1.00 10.34 ? 204 HOH A O   1 
HETATM 813 O  O   . HOH C 3 .   ? -1.491  -1.662  11.081  1.00 9.66  ? 205 HOH A O   1 
HETATM 814 O  O   . HOH C 3 .   ? -8.786  -2.989  13.418  1.00 11.68 ? 206 HOH A O   1 
HETATM 815 O  O   . HOH C 3 .   ? 10.399  1.025   -3.508  1.00 12.76 ? 207 HOH A O   1 
HETATM 816 O  O   . HOH C 3 .   ? -6.253  2.653   9.981   1.00 15.07 ? 208 HOH A O   1 
HETATM 817 O  O   . HOH C 3 .   ? -4.952  -17.069 -7.512  1.00 24.09 ? 209 HOH A O   1 
HETATM 818 O  O   . HOH C 3 .   ? -6.700  -4.382  -13.894 1.00 17.10 ? 210 HOH A O   1 
HETATM 819 O  O   . HOH C 3 .   ? 4.710   -3.525  10.105  1.00 18.29 ? 211 HOH A O   1 
HETATM 820 O  O   . HOH C 3 .   ? 9.738   -2.385  -4.010  1.00 13.11 ? 212 HOH A O   1 
HETATM 821 O  O   . HOH C 3 .   ? 2.168   -16.752 -6.246  1.00 20.16 ? 213 HOH A O   1 
HETATM 822 O  O   . HOH C 3 .   ? 1.934   2.263   12.858  1.00 19.25 ? 214 HOH A O   1 
HETATM 823 O  O   . HOH C 3 .   ? 13.065  -1.171  3.028   1.00 16.74 ? 215 HOH A O   1 
HETATM 824 O  O   . HOH C 3 .   ? -9.905  0.895   -0.889  1.00 19.50 ? 216 HOH A O   1 
HETATM 825 O  O   . HOH C 3 .   ? 12.488  5.218   1.132   1.00 16.82 ? 217 HOH A O   1 
HETATM 826 O  O   . HOH C 3 .   ? 7.101   -8.075  3.495   1.00 17.35 ? 218 HOH A O   1 
HETATM 827 O  O   . HOH C 3 .   ? -2.502  6.010   -8.350  1.00 24.49 ? 219 HOH A O   1 
HETATM 828 O  O   . HOH C 3 .   ? 2.094   -4.589  11.169  1.00 20.46 ? 220 HOH A O   1 
HETATM 829 O  O   . HOH C 3 .   ? -9.442  -6.955  -8.951  1.00 23.12 ? 221 HOH A O   1 
HETATM 830 O  O   . HOH C 3 .   ? -10.121 9.042   0.115   1.00 21.55 ? 222 HOH A O   1 
HETATM 831 O  O   . HOH C 3 .   ? -8.207  -4.831  11.322  1.00 19.26 ? 223 HOH A O   1 
HETATM 832 O  O   . HOH C 3 .   ? -6.077  -1.181  16.481  1.00 19.01 ? 224 HOH A O   1 
HETATM 833 O  O   . HOH C 3 .   ? -11.022 -7.308  -2.358  1.00 27.47 ? 225 HOH A O   1 
HETATM 834 O  O   . HOH C 3 .   ? -2.843  6.941   -14.484 1.00 26.56 ? 226 HOH A O   1 
HETATM 835 O  O   . HOH C 3 .   ? -12.685 -1.084  8.058   1.00 18.39 ? 227 HOH A O   1 
HETATM 836 O  O   . HOH C 3 .   ? -10.648 2.711   -10.657 1.00 27.48 ? 228 HOH A O   1 
HETATM 837 O  O   . HOH C 3 .   ? 10.625  -2.005  -6.753  1.00 27.10 ? 229 HOH A O   1 
HETATM 838 O  O   . HOH C 3 .   ? -0.047  5.353   -9.221  1.00 28.16 ? 230 HOH A O   1 
HETATM 839 O  O   . HOH C 3 .   ? 4.706   15.534  -1.804  1.00 27.36 ? 231 HOH A O   1 
HETATM 840 O  O   . HOH C 3 .   ? 9.229   -2.931  8.176   1.00 32.59 ? 232 HOH A O   1 
HETATM 841 O  O   . HOH C 3 .   ? -9.850  -6.690  1.189   1.00 27.53 ? 233 HOH A O   1 
HETATM 842 O  O   . HOH C 3 .   ? 3.826   11.096  -5.233  1.00 23.35 ? 234 HOH A O   1 
HETATM 843 O  O   . HOH C 3 .   ? -10.117 -6.671  -5.946  1.00 28.57 ? 235 HOH A O   1 
HETATM 844 O  O   . HOH C 3 .   ? 0.666   12.660  -4.593  1.00 24.47 ? 236 HOH A O   1 
HETATM 845 O  O   . HOH C 3 .   ? -11.319 2.620   5.955   1.00 36.88 ? 237 HOH A O   1 
HETATM 846 O  O   . HOH C 3 .   ? 7.522   8.833   12.123  1.00 28.89 ? 238 HOH A O   1 
HETATM 847 O  O   . HOH C 3 .   ? 0.007   10.597  12.074  1.00 23.30 ? 239 HOH A O   1 
HETATM 848 O  O   . HOH C 3 .   ? -0.207  -1.592  13.558  1.00 20.63 ? 240 HOH A O   1 
HETATM 849 O  O   . HOH C 3 .   ? -7.850  -3.244  15.939  1.00 16.99 ? 241 HOH A O   1 
HETATM 850 O  O   . HOH C 3 .   ? -0.675  -3.640  -16.751 1.00 28.82 ? 242 HOH A O   1 
HETATM 851 O  O   . HOH C 3 .   ? -3.587  8.375   -8.343  1.00 18.47 ? 243 HOH A O   1 
HETATM 852 O  O   . HOH C 3 .   ? -1.824  9.358   -13.921 1.00 46.50 ? 244 HOH A O   1 
HETATM 853 O  O   . HOH C 3 .   ? -12.801 4.591   -6.354  1.00 18.85 ? 245 HOH A O   1 
HETATM 854 O  O   . HOH C 3 .   ? 7.589   -9.335  7.232   1.00 27.55 ? 246 HOH A O   1 
HETATM 855 O  O   . HOH C 3 .   ? 8.859   4.357   -8.109  1.00 34.12 ? 247 HOH A O   1 
HETATM 856 O  O   . HOH C 3 .   ? -2.298  10.400  -6.859  1.00 43.33 ? 248 HOH A O   1 
HETATM 857 O  O   . HOH C 3 .   ? -3.709  -13.224 -9.461  1.00 25.33 ? 249 HOH A O   1 
HETATM 858 O  O   . HOH C 3 .   ? 14.323  -2.300  5.143   1.00 47.95 ? 250 HOH A O   1 
HETATM 859 O  O   . HOH C 3 .   ? 7.542   16.741  3.843   1.00 30.28 ? 251 HOH A O   1 
HETATM 860 O  O   . HOH C 3 .   ? -11.904 7.033   -5.665  1.00 27.20 ? 252 HOH A O   1 
HETATM 861 O  O   . HOH C 3 .   ? 6.827   16.944  8.548   1.00 36.20 ? 253 HOH A O   1 
HETATM 862 O  O   . HOH C 3 .   ? 5.984   17.490  1.686   1.00 33.10 ? 254 HOH A O   1 
HETATM 863 O  O   . HOH C 3 .   ? 2.769   6.151   -6.426  1.00 23.36 ? 255 HOH A O   1 
HETATM 864 O  O   . HOH C 3 .   ? -5.048  14.031  -0.922  1.00 30.57 ? 256 HOH A O   1 
HETATM 865 O  O   . HOH C 3 .   ? -11.631 5.859   9.418   1.00 34.27 ? 257 HOH A O   1 
HETATM 866 O  O   . HOH C 3 .   ? 11.366  -7.566  1.951   1.00 28.98 ? 258 HOH A O   1 
HETATM 867 O  O   . HOH C 3 .   ? 2.125   -3.247  13.576  1.00 52.06 ? 259 HOH A O   1 
HETATM 868 O  O   . HOH C 3 .   ? -5.009  -15.231 7.185   1.00 40.98 ? 260 HOH A O   1 
HETATM 869 O  O   . HOH C 3 .   ? 0.933   10.081  -14.588 1.00 35.68 ? 261 HOH A O   1 
HETATM 870 O  O   . HOH C 3 .   ? -3.864  -2.287  18.043  1.00 50.79 ? 262 HOH A O   1 
HETATM 871 O  O   . HOH C 3 .   ? 15.430  4.124   7.949   1.00 41.76 ? 263 HOH A O   1 
HETATM 872 O  O   . HOH C 3 .   ? 7.306   -3.916  10.007  1.00 39.23 ? 264 HOH A O   1 
HETATM 873 O  O   . HOH C 3 .   ? -12.397 7.329   0.339   1.00 41.31 ? 265 HOH A O   1 
HETATM 874 O  O   . HOH C 3 .   ? -11.090 -1.288  0.643   1.00 51.85 ? 266 HOH A O   1 
HETATM 875 O  O   . HOH C 3 .   ? -11.244 -0.856  5.054   1.00 30.71 ? 267 HOH A O   1 
HETATM 876 O  O   . HOH C 3 .   ? -2.166  5.716   -11.334 1.00 29.66 ? 268 HOH A O   1 
HETATM 877 O  O   . HOH C 3 .   ? -9.144  4.891   8.303   1.00 41.53 ? 269 HOH A O   1 
HETATM 878 O  O   . HOH C 3 .   ? -10.153 -5.355  9.523   1.00 25.36 ? 270 HOH A O   1 
HETATM 879 O  O   . HOH C 3 .   ? -4.721  -14.119 -1.129  1.00 38.96 ? 271 HOH A O   1 
HETATM 880 O  O   . HOH C 3 .   ? -7.499  -15.448 -8.514  1.00 48.69 ? 272 HOH A O   1 
HETATM 881 O  O   . HOH C 3 .   ? -1.001  -5.915  13.337  1.00 40.32 ? 273 HOH A O   1 
HETATM 882 O  O   . HOH C 3 .   ? -1.450  -2.101  16.869  1.00 40.41 ? 274 HOH A O   1 
HETATM 883 O  O   . HOH C 3 .   ? -13.688 0.952   5.016   1.00 49.14 ? 275 HOH A O   1 
HETATM 884 O  O   . HOH C 3 .   ? -7.418  -13.314 -0.898  1.00 43.12 ? 276 HOH A O   1 
HETATM 885 O  O   . HOH C 3 .   ? -3.762  -16.286 -0.106  1.00 46.31 ? 277 HOH A O   1 
HETATM 886 O  O   . HOH C 3 .   ? -9.721  10.429  -3.731  1.00 43.16 ? 278 HOH A O   1 
HETATM 887 O  O   . HOH C 3 .   ? -4.061  0.197   -19.455 1.00 59.76 ? 279 HOH A O   1 
HETATM 888 O  O   . HOH C 3 .   ? 10.484  -10.026 -3.603  1.00 33.17 ? 280 HOH A O   1 
HETATM 889 O  O   . HOH C 3 .   ? 9.064   -2.023  -10.607 1.00 44.23 ? 281 HOH A O   1 
HETATM 890 O  O   . HOH C 3 .   ? 5.052   -11.973 -15.670 1.00 54.27 ? 282 HOH A O   1 
HETATM 891 O  O   . HOH C 3 .   ? -9.010  -13.099 -3.169  1.00 38.13 ? 283 HOH A O   1 
HETATM 892 O  O   . HOH C 3 .   ? 6.474   -15.642 -7.261  1.00 40.39 ? 284 HOH A O   1 
HETATM 893 O  O   . HOH C 3 .   ? -4.747  -5.308  -17.120 1.00 42.68 ? 285 HOH A O   1 
HETATM 894 O  O   . HOH C 3 .   ? 7.901   -13.394 -7.521  1.00 42.77 ? 286 HOH A O   1 
HETATM 895 O  O   . HOH C 3 .   ? -9.457  7.968   3.435   1.00 39.25 ? 287 HOH A O   1 
HETATM 896 O  O   . HOH C 3 .   ? 14.310  10.000  3.584   1.00 47.25 ? 288 HOH A O   1 
HETATM 897 O  O   . HOH C 3 .   ? -2.013  2.113   -19.925 1.00 34.17 ? 289 HOH A O   1 
HETATM 898 O  O   . HOH C 3 .   ? -0.971  15.155  -2.875  1.00 39.75 ? 290 HOH A O   1 
HETATM 899 O  O   . HOH C 3 .   ? -2.670  -10.465 -15.589 1.00 41.21 ? 291 HOH A O   1 
HETATM 900 O  O   . HOH C 3 .   ? 8.368   -5.820  8.290   1.00 48.47 ? 292 HOH A O   1 
HETATM 901 O  O   . HOH C 3 .   ? -5.088  -9.932  8.852   1.00 30.26 ? 293 HOH A O   1 
HETATM 902 O  O   . HOH C 3 .   ? -2.842  15.752  -0.893  1.00 41.21 ? 294 HOH A O   1 
HETATM 903 O  O   . HOH C 3 .   ? -6.219  14.181  5.156   1.00 49.03 ? 295 HOH A O   1 
HETATM 904 O  O   . HOH C 3 .   ? 6.779   7.294   -16.734 1.00 45.93 ? 296 HOH A O   1 
HETATM 905 O  O   . HOH C 3 .   ? 5.643   -15.152 -9.630  1.00 50.83 ? 297 HOH A O   1 
# 
loop_
_pdbx_poly_seq_scheme.asym_id 
_pdbx_poly_seq_scheme.entity_id 
_pdbx_poly_seq_scheme.seq_id 
_pdbx_poly_seq_scheme.mon_id 
_pdbx_poly_seq_scheme.ndb_seq_num 
_pdbx_poly_seq_scheme.pdb_seq_num 
_pdbx_poly_seq_scheme.auth_seq_num 
_pdbx_poly_seq_scheme.pdb_mon_id 
_pdbx_poly_seq_scheme.auth_mon_id 
_pdbx_poly_seq_scheme.pdb_strand_id 
_pdbx_poly_seq_scheme.pdb_ins_code 
_pdbx_poly_seq_scheme.hetero 
A 1 1   ASP 1   1   1   ASP ASP A . n 
A 1 2   LYS 2   2   2   LYS LYS A . n 
A 1 3   ALA 3   3   3   ALA ALA A . n 
A 1 4   THR 4   4   4   THR THR A . n 
A 1 5   ILE 5   5   5   ILE ILE A . n 
A 1 6   PRO 6   6   6   PRO PRO A . n 
A 1 7   SER 7   7   7   SER SER A . n 
A 1 8   GLU 8   8   8   GLU GLU A . n 
A 1 9   SER 9   9   9   SER SER A . n 
A 1 10  PRO 10  10  10  PRO PRO A . n 
A 1 11  PHE 11  11  11  PHE PHE A . n 
A 1 12  ALA 12  12  12  ALA ALA A . n 
A 1 13  ALA 13  13  13  ALA ALA A . n 
A 1 14  ALA 14  14  14  ALA ALA A . n 
A 1 15  GLU 15  15  15  GLU GLU A . n 
A 1 16  VAL 16  16  16  VAL VAL A . n 
A 1 17  ALA 17  17  17  ALA ALA A . n 
A 1 18  ASP 18  18  18  ASP ASP A . n 
A 1 19  GLY 19  19  19  GLY GLY A . n 
A 1 20  ALA 20  20  20  ALA ALA A . n 
A 1 21  ILE 21  21  21  ILE ILE A . n 
A 1 22  VAL 22  22  22  VAL VAL A . n 
A 1 23  VAL 23  23  23  VAL VAL A . n 
A 1 24  ASP 24  24  24  ASP ASP A . n 
A 1 25  ILE 25  25  25  ILE ILE A . n 
A 1 26  ALA 26  26  26  ALA ALA A . n 
A 1 27  LYS 27  27  27  LYS LYS A . n 
A 1 28  MET 28  28  28  MET MET A . n 
A 1 29  LYS 29  29  29  LYS LYS A . n 
A 1 30  TYR 30  30  30  TYR TYR A . n 
A 1 31  GLU 31  31  31  GLU GLU A . n 
A 1 32  THR 32  32  32  THR THR A . n 
A 1 33  PRO 33  33  33  PRO PRO A . n 
A 1 34  GLU 34  34  34  GLU GLU A . n 
A 1 35  LEU 35  35  35  LEU LEU A . n 
A 1 36  HIS 36  36  36  HIS HIS A . n 
A 1 37  VAL 37  37  37  VAL VAL A . n 
A 1 38  LYS 38  38  38  LYS LYS A . n 
A 1 39  VAL 39  39  39  VAL VAL A . n 
A 1 40  GLY 40  40  40  GLY GLY A . n 
A 1 41  ASP 41  41  41  ASP ASP A . n 
A 1 42  THR 42  42  42  THR THR A . n 
A 1 43  VAL 43  43  43  VAL VAL A . n 
A 1 44  THR 44  44  44  THR THR A . n 
A 1 45  TRP 45  45  45  TRP TRP A . n 
A 1 46  ILE 46  46  46  ILE ILE A . n 
A 1 47  ASN 47  47  47  ASN ASN A . n 
A 1 48  ARG 48  48  48  ARG ARG A . n 
A 1 49  GLU 49  49  49  GLU GLU A . n 
A 1 50  ALA 50  50  50  ALA ALA A . n 
A 1 51  MET 51  51  51  MET MET A . n 
A 1 52  PRO 52  52  52  PRO PRO A . n 
A 1 53  HIS 53  53  53  HIS HIS A . n 
A 1 54  ASN 54  54  54  ASN ASN A . n 
A 1 55  VAL 55  55  55  VAL VAL A . n 
A 1 56  HIS 56  56  56  HIS HIS A . n 
A 1 57  PHE 57  57  57  PHE PHE A . n 
A 1 58  VAL 58  58  58  VAL VAL A . n 
A 1 59  ALA 59  59  59  ALA ALA A . n 
A 1 60  GLY 60  60  60  GLY GLY A . n 
A 1 61  VAL 61  61  61  VAL VAL A . n 
A 1 62  LEU 62  62  62  LEU LEU A . n 
A 1 63  GLY 63  63  63  GLY GLY A . n 
A 1 64  GLU 64  64  64  GLU GLU A . n 
A 1 65  ALA 65  65  65  ALA ALA A . n 
A 1 66  ALA 66  66  66  ALA ALA A . n 
A 1 67  LEU 67  67  67  LEU LEU A . n 
A 1 68  LYS 68  68  68  LYS LYS A . n 
A 1 69  GLY 69  69  69  GLY GLY A . n 
A 1 70  PRO 70  70  70  PRO PRO A . n 
A 1 71  MET 71  71  71  MET MET A . n 
A 1 72  MET 72  72  72  MET MET A . n 
A 1 73  LYS 73  73  73  LYS LYS A . n 
A 1 74  LYS 74  74  74  LYS LYS A . n 
A 1 75  GLU 75  75  75  GLU GLU A . n 
A 1 76  GLN 76  76  76  GLN GLN A . n 
A 1 77  ALA 77  77  77  ALA ALA A . n 
A 1 78  TYR 78  78  78  TYR TYR A . n 
A 1 79  SER 79  79  79  SER SER A . n 
A 1 80  LEU 80  80  80  LEU LEU A . n 
A 1 81  THR 81  81  81  THR THR A . n 
A 1 82  PHE 82  82  82  PHE PHE A . n 
A 1 83  THR 83  83  83  THR THR A . n 
A 1 84  GLU 84  84  84  GLU GLU A . n 
A 1 85  ALA 85  85  85  ALA ALA A . n 
A 1 86  GLY 86  86  86  GLY GLY A . n 
A 1 87  THR 87  87  87  THR THR A . n 
A 1 88  TYR 88  88  88  TYR TYR A . n 
A 1 89  ASP 89  89  89  ASP ASP A . n 
A 1 90  TYR 90  90  90  TYR TYR A . n 
A 1 91  HIS 91  91  91  HIS HIS A . n 
A 1 92  CYS 92  92  92  CYS CYS A . n 
A 1 93  THR 93  93  93  THR THR A . n 
A 1 94  PRO 94  94  94  PRO PRO A . n 
A 1 95  HIS 95  95  95  HIS HIS A . n 
A 1 96  PRO 96  96  96  PRO PRO A . n 
A 1 97  PHE 97  97  97  PHE PHE A . n 
A 1 98  MET 98  98  98  MET MET A . n 
A 1 99  ARG 99  99  99  ARG ARG A . n 
A 1 100 GLY 100 100 100 GLY GLY A . n 
A 1 101 LYS 101 101 101 LYS LYS A . n 
A 1 102 VAL 102 102 102 VAL VAL A . n 
A 1 103 VAL 103 103 103 VAL VAL A . n 
A 1 104 VAL 104 104 104 VAL VAL A . n 
A 1 105 GLU 105 105 105 GLU GLU A . n 
# 
loop_
_pdbx_nonpoly_scheme.asym_id 
_pdbx_nonpoly_scheme.entity_id 
_pdbx_nonpoly_scheme.mon_id 
_pdbx_nonpoly_scheme.ndb_seq_num 
_pdbx_nonpoly_scheme.pdb_seq_num 
_pdbx_nonpoly_scheme.auth_seq_num 
_pdbx_nonpoly_scheme.pdb_mon_id 
_pdbx_nonpoly_scheme.auth_mon_id 
_pdbx_nonpoly_scheme.pdb_strand_id 
_pdbx_nonpoly_scheme.pdb_ins_code 
B 2 CU1 1  107 107 CU1 CU1 A . 
C 3 HOH 1  201 201 HOH HOH A . 
C 3 HOH 2  202 202 HOH HOH A . 
C 3 HOH 3  203 203 HOH HOH A . 
C 3 HOH 4  204 204 HOH HOH A . 
C 3 HOH 5  205 205 HOH HOH A . 
C 3 HOH 6  206 206 HOH HOH A . 
C 3 HOH 7  207 207 HOH HOH A . 
C 3 HOH 8  208 208 HOH HOH A . 
C 3 HOH 9  209 209 HOH HOH A . 
C 3 HOH 10 210 210 HOH HOH A . 
C 3 HOH 11 211 211 HOH HOH A . 
C 3 HOH 12 212 212 HOH HOH A . 
C 3 HOH 13 213 213 HOH HOH A . 
C 3 HOH 14 214 214 HOH HOH A . 
C 3 HOH 15 215 215 HOH HOH A . 
C 3 HOH 16 216 216 HOH HOH A . 
C 3 HOH 17 217 217 HOH HOH A . 
C 3 HOH 18 218 218 HOH HOH A . 
C 3 HOH 19 219 219 HOH HOH A . 
C 3 HOH 20 220 220 HOH HOH A . 
C 3 HOH 21 221 221 HOH HOH A . 
C 3 HOH 22 222 222 HOH HOH A . 
C 3 HOH 23 223 223 HOH HOH A . 
C 3 HOH 24 224 224 HOH HOH A . 
C 3 HOH 25 225 225 HOH HOH A . 
C 3 HOH 26 226 226 HOH HOH A . 
C 3 HOH 27 227 227 HOH HOH A . 
C 3 HOH 28 228 228 HOH HOH A . 
C 3 HOH 29 229 229 HOH HOH A . 
C 3 HOH 30 230 230 HOH HOH A . 
C 3 HOH 31 231 231 HOH HOH A . 
C 3 HOH 32 232 232 HOH HOH A . 
C 3 HOH 33 233 233 HOH HOH A . 
C 3 HOH 34 234 234 HOH HOH A . 
C 3 HOH 35 235 235 HOH HOH A . 
C 3 HOH 36 236 236 HOH HOH A . 
C 3 HOH 37 237 237 HOH HOH A . 
C 3 HOH 38 238 238 HOH HOH A . 
C 3 HOH 39 239 239 HOH HOH A . 
C 3 HOH 40 240 240 HOH HOH A . 
C 3 HOH 41 241 241 HOH HOH A . 
C 3 HOH 42 242 242 HOH HOH A . 
C 3 HOH 43 243 243 HOH HOH A . 
C 3 HOH 44 244 244 HOH HOH A . 
C 3 HOH 45 245 245 HOH HOH A . 
C 3 HOH 46 246 246 HOH HOH A . 
C 3 HOH 47 247 247 HOH HOH A . 
C 3 HOH 48 248 248 HOH HOH A . 
C 3 HOH 49 249 249 HOH HOH A . 
C 3 HOH 50 250 250 HOH HOH A . 
C 3 HOH 51 251 251 HOH HOH A . 
C 3 HOH 52 252 252 HOH HOH A . 
C 3 HOH 53 253 253 HOH HOH A . 
C 3 HOH 54 254 254 HOH HOH A . 
C 3 HOH 55 255 255 HOH HOH A . 
C 3 HOH 56 256 256 HOH HOH A . 
C 3 HOH 57 257 257 HOH HOH A . 
C 3 HOH 58 258 258 HOH HOH A . 
C 3 HOH 59 259 259 HOH HOH A . 
C 3 HOH 60 260 260 HOH HOH A . 
C 3 HOH 61 261 261 HOH HOH A . 
C 3 HOH 62 262 262 HOH HOH A . 
C 3 HOH 63 263 263 HOH HOH A . 
C 3 HOH 64 264 264 HOH HOH A . 
C 3 HOH 65 265 265 HOH HOH A . 
C 3 HOH 66 266 266 HOH HOH A . 
C 3 HOH 67 267 267 HOH HOH A . 
C 3 HOH 68 268 268 HOH HOH A . 
C 3 HOH 69 269 269 HOH HOH A . 
C 3 HOH 70 270 270 HOH HOH A . 
C 3 HOH 71 271 271 HOH HOH A . 
C 3 HOH 72 272 272 HOH HOH A . 
C 3 HOH 73 273 273 HOH HOH A . 
C 3 HOH 74 274 274 HOH HOH A . 
C 3 HOH 75 275 275 HOH HOH A . 
C 3 HOH 76 276 276 HOH HOH A . 
C 3 HOH 77 277 277 HOH HOH A . 
C 3 HOH 78 278 278 HOH HOH A . 
C 3 HOH 79 279 279 HOH HOH A . 
C 3 HOH 80 280 280 HOH HOH A . 
C 3 HOH 81 281 281 HOH HOH A . 
C 3 HOH 82 282 282 HOH HOH A . 
C 3 HOH 83 283 283 HOH HOH A . 
C 3 HOH 84 284 284 HOH HOH A . 
C 3 HOH 85 285 285 HOH HOH A . 
C 3 HOH 86 286 286 HOH HOH A . 
C 3 HOH 87 287 287 HOH HOH A . 
C 3 HOH 88 288 288 HOH HOH A . 
C 3 HOH 89 289 289 HOH HOH A . 
C 3 HOH 90 290 290 HOH HOH A . 
C 3 HOH 91 291 291 HOH HOH A . 
C 3 HOH 92 292 292 HOH HOH A . 
C 3 HOH 93 293 293 HOH HOH A . 
C 3 HOH 94 294 294 HOH HOH A . 
C 3 HOH 95 295 295 HOH HOH A . 
C 3 HOH 96 296 296 HOH HOH A . 
C 3 HOH 97 297 297 HOH HOH A . 
# 
_pdbx_struct_assembly.id                   1 
_pdbx_struct_assembly.details              author_defined_assembly 
_pdbx_struct_assembly.method_details       ? 
_pdbx_struct_assembly.oligomeric_details   monomeric 
_pdbx_struct_assembly.oligomeric_count     1 
# 
_pdbx_struct_assembly_gen.assembly_id       1 
_pdbx_struct_assembly_gen.oper_expression   1 
_pdbx_struct_assembly_gen.asym_id_list      A,B,C 
# 
_pdbx_struct_oper_list.id                   1 
_pdbx_struct_oper_list.type                 'identity operation' 
_pdbx_struct_oper_list.name                 1_555 
_pdbx_struct_oper_list.symmetry_operation   x,y,z 
_pdbx_struct_oper_list.matrix[1][1]         1.0000000000 
_pdbx_struct_oper_list.matrix[1][2]         0.0000000000 
_pdbx_struct_oper_list.matrix[1][3]         0.0000000000 
_pdbx_struct_oper_list.vector[1]            0.0000000000 
_pdbx_struct_oper_list.matrix[2][1]         0.0000000000 
_pdbx_struct_oper_list.matrix[2][2]         1.0000000000 
_pdbx_struct_oper_list.matrix[2][3]         0.0000000000 
_pdbx_struct_oper_list.vector[2]            0.0000000000 
_pdbx_struct_oper_list.matrix[3][1]         0.0000000000 
_pdbx_struct_oper_list.matrix[3][2]         0.0000000000 
_pdbx_struct_oper_list.matrix[3][3]         1.0000000000 
_pdbx_struct_oper_list.vector[3]            0.0000000000 
# 
_pdbx_struct_conn_angle.id                    1 
_pdbx_struct_conn_angle.ptnr1_label_atom_id   ND1 
_pdbx_struct_conn_angle.ptnr1_label_alt_id    ? 
_pdbx_struct_conn_angle.ptnr1_label_asym_id   A 
_pdbx_struct_conn_angle.ptnr1_label_comp_id   HIS 
_pdbx_struct_conn_angle.ptnr1_label_seq_id    53 
_pdbx_struct_conn_angle.ptnr1_auth_atom_id    ? 
_pdbx_struct_conn_angle.ptnr1_auth_asym_id    A 
_pdbx_struct_conn_angle.ptnr1_auth_comp_id    HIS 
_pdbx_struct_conn_angle.ptnr1_auth_seq_id     53 
_pdbx_struct_conn_angle.ptnr1_PDB_ins_code    ? 
_pdbx_struct_conn_angle.ptnr1_symmetry        1_555 
_pdbx_struct_conn_angle.ptnr2_label_atom_id   CU 
_pdbx_struct_conn_angle.ptnr2_label_alt_id    ? 
_pdbx_struct_conn_angle.ptnr2_label_asym_id   B 
_pdbx_struct_conn_angle.ptnr2_label_comp_id   CU1 
_pdbx_struct_conn_angle.ptnr2_label_seq_id    . 
_pdbx_struct_conn_angle.ptnr2_auth_atom_id    ? 
_pdbx_struct_conn_angle.ptnr2_auth_asym_id    A 
_pdbx_struct_conn_angle.ptnr2_auth_comp_id    CU1 
_pdbx_struct_conn_angle.ptnr2_auth_seq_id     107 
_pdbx_struct_conn_angle.ptnr2_PDB_ins_code    ? 
_pdbx_struct_conn_angle.ptnr2_symmetry        1_555 
_pdbx_struct_conn_angle.ptnr3_label_atom_id   SG 
_pdbx_struct_conn_angle.ptnr3_label_alt_id    ? 
_pdbx_struct_conn_angle.ptnr3_label_asym_id   A 
_pdbx_struct_conn_angle.ptnr3_label_comp_id   CYS 
_pdbx_struct_conn_angle.ptnr3_label_seq_id    92 
_pdbx_struct_conn_angle.ptnr3_auth_atom_id    ? 
_pdbx_struct_conn_angle.ptnr3_auth_asym_id    A 
_pdbx_struct_conn_angle.ptnr3_auth_comp_id    CYS 
_pdbx_struct_conn_angle.ptnr3_auth_seq_id     92 
_pdbx_struct_conn_angle.ptnr3_PDB_ins_code    ? 
_pdbx_struct_conn_angle.ptnr3_symmetry        1_555 
_pdbx_struct_conn_angle.value                 154.9 
_pdbx_struct_conn_angle.value_esd             ? 
# 
loop_
_pdbx_audit_revision_history.ordinal 
_pdbx_audit_revision_history.data_content_type 
_pdbx_audit_revision_history.major_revision 
_pdbx_audit_revision_history.minor_revision 
_pdbx_audit_revision_history.revision_date 
1 'Structure model' 1 0 1998-10-07 
2 'Structure model' 1 1 2007-10-16 
3 'Structure model' 1 2 2011-07-13 
4 'Structure model' 1 3 2017-10-04 
5 'Structure model' 1 4 2023-08-30 
# 
_pdbx_audit_revision_details.ordinal             1 
_pdbx_audit_revision_details.revision_ordinal    1 
_pdbx_audit_revision_details.data_content_type   'Structure model' 
_pdbx_audit_revision_details.provider            repository 
_pdbx_audit_revision_details.type                'Initial release' 
_pdbx_audit_revision_details.description         ? 
_pdbx_audit_revision_details.details             ? 
# 
loop_
_pdbx_audit_revision_group.ordinal 
_pdbx_audit_revision_group.revision_ordinal 
_pdbx_audit_revision_group.data_content_type 
_pdbx_audit_revision_group.group 
1 2 'Structure model' 'Version format compliance' 
2 3 'Structure model' 'Version format compliance' 
3 4 'Structure model' 'Refinement description'    
4 5 'Structure model' 'Data collection'           
5 5 'Structure model' 'Database references'       
6 5 'Structure model' 'Derived calculations'      
7 5 'Structure model' 'Refinement description'    
# 
loop_
_pdbx_audit_revision_category.ordinal 
_pdbx_audit_revision_category.revision_ordinal 
_pdbx_audit_revision_category.data_content_type 
_pdbx_audit_revision_category.category 
1 4 'Structure model' software                      
2 5 'Structure model' chem_comp_atom                
3 5 'Structure model' chem_comp_bond                
4 5 'Structure model' database_2                    
5 5 'Structure model' pdbx_initial_refinement_model 
6 5 'Structure model' struct_conn                   
7 5 'Structure model' struct_site                   
# 
loop_
_pdbx_audit_revision_item.ordinal 
_pdbx_audit_revision_item.revision_ordinal 
_pdbx_audit_revision_item.data_content_type 
_pdbx_audit_revision_item.item 
1  4 'Structure model' '_software.name'                      
2  5 'Structure model' '_database_2.pdbx_DOI'                
3  5 'Structure model' '_database_2.pdbx_database_accession' 
4  5 'Structure model' '_struct_conn.ptnr1_auth_comp_id'     
5  5 'Structure model' '_struct_conn.ptnr1_auth_seq_id'      
6  5 'Structure model' '_struct_conn.ptnr1_label_asym_id'    
7  5 'Structure model' '_struct_conn.ptnr1_label_atom_id'    
8  5 'Structure model' '_struct_conn.ptnr1_label_comp_id'    
9  5 'Structure model' '_struct_conn.ptnr1_label_seq_id'     
10 5 'Structure model' '_struct_conn.ptnr2_auth_comp_id'     
11 5 'Structure model' '_struct_conn.ptnr2_auth_seq_id'      
12 5 'Structure model' '_struct_conn.ptnr2_label_asym_id'    
13 5 'Structure model' '_struct_conn.ptnr2_label_atom_id'    
14 5 'Structure model' '_struct_conn.ptnr2_label_comp_id'    
15 5 'Structure model' '_struct_conn.ptnr2_label_seq_id'     
16 5 'Structure model' '_struct_site.pdbx_auth_asym_id'      
17 5 'Structure model' '_struct_site.pdbx_auth_comp_id'      
18 5 'Structure model' '_struct_site.pdbx_auth_seq_id'       
# 
loop_
_software.name 
_software.classification 
_software.version 
_software.citation_id 
_software.pdbx_ordinal 
X-PLOR      'model building' .     ? 1 
X-PLOR      refinement       3.843 ? 2 
UCSD-system 'data reduction' .     ? 3 
UCSD-system 'data scaling'   .     ? 4 
X-PLOR      phasing          .     ? 5 
# 
_pdbx_entry_details.entry_id                 2RAC 
_pdbx_entry_details.compound_details         ? 
_pdbx_entry_details.source_details           ? 
_pdbx_entry_details.nonpolymer_details       ? 
_pdbx_entry_details.sequence_details         'IN SEQUENCE DATABASE 1-26 IS LEADER SEQUENCE' 
_pdbx_entry_details.has_ligand_of_interest   ? 
# 
_pdbx_validate_torsion.id              1 
_pdbx_validate_torsion.PDB_model_num   1 
_pdbx_validate_torsion.auth_comp_id    VAL 
_pdbx_validate_torsion.auth_asym_id    A 
_pdbx_validate_torsion.auth_seq_id     61 
_pdbx_validate_torsion.PDB_ins_code    ? 
_pdbx_validate_torsion.label_alt_id    ? 
_pdbx_validate_torsion.phi             -96.90 
_pdbx_validate_torsion.psi             -60.98 
# 
loop_
_chem_comp_atom.comp_id 
_chem_comp_atom.atom_id 
_chem_comp_atom.type_symbol 
_chem_comp_atom.pdbx_aromatic_flag 
_chem_comp_atom.pdbx_stereo_config 
_chem_comp_atom.pdbx_ordinal 
ALA N    N  N N 1   
ALA CA   C  N S 2   
ALA C    C  N N 3   
ALA O    O  N N 4   
ALA CB   C  N N 5   
ALA OXT  O  N N 6   
ALA H    H  N N 7   
ALA H2   H  N N 8   
ALA HA   H  N N 9   
ALA HB1  H  N N 10  
ALA HB2  H  N N 11  
ALA HB3  H  N N 12  
ALA HXT  H  N N 13  
ARG N    N  N N 14  
ARG CA   C  N S 15  
ARG C    C  N N 16  
ARG O    O  N N 17  
ARG CB   C  N N 18  
ARG CG   C  N N 19  
ARG CD   C  N N 20  
ARG NE   N  N N 21  
ARG CZ   C  N N 22  
ARG NH1  N  N N 23  
ARG NH2  N  N N 24  
ARG OXT  O  N N 25  
ARG H    H  N N 26  
ARG H2   H  N N 27  
ARG HA   H  N N 28  
ARG HB2  H  N N 29  
ARG HB3  H  N N 30  
ARG HG2  H  N N 31  
ARG HG3  H  N N 32  
ARG HD2  H  N N 33  
ARG HD3  H  N N 34  
ARG HE   H  N N 35  
ARG HH11 H  N N 36  
ARG HH12 H  N N 37  
ARG HH21 H  N N 38  
ARG HH22 H  N N 39  
ARG HXT  H  N N 40  
ASN N    N  N N 41  
ASN CA   C  N S 42  
ASN C    C  N N 43  
ASN O    O  N N 44  
ASN CB   C  N N 45  
ASN CG   C  N N 46  
ASN OD1  O  N N 47  
ASN ND2  N  N N 48  
ASN OXT  O  N N 49  
ASN H    H  N N 50  
ASN H2   H  N N 51  
ASN HA   H  N N 52  
ASN HB2  H  N N 53  
ASN HB3  H  N N 54  
ASN HD21 H  N N 55  
ASN HD22 H  N N 56  
ASN HXT  H  N N 57  
ASP N    N  N N 58  
ASP CA   C  N S 59  
ASP C    C  N N 60  
ASP O    O  N N 61  
ASP CB   C  N N 62  
ASP CG   C  N N 63  
ASP OD1  O  N N 64  
ASP OD2  O  N N 65  
ASP OXT  O  N N 66  
ASP H    H  N N 67  
ASP H2   H  N N 68  
ASP HA   H  N N 69  
ASP HB2  H  N N 70  
ASP HB3  H  N N 71  
ASP HD2  H  N N 72  
ASP HXT  H  N N 73  
CU1 CU   CU N N 74  
CYS N    N  N N 75  
CYS CA   C  N R 76  
CYS C    C  N N 77  
CYS O    O  N N 78  
CYS CB   C  N N 79  
CYS SG   S  N N 80  
CYS OXT  O  N N 81  
CYS H    H  N N 82  
CYS H2   H  N N 83  
CYS HA   H  N N 84  
CYS HB2  H  N N 85  
CYS HB3  H  N N 86  
CYS HG   H  N N 87  
CYS HXT  H  N N 88  
GLN N    N  N N 89  
GLN CA   C  N S 90  
GLN C    C  N N 91  
GLN O    O  N N 92  
GLN CB   C  N N 93  
GLN CG   C  N N 94  
GLN CD   C  N N 95  
GLN OE1  O  N N 96  
GLN NE2  N  N N 97  
GLN OXT  O  N N 98  
GLN H    H  N N 99  
GLN H2   H  N N 100 
GLN HA   H  N N 101 
GLN HB2  H  N N 102 
GLN HB3  H  N N 103 
GLN HG2  H  N N 104 
GLN HG3  H  N N 105 
GLN HE21 H  N N 106 
GLN HE22 H  N N 107 
GLN HXT  H  N N 108 
GLU N    N  N N 109 
GLU CA   C  N S 110 
GLU C    C  N N 111 
GLU O    O  N N 112 
GLU CB   C  N N 113 
GLU CG   C  N N 114 
GLU CD   C  N N 115 
GLU OE1  O  N N 116 
GLU OE2  O  N N 117 
GLU OXT  O  N N 118 
GLU H    H  N N 119 
GLU H2   H  N N 120 
GLU HA   H  N N 121 
GLU HB2  H  N N 122 
GLU HB3  H  N N 123 
GLU HG2  H  N N 124 
GLU HG3  H  N N 125 
GLU HE2  H  N N 126 
GLU HXT  H  N N 127 
GLY N    N  N N 128 
GLY CA   C  N N 129 
GLY C    C  N N 130 
GLY O    O  N N 131 
GLY OXT  O  N N 132 
GLY H    H  N N 133 
GLY H2   H  N N 134 
GLY HA2  H  N N 135 
GLY HA3  H  N N 136 
GLY HXT  H  N N 137 
HIS N    N  N N 138 
HIS CA   C  N S 139 
HIS C    C  N N 140 
HIS O    O  N N 141 
HIS CB   C  N N 142 
HIS CG   C  Y N 143 
HIS ND1  N  Y N 144 
HIS CD2  C  Y N 145 
HIS CE1  C  Y N 146 
HIS NE2  N  Y N 147 
HIS OXT  O  N N 148 
HIS H    H  N N 149 
HIS H2   H  N N 150 
HIS HA   H  N N 151 
HIS HB2  H  N N 152 
HIS HB3  H  N N 153 
HIS HD1  H  N N 154 
HIS HD2  H  N N 155 
HIS HE1  H  N N 156 
HIS HE2  H  N N 157 
HIS HXT  H  N N 158 
HOH O    O  N N 159 
HOH H1   H  N N 160 
HOH H2   H  N N 161 
ILE N    N  N N 162 
ILE CA   C  N S 163 
ILE C    C  N N 164 
ILE O    O  N N 165 
ILE CB   C  N S 166 
ILE CG1  C  N N 167 
ILE CG2  C  N N 168 
ILE CD1  C  N N 169 
ILE OXT  O  N N 170 
ILE H    H  N N 171 
ILE H2   H  N N 172 
ILE HA   H  N N 173 
ILE HB   H  N N 174 
ILE HG12 H  N N 175 
ILE HG13 H  N N 176 
ILE HG21 H  N N 177 
ILE HG22 H  N N 178 
ILE HG23 H  N N 179 
ILE HD11 H  N N 180 
ILE HD12 H  N N 181 
ILE HD13 H  N N 182 
ILE HXT  H  N N 183 
LEU N    N  N N 184 
LEU CA   C  N S 185 
LEU C    C  N N 186 
LEU O    O  N N 187 
LEU CB   C  N N 188 
LEU CG   C  N N 189 
LEU CD1  C  N N 190 
LEU CD2  C  N N 191 
LEU OXT  O  N N 192 
LEU H    H  N N 193 
LEU H2   H  N N 194 
LEU HA   H  N N 195 
LEU HB2  H  N N 196 
LEU HB3  H  N N 197 
LEU HG   H  N N 198 
LEU HD11 H  N N 199 
LEU HD12 H  N N 200 
LEU HD13 H  N N 201 
LEU HD21 H  N N 202 
LEU HD22 H  N N 203 
LEU HD23 H  N N 204 
LEU HXT  H  N N 205 
LYS N    N  N N 206 
LYS CA   C  N S 207 
LYS C    C  N N 208 
LYS O    O  N N 209 
LYS CB   C  N N 210 
LYS CG   C  N N 211 
LYS CD   C  N N 212 
LYS CE   C  N N 213 
LYS NZ   N  N N 214 
LYS OXT  O  N N 215 
LYS H    H  N N 216 
LYS H2   H  N N 217 
LYS HA   H  N N 218 
LYS HB2  H  N N 219 
LYS HB3  H  N N 220 
LYS HG2  H  N N 221 
LYS HG3  H  N N 222 
LYS HD2  H  N N 223 
LYS HD3  H  N N 224 
LYS HE2  H  N N 225 
LYS HE3  H  N N 226 
LYS HZ1  H  N N 227 
LYS HZ2  H  N N 228 
LYS HZ3  H  N N 229 
LYS HXT  H  N N 230 
MET N    N  N N 231 
MET CA   C  N S 232 
MET C    C  N N 233 
MET O    O  N N 234 
MET CB   C  N N 235 
MET CG   C  N N 236 
MET SD   S  N N 237 
MET CE   C  N N 238 
MET OXT  O  N N 239 
MET H    H  N N 240 
MET H2   H  N N 241 
MET HA   H  N N 242 
MET HB2  H  N N 243 
MET HB3  H  N N 244 
MET HG2  H  N N 245 
MET HG3  H  N N 246 
MET HE1  H  N N 247 
MET HE2  H  N N 248 
MET HE3  H  N N 249 
MET HXT  H  N N 250 
PHE N    N  N N 251 
PHE CA   C  N S 252 
PHE C    C  N N 253 
PHE O    O  N N 254 
PHE CB   C  N N 255 
PHE CG   C  Y N 256 
PHE CD1  C  Y N 257 
PHE CD2  C  Y N 258 
PHE CE1  C  Y N 259 
PHE CE2  C  Y N 260 
PHE CZ   C  Y N 261 
PHE OXT  O  N N 262 
PHE H    H  N N 263 
PHE H2   H  N N 264 
PHE HA   H  N N 265 
PHE HB2  H  N N 266 
PHE HB3  H  N N 267 
PHE HD1  H  N N 268 
PHE HD2  H  N N 269 
PHE HE1  H  N N 270 
PHE HE2  H  N N 271 
PHE HZ   H  N N 272 
PHE HXT  H  N N 273 
PRO N    N  N N 274 
PRO CA   C  N S 275 
PRO C    C  N N 276 
PRO O    O  N N 277 
PRO CB   C  N N 278 
PRO CG   C  N N 279 
PRO CD   C  N N 280 
PRO OXT  O  N N 281 
PRO H    H  N N 282 
PRO HA   H  N N 283 
PRO HB2  H  N N 284 
PRO HB3  H  N N 285 
PRO HG2  H  N N 286 
PRO HG3  H  N N 287 
PRO HD2  H  N N 288 
PRO HD3  H  N N 289 
PRO HXT  H  N N 290 
SER N    N  N N 291 
SER CA   C  N S 292 
SER C    C  N N 293 
SER O    O  N N 294 
SER CB   C  N N 295 
SER OG   O  N N 296 
SER OXT  O  N N 297 
SER H    H  N N 298 
SER H2   H  N N 299 
SER HA   H  N N 300 
SER HB2  H  N N 301 
SER HB3  H  N N 302 
SER HG   H  N N 303 
SER HXT  H  N N 304 
THR N    N  N N 305 
THR CA   C  N S 306 
THR C    C  N N 307 
THR O    O  N N 308 
THR CB   C  N R 309 
THR OG1  O  N N 310 
THR CG2  C  N N 311 
THR OXT  O  N N 312 
THR H    H  N N 313 
THR H2   H  N N 314 
THR HA   H  N N 315 
THR HB   H  N N 316 
THR HG1  H  N N 317 
THR HG21 H  N N 318 
THR HG22 H  N N 319 
THR HG23 H  N N 320 
THR HXT  H  N N 321 
TRP N    N  N N 322 
TRP CA   C  N S 323 
TRP C    C  N N 324 
TRP O    O  N N 325 
TRP CB   C  N N 326 
TRP CG   C  Y N 327 
TRP CD1  C  Y N 328 
TRP CD2  C  Y N 329 
TRP NE1  N  Y N 330 
TRP CE2  C  Y N 331 
TRP CE3  C  Y N 332 
TRP CZ2  C  Y N 333 
TRP CZ3  C  Y N 334 
TRP CH2  C  Y N 335 
TRP OXT  O  N N 336 
TRP H    H  N N 337 
TRP H2   H  N N 338 
TRP HA   H  N N 339 
TRP HB2  H  N N 340 
TRP HB3  H  N N 341 
TRP HD1  H  N N 342 
TRP HE1  H  N N 343 
TRP HE3  H  N N 344 
TRP HZ2  H  N N 345 
TRP HZ3  H  N N 346 
TRP HH2  H  N N 347 
TRP HXT  H  N N 348 
TYR N    N  N N 349 
TYR CA   C  N S 350 
TYR C    C  N N 351 
TYR O    O  N N 352 
TYR CB   C  N N 353 
TYR CG   C  Y N 354 
TYR CD1  C  Y N 355 
TYR CD2  C  Y N 356 
TYR CE1  C  Y N 357 
TYR CE2  C  Y N 358 
TYR CZ   C  Y N 359 
TYR OH   O  N N 360 
TYR OXT  O  N N 361 
TYR H    H  N N 362 
TYR H2   H  N N 363 
TYR HA   H  N N 364 
TYR HB2  H  N N 365 
TYR HB3  H  N N 366 
TYR HD1  H  N N 367 
TYR HD2  H  N N 368 
TYR HE1  H  N N 369 
TYR HE2  H  N N 370 
TYR HH   H  N N 371 
TYR HXT  H  N N 372 
VAL N    N  N N 373 
VAL CA   C  N S 374 
VAL C    C  N N 375 
VAL O    O  N N 376 
VAL CB   C  N N 377 
VAL CG1  C  N N 378 
VAL CG2  C  N N 379 
VAL OXT  O  N N 380 
VAL H    H  N N 381 
VAL H2   H  N N 382 
VAL HA   H  N N 383 
VAL HB   H  N N 384 
VAL HG11 H  N N 385 
VAL HG12 H  N N 386 
VAL HG13 H  N N 387 
VAL HG21 H  N N 388 
VAL HG22 H  N N 389 
VAL HG23 H  N N 390 
VAL HXT  H  N N 391 
# 
loop_
_chem_comp_bond.comp_id 
_chem_comp_bond.atom_id_1 
_chem_comp_bond.atom_id_2 
_chem_comp_bond.value_order 
_chem_comp_bond.pdbx_aromatic_flag 
_chem_comp_bond.pdbx_stereo_config 
_chem_comp_bond.pdbx_ordinal 
ALA N   CA   sing N N 1   
ALA N   H    sing N N 2   
ALA N   H2   sing N N 3   
ALA CA  C    sing N N 4   
ALA CA  CB   sing N N 5   
ALA CA  HA   sing N N 6   
ALA C   O    doub N N 7   
ALA C   OXT  sing N N 8   
ALA CB  HB1  sing N N 9   
ALA CB  HB2  sing N N 10  
ALA CB  HB3  sing N N 11  
ALA OXT HXT  sing N N 12  
ARG N   CA   sing N N 13  
ARG N   H    sing N N 14  
ARG N   H2   sing N N 15  
ARG CA  C    sing N N 16  
ARG CA  CB   sing N N 17  
ARG CA  HA   sing N N 18  
ARG C   O    doub N N 19  
ARG C   OXT  sing N N 20  
ARG CB  CG   sing N N 21  
ARG CB  HB2  sing N N 22  
ARG CB  HB3  sing N N 23  
ARG CG  CD   sing N N 24  
ARG CG  HG2  sing N N 25  
ARG CG  HG3  sing N N 26  
ARG CD  NE   sing N N 27  
ARG CD  HD2  sing N N 28  
ARG CD  HD3  sing N N 29  
ARG NE  CZ   sing N N 30  
ARG NE  HE   sing N N 31  
ARG CZ  NH1  sing N N 32  
ARG CZ  NH2  doub N N 33  
ARG NH1 HH11 sing N N 34  
ARG NH1 HH12 sing N N 35  
ARG NH2 HH21 sing N N 36  
ARG NH2 HH22 sing N N 37  
ARG OXT HXT  sing N N 38  
ASN N   CA   sing N N 39  
ASN N   H    sing N N 40  
ASN N   H2   sing N N 41  
ASN CA  C    sing N N 42  
ASN CA  CB   sing N N 43  
ASN CA  HA   sing N N 44  
ASN C   O    doub N N 45  
ASN C   OXT  sing N N 46  
ASN CB  CG   sing N N 47  
ASN CB  HB2  sing N N 48  
ASN CB  HB3  sing N N 49  
ASN CG  OD1  doub N N 50  
ASN CG  ND2  sing N N 51  
ASN ND2 HD21 sing N N 52  
ASN ND2 HD22 sing N N 53  
ASN OXT HXT  sing N N 54  
ASP N   CA   sing N N 55  
ASP N   H    sing N N 56  
ASP N   H2   sing N N 57  
ASP CA  C    sing N N 58  
ASP CA  CB   sing N N 59  
ASP CA  HA   sing N N 60  
ASP C   O    doub N N 61  
ASP C   OXT  sing N N 62  
ASP CB  CG   sing N N 63  
ASP CB  HB2  sing N N 64  
ASP CB  HB3  sing N N 65  
ASP CG  OD1  doub N N 66  
ASP CG  OD2  sing N N 67  
ASP OD2 HD2  sing N N 68  
ASP OXT HXT  sing N N 69  
CYS N   CA   sing N N 70  
CYS N   H    sing N N 71  
CYS N   H2   sing N N 72  
CYS CA  C    sing N N 73  
CYS CA  CB   sing N N 74  
CYS CA  HA   sing N N 75  
CYS C   O    doub N N 76  
CYS C   OXT  sing N N 77  
CYS CB  SG   sing N N 78  
CYS CB  HB2  sing N N 79  
CYS CB  HB3  sing N N 80  
CYS SG  HG   sing N N 81  
CYS OXT HXT  sing N N 82  
GLN N   CA   sing N N 83  
GLN N   H    sing N N 84  
GLN N   H2   sing N N 85  
GLN CA  C    sing N N 86  
GLN CA  CB   sing N N 87  
GLN CA  HA   sing N N 88  
GLN C   O    doub N N 89  
GLN C   OXT  sing N N 90  
GLN CB  CG   sing N N 91  
GLN CB  HB2  sing N N 92  
GLN CB  HB3  sing N N 93  
GLN CG  CD   sing N N 94  
GLN CG  HG2  sing N N 95  
GLN CG  HG3  sing N N 96  
GLN CD  OE1  doub N N 97  
GLN CD  NE2  sing N N 98  
GLN NE2 HE21 sing N N 99  
GLN NE2 HE22 sing N N 100 
GLN OXT HXT  sing N N 101 
GLU N   CA   sing N N 102 
GLU N   H    sing N N 103 
GLU N   H2   sing N N 104 
GLU CA  C    sing N N 105 
GLU CA  CB   sing N N 106 
GLU CA  HA   sing N N 107 
GLU C   O    doub N N 108 
GLU C   OXT  sing N N 109 
GLU CB  CG   sing N N 110 
GLU CB  HB2  sing N N 111 
GLU CB  HB3  sing N N 112 
GLU CG  CD   sing N N 113 
GLU CG  HG2  sing N N 114 
GLU CG  HG3  sing N N 115 
GLU CD  OE1  doub N N 116 
GLU CD  OE2  sing N N 117 
GLU OE2 HE2  sing N N 118 
GLU OXT HXT  sing N N 119 
GLY N   CA   sing N N 120 
GLY N   H    sing N N 121 
GLY N   H2   sing N N 122 
GLY CA  C    sing N N 123 
GLY CA  HA2  sing N N 124 
GLY CA  HA3  sing N N 125 
GLY C   O    doub N N 126 
GLY C   OXT  sing N N 127 
GLY OXT HXT  sing N N 128 
HIS N   CA   sing N N 129 
HIS N   H    sing N N 130 
HIS N   H2   sing N N 131 
HIS CA  C    sing N N 132 
HIS CA  CB   sing N N 133 
HIS CA  HA   sing N N 134 
HIS C   O    doub N N 135 
HIS C   OXT  sing N N 136 
HIS CB  CG   sing N N 137 
HIS CB  HB2  sing N N 138 
HIS CB  HB3  sing N N 139 
HIS CG  ND1  sing Y N 140 
HIS CG  CD2  doub Y N 141 
HIS ND1 CE1  doub Y N 142 
HIS ND1 HD1  sing N N 143 
HIS CD2 NE2  sing Y N 144 
HIS CD2 HD2  sing N N 145 
HIS CE1 NE2  sing Y N 146 
HIS CE1 HE1  sing N N 147 
HIS NE2 HE2  sing N N 148 
HIS OXT HXT  sing N N 149 
HOH O   H1   sing N N 150 
HOH O   H2   sing N N 151 
ILE N   CA   sing N N 152 
ILE N   H    sing N N 153 
ILE N   H2   sing N N 154 
ILE CA  C    sing N N 155 
ILE CA  CB   sing N N 156 
ILE CA  HA   sing N N 157 
ILE C   O    doub N N 158 
ILE C   OXT  sing N N 159 
ILE CB  CG1  sing N N 160 
ILE CB  CG2  sing N N 161 
ILE CB  HB   sing N N 162 
ILE CG1 CD1  sing N N 163 
ILE CG1 HG12 sing N N 164 
ILE CG1 HG13 sing N N 165 
ILE CG2 HG21 sing N N 166 
ILE CG2 HG22 sing N N 167 
ILE CG2 HG23 sing N N 168 
ILE CD1 HD11 sing N N 169 
ILE CD1 HD12 sing N N 170 
ILE CD1 HD13 sing N N 171 
ILE OXT HXT  sing N N 172 
LEU N   CA   sing N N 173 
LEU N   H    sing N N 174 
LEU N   H2   sing N N 175 
LEU CA  C    sing N N 176 
LEU CA  CB   sing N N 177 
LEU CA  HA   sing N N 178 
LEU C   O    doub N N 179 
LEU C   OXT  sing N N 180 
LEU CB  CG   sing N N 181 
LEU CB  HB2  sing N N 182 
LEU CB  HB3  sing N N 183 
LEU CG  CD1  sing N N 184 
LEU CG  CD2  sing N N 185 
LEU CG  HG   sing N N 186 
LEU CD1 HD11 sing N N 187 
LEU CD1 HD12 sing N N 188 
LEU CD1 HD13 sing N N 189 
LEU CD2 HD21 sing N N 190 
LEU CD2 HD22 sing N N 191 
LEU CD2 HD23 sing N N 192 
LEU OXT HXT  sing N N 193 
LYS N   CA   sing N N 194 
LYS N   H    sing N N 195 
LYS N   H2   sing N N 196 
LYS CA  C    sing N N 197 
LYS CA  CB   sing N N 198 
LYS CA  HA   sing N N 199 
LYS C   O    doub N N 200 
LYS C   OXT  sing N N 201 
LYS CB  CG   sing N N 202 
LYS CB  HB2  sing N N 203 
LYS CB  HB3  sing N N 204 
LYS CG  CD   sing N N 205 
LYS CG  HG2  sing N N 206 
LYS CG  HG3  sing N N 207 
LYS CD  CE   sing N N 208 
LYS CD  HD2  sing N N 209 
LYS CD  HD3  sing N N 210 
LYS CE  NZ   sing N N 211 
LYS CE  HE2  sing N N 212 
LYS CE  HE3  sing N N 213 
LYS NZ  HZ1  sing N N 214 
LYS NZ  HZ2  sing N N 215 
LYS NZ  HZ3  sing N N 216 
LYS OXT HXT  sing N N 217 
MET N   CA   sing N N 218 
MET N   H    sing N N 219 
MET N   H2   sing N N 220 
MET CA  C    sing N N 221 
MET CA  CB   sing N N 222 
MET CA  HA   sing N N 223 
MET C   O    doub N N 224 
MET C   OXT  sing N N 225 
MET CB  CG   sing N N 226 
MET CB  HB2  sing N N 227 
MET CB  HB3  sing N N 228 
MET CG  SD   sing N N 229 
MET CG  HG2  sing N N 230 
MET CG  HG3  sing N N 231 
MET SD  CE   sing N N 232 
MET CE  HE1  sing N N 233 
MET CE  HE2  sing N N 234 
MET CE  HE3  sing N N 235 
MET OXT HXT  sing N N 236 
PHE N   CA   sing N N 237 
PHE N   H    sing N N 238 
PHE N   H2   sing N N 239 
PHE CA  C    sing N N 240 
PHE CA  CB   sing N N 241 
PHE CA  HA   sing N N 242 
PHE C   O    doub N N 243 
PHE C   OXT  sing N N 244 
PHE CB  CG   sing N N 245 
PHE CB  HB2  sing N N 246 
PHE CB  HB3  sing N N 247 
PHE CG  CD1  doub Y N 248 
PHE CG  CD2  sing Y N 249 
PHE CD1 CE1  sing Y N 250 
PHE CD1 HD1  sing N N 251 
PHE CD2 CE2  doub Y N 252 
PHE CD2 HD2  sing N N 253 
PHE CE1 CZ   doub Y N 254 
PHE CE1 HE1  sing N N 255 
PHE CE2 CZ   sing Y N 256 
PHE CE2 HE2  sing N N 257 
PHE CZ  HZ   sing N N 258 
PHE OXT HXT  sing N N 259 
PRO N   CA   sing N N 260 
PRO N   CD   sing N N 261 
PRO N   H    sing N N 262 
PRO CA  C    sing N N 263 
PRO CA  CB   sing N N 264 
PRO CA  HA   sing N N 265 
PRO C   O    doub N N 266 
PRO C   OXT  sing N N 267 
PRO CB  CG   sing N N 268 
PRO CB  HB2  sing N N 269 
PRO CB  HB3  sing N N 270 
PRO CG  CD   sing N N 271 
PRO CG  HG2  sing N N 272 
PRO CG  HG3  sing N N 273 
PRO CD  HD2  sing N N 274 
PRO CD  HD3  sing N N 275 
PRO OXT HXT  sing N N 276 
SER N   CA   sing N N 277 
SER N   H    sing N N 278 
SER N   H2   sing N N 279 
SER CA  C    sing N N 280 
SER CA  CB   sing N N 281 
SER CA  HA   sing N N 282 
SER C   O    doub N N 283 
SER C   OXT  sing N N 284 
SER CB  OG   sing N N 285 
SER CB  HB2  sing N N 286 
SER CB  HB3  sing N N 287 
SER OG  HG   sing N N 288 
SER OXT HXT  sing N N 289 
THR N   CA   sing N N 290 
THR N   H    sing N N 291 
THR N   H2   sing N N 292 
THR CA  C    sing N N 293 
THR CA  CB   sing N N 294 
THR CA  HA   sing N N 295 
THR C   O    doub N N 296 
THR C   OXT  sing N N 297 
THR CB  OG1  sing N N 298 
THR CB  CG2  sing N N 299 
THR CB  HB   sing N N 300 
THR OG1 HG1  sing N N 301 
THR CG2 HG21 sing N N 302 
THR CG2 HG22 sing N N 303 
THR CG2 HG23 sing N N 304 
THR OXT HXT  sing N N 305 
TRP N   CA   sing N N 306 
TRP N   H    sing N N 307 
TRP N   H2   sing N N 308 
TRP CA  C    sing N N 309 
TRP CA  CB   sing N N 310 
TRP CA  HA   sing N N 311 
TRP C   O    doub N N 312 
TRP C   OXT  sing N N 313 
TRP CB  CG   sing N N 314 
TRP CB  HB2  sing N N 315 
TRP CB  HB3  sing N N 316 
TRP CG  CD1  doub Y N 317 
TRP CG  CD2  sing Y N 318 
TRP CD1 NE1  sing Y N 319 
TRP CD1 HD1  sing N N 320 
TRP CD2 CE2  doub Y N 321 
TRP CD2 CE3  sing Y N 322 
TRP NE1 CE2  sing Y N 323 
TRP NE1 HE1  sing N N 324 
TRP CE2 CZ2  sing Y N 325 
TRP CE3 CZ3  doub Y N 326 
TRP CE3 HE3  sing N N 327 
TRP CZ2 CH2  doub Y N 328 
TRP CZ2 HZ2  sing N N 329 
TRP CZ3 CH2  sing Y N 330 
TRP CZ3 HZ3  sing N N 331 
TRP CH2 HH2  sing N N 332 
TRP OXT HXT  sing N N 333 
TYR N   CA   sing N N 334 
TYR N   H    sing N N 335 
TYR N   H2   sing N N 336 
TYR CA  C    sing N N 337 
TYR CA  CB   sing N N 338 
TYR CA  HA   sing N N 339 
TYR C   O    doub N N 340 
TYR C   OXT  sing N N 341 
TYR CB  CG   sing N N 342 
TYR CB  HB2  sing N N 343 
TYR CB  HB3  sing N N 344 
TYR CG  CD1  doub Y N 345 
TYR CG  CD2  sing Y N 346 
TYR CD1 CE1  sing Y N 347 
TYR CD1 HD1  sing N N 348 
TYR CD2 CE2  doub Y N 349 
TYR CD2 HD2  sing N N 350 
TYR CE1 CZ   doub Y N 351 
TYR CE1 HE1  sing N N 352 
TYR CE2 CZ   sing Y N 353 
TYR CE2 HE2  sing N N 354 
TYR CZ  OH   sing N N 355 
TYR OH  HH   sing N N 356 
TYR OXT HXT  sing N N 357 
VAL N   CA   sing N N 358 
VAL N   H    sing N N 359 
VAL N   H2   sing N N 360 
VAL CA  C    sing N N 361 
VAL CA  CB   sing N N 362 
VAL CA  HA   sing N N 363 
VAL C   O    doub N N 364 
VAL C   OXT  sing N N 365 
VAL CB  CG1  sing N N 366 
VAL CB  CG2  sing N N 367 
VAL CB  HB   sing N N 368 
VAL CG1 HG11 sing N N 369 
VAL CG1 HG12 sing N N 370 
VAL CG1 HG13 sing N N 371 
VAL CG2 HG21 sing N N 372 
VAL CG2 HG22 sing N N 373 
VAL CG2 HG23 sing N N 374 
VAL OXT HXT  sing N N 375 
# 
loop_
_pdbx_entity_nonpoly.entity_id 
_pdbx_entity_nonpoly.name 
_pdbx_entity_nonpoly.comp_id 
2 'COPPER (I) ION' CU1 
3 water            HOH 
# 
_pdbx_initial_refinement_model.id               1 
_pdbx_initial_refinement_model.entity_id_list   ? 
_pdbx_initial_refinement_model.type             'experimental model' 
_pdbx_initial_refinement_model.source_name      PDB 
_pdbx_initial_refinement_model.accession_code   1AAC 
_pdbx_initial_refinement_model.details          ? 
# 
